data_6V41
# 
_entry.id   6V41 
# 
_audit_conform.dict_name       mmcif_pdbx.dic 
_audit_conform.dict_version    5.406 
_audit_conform.dict_location   http://mmcif.pdb.org/dictionaries/ascii/mmcif_pdbx.dic 
# 
loop_
_database_2.database_id 
_database_2.database_code 
_database_2.pdbx_database_accession 
_database_2.pdbx_DOI 
PDB   6V41         pdb_00006v41 10.2210/pdb6v41/pdb 
WWPDB D_1000245714 ?            ?                   
# 
loop_
_pdbx_audit_revision_history.ordinal 
_pdbx_audit_revision_history.data_content_type 
_pdbx_audit_revision_history.major_revision 
_pdbx_audit_revision_history.minor_revision 
_pdbx_audit_revision_history.revision_date 
_pdbx_audit_revision_history.part_number 
1 'Structure model' 1 0 2019-12-25 ? 
2 'Structure model' 1 1 2020-04-15 ? 
3 'Structure model' 1 2 2020-06-17 ? 
4 'Structure model' 1 3 2020-07-29 ? 
5 'Structure model' 1 4 2023-10-11 ? 
6 'Structure model' 1 5 2025-10-22 ? 
# 
_pdbx_audit_revision_details.ordinal             1 
_pdbx_audit_revision_details.revision_ordinal    1 
_pdbx_audit_revision_details.data_content_type   'Structure model' 
_pdbx_audit_revision_details.provider            repository 
_pdbx_audit_revision_details.type                'Initial release' 
_pdbx_audit_revision_details.description         ? 
_pdbx_audit_revision_details.details             ? 
# 
loop_
_pdbx_audit_revision_group.ordinal 
_pdbx_audit_revision_group.revision_ordinal 
_pdbx_audit_revision_group.data_content_type 
_pdbx_audit_revision_group.group 
1  2 'Structure model' 'Database references'    
2  2 'Structure model' 'Structure summary'      
3  3 'Structure model' 'Database references'    
4  4 'Structure model' 'Database references'    
5  5 'Structure model' 'Data collection'        
6  5 'Structure model' 'Database references'    
7  5 'Structure model' 'Derived calculations'   
8  5 'Structure model' 'Refinement description' 
9  6 'Structure model' 'Derived calculations'   
10 6 'Structure model' 'Structure summary'      
# 
loop_
_pdbx_audit_revision_category.ordinal 
_pdbx_audit_revision_category.revision_ordinal 
_pdbx_audit_revision_category.data_content_type 
_pdbx_audit_revision_category.category 
1  2 'Structure model' citation                      
2  2 'Structure model' struct                        
3  3 'Structure model' citation                      
4  3 'Structure model' citation_author               
5  4 'Structure model' citation                      
6  5 'Structure model' atom_type                     
7  5 'Structure model' chem_comp_atom                
8  5 'Structure model' chem_comp_bond                
9  5 'Structure model' database_2                    
10 5 'Structure model' pdbx_initial_refinement_model 
11 6 'Structure model' audit_author                  
12 6 'Structure model' entity                        
13 6 'Structure model' pdbx_entity_nonpoly           
14 6 'Structure model' pdbx_entry_details            
15 6 'Structure model' pdbx_modification_feature     
# 
loop_
_pdbx_audit_revision_item.ordinal 
_pdbx_audit_revision_item.revision_ordinal 
_pdbx_audit_revision_item.data_content_type 
_pdbx_audit_revision_item.item 
1  2 'Structure model' '_citation.title'                              
2  2 'Structure model' '_struct.title'                                
3  3 'Structure model' '_citation.country'                            
4  3 'Structure model' '_citation.journal_abbrev'                     
5  3 'Structure model' '_citation.journal_id_CSD'                     
6  3 'Structure model' '_citation.journal_id_ISSN'                    
7  3 'Structure model' '_citation.pdbx_database_id_DOI'               
8  3 'Structure model' '_citation.pdbx_database_id_PubMed'            
9  3 'Structure model' '_citation.title'                              
10 3 'Structure model' '_citation.year'                               
11 4 'Structure model' '_citation.journal_volume'                     
12 4 'Structure model' '_citation.page_first'                         
13 5 'Structure model' '_atom_type.pdbx_N_electrons'                  
14 5 'Structure model' '_atom_type.pdbx_scat_Z'                       
15 5 'Structure model' '_database_2.pdbx_DOI'                         
16 5 'Structure model' '_database_2.pdbx_database_accession'          
17 6 'Structure model' '_entity.pdbx_description'                     
18 6 'Structure model' '_pdbx_entity_nonpoly.name'                    
19 6 'Structure model' '_pdbx_entry_details.has_protein_modification' 
# 
_pdbx_database_PDB_obs_spr.id               SPRSDE 
_pdbx_database_PDB_obs_spr.date             2019-12-25 
_pdbx_database_PDB_obs_spr.pdb_id           6V41 
_pdbx_database_PDB_obs_spr.replace_pdb_id   6UHG 
_pdbx_database_PDB_obs_spr.details          ? 
# 
_pdbx_database_status.status_code                     REL 
_pdbx_database_status.status_code_sf                  REL 
_pdbx_database_status.status_code_mr                  ? 
_pdbx_database_status.entry_id                        6V41 
_pdbx_database_status.recvd_initial_deposition_date   2019-11-27 
_pdbx_database_status.SG_entry                        Y 
_pdbx_database_status.deposit_site                    RCSB 
_pdbx_database_status.process_site                    RCSB 
_pdbx_database_status.status_code_cs                  ? 
_pdbx_database_status.methods_development_category    ? 
_pdbx_database_status.pdb_format_compatible           N 
_pdbx_database_status.status_code_nmr_data            ? 
# 
loop_
_audit_author.name 
_audit_author.pdbx_ordinal 
_audit_author.identifier_ORCID 
'Qin, S.'                              1 ? 
'Tempel, W.'                           2 ? 
'Walker, J.R.'                         3 ? 
'Arrowsmith, C.H.'                     4 ? 
'Bountra, C.'                          5 ? 
'Edwards, A.M.'                        6 ? 
'Min, J.'                              7 ? 
'Structural Genomics Consortium (SGC)' 8 ? 
# 
_citation.abstract                  ? 
_citation.abstract_id_CAS           ? 
_citation.book_id_ISBN              ? 
_citation.book_publisher            ? 
_citation.book_publisher_city       ? 
_citation.book_title                ? 
_citation.coordinate_linkage        ? 
_citation.country                   US 
_citation.database_id_Medline       ? 
_citation.details                   ? 
_citation.id                        primary 
_citation.journal_abbrev            'Cell Chem Biol' 
_citation.journal_id_ASTM           ? 
_citation.journal_id_CSD            ? 
_citation.journal_id_ISSN           2451-9456 
_citation.journal_full              ? 
_citation.journal_issue             ? 
_citation.journal_volume            27 
_citation.language                  ? 
_citation.page_first                827 
_citation.page_last                 ? 
_citation.title                     'Structural Basis for the Binding Selectivity of Human CDY Chromodomains.' 
_citation.year                      2020 
_citation.database_id_CSD           ? 
_citation.pdbx_database_id_DOI      10.1016/j.chembiol.2020.05.007 
_citation.pdbx_database_id_PubMed   32470319 
_citation.unpublished_flag          ? 
# 
loop_
_citation_author.citation_id 
_citation_author.name 
_citation_author.ordinal 
_citation_author.identifier_ORCID 
primary 'Dong, C.'    1  ? 
primary 'Liu, Y.'     2  ? 
primary 'Lyu, T.J.'   3  ? 
primary 'Beldar, S.'  4  ? 
primary 'Lamb, K.N.'  5  ? 
primary 'Tempel, W.'  6  ? 
primary 'Li, Y.'      7  ? 
primary 'Li, Z.'      8  ? 
primary 'James, L.I.' 9  ? 
primary 'Qin, S.'     10 ? 
primary 'Wang, Y.'    11 ? 
primary 'Min, J.'     12 ? 
# 
loop_
_entity.id 
_entity.type 
_entity.src_method 
_entity.pdbx_description 
_entity.formula_weight 
_entity.pdbx_number_of_molecules 
_entity.pdbx_ec 
_entity.pdbx_mutation 
_entity.pdbx_fragment 
_entity.details 
1 polymer     man 'Testis-specific chromodomain protein Y 1' 7642.388 1  2.3.1.48 ? ? ? 
2 polymer     syn 'Histone H3.1 Peptide'                     1607.877 1  ?        ? ? ? 
3 non-polymer syn 'UNKNOWN LIGAND'                           ?        20 ?        ? ? ? 
4 water       nat water                                      18.015   20 ?        ? ? ? 
# 
_entity_name_com.entity_id   2 
_entity_name_com.name        
'Histone H3/a,Histone H3/b,Histone H3/c,Histone H3/d,Histone H3/f,Histone H3/h,Histone H3/i,Histone H3/j,Histone H3/k,Histone H3/l' 
# 
loop_
_entity_poly.entity_id 
_entity_poly.type 
_entity_poly.nstd_linkage 
_entity_poly.nstd_monomer 
_entity_poly.pdbx_seq_one_letter_code 
_entity_poly.pdbx_seq_one_letter_code_can 
_entity_poly.pdbx_strand_id 
_entity_poly.pdbx_target_identifier 
1 'polypeptide(L)' no no  GASQEFEVEAIVDKRQDKNGNTQYLVRWKGYDKQDDTWEPEQHLMNCEKCVHDFNRRQTEKQK 
GASQEFEVEAIVDKRQDKNGNTQYLVRWKGYDKQDDTWEPEQHLMNCEKCVHDFNRRQTEKQK AAA ? 
2 'polypeptide(L)' no yes 'ARTKQTAR(M3L)STGGKA'                                           ARTKQTARKSTGGKA QQQ ? 
# 
loop_
_pdbx_entity_nonpoly.entity_id 
_pdbx_entity_nonpoly.name 
_pdbx_entity_nonpoly.comp_id 
3 'UNKNOWN LIGAND' UNX 
4 water            HOH 
# 
loop_
_entity_poly_seq.entity_id 
_entity_poly_seq.num 
_entity_poly_seq.mon_id 
_entity_poly_seq.hetero 
1 1  GLY n 
1 2  ALA n 
1 3  SER n 
1 4  GLN n 
1 5  GLU n 
1 6  PHE n 
1 7  GLU n 
1 8  VAL n 
1 9  GLU n 
1 10 ALA n 
1 11 ILE n 
1 12 VAL n 
1 13 ASP n 
1 14 LYS n 
1 15 ARG n 
1 16 GLN n 
1 17 ASP n 
1 18 LYS n 
1 19 ASN n 
1 20 GLY n 
1 21 ASN n 
1 22 THR n 
1 23 GLN n 
1 24 TYR n 
1 25 LEU n 
1 26 VAL n 
1 27 ARG n 
1 28 TRP n 
1 29 LYS n 
1 30 GLY n 
1 31 TYR n 
1 32 ASP n 
1 33 LYS n 
1 34 GLN n 
1 35 ASP n 
1 36 ASP n 
1 37 THR n 
1 38 TRP n 
1 39 GLU n 
1 40 PRO n 
1 41 GLU n 
1 42 GLN n 
1 43 HIS n 
1 44 LEU n 
1 45 MET n 
1 46 ASN n 
1 47 CYS n 
1 48 GLU n 
1 49 LYS n 
1 50 CYS n 
1 51 VAL n 
1 52 HIS n 
1 53 ASP n 
1 54 PHE n 
1 55 ASN n 
1 56 ARG n 
1 57 ARG n 
1 58 GLN n 
1 59 THR n 
1 60 GLU n 
1 61 LYS n 
1 62 GLN n 
1 63 LYS n 
2 1  ALA n 
2 2  ARG n 
2 3  THR n 
2 4  LYS n 
2 5  GLN n 
2 6  THR n 
2 7  ALA n 
2 8  ARG n 
2 9  M3L n 
2 10 SER n 
2 11 THR n 
2 12 GLY n 
2 13 GLY n 
2 14 LYS n 
2 15 ALA n 
# 
_entity_src_gen.entity_id                          1 
_entity_src_gen.pdbx_src_id                        1 
_entity_src_gen.pdbx_alt_source_flag               sample 
_entity_src_gen.pdbx_seq_type                      'Biological sequence' 
_entity_src_gen.pdbx_beg_seq_num                   1 
_entity_src_gen.pdbx_end_seq_num                   63 
_entity_src_gen.gene_src_common_name               Human 
_entity_src_gen.gene_src_genus                     ? 
_entity_src_gen.pdbx_gene_src_gene                 'CDY1, CDY1A, CDY1B' 
_entity_src_gen.gene_src_species                   ? 
_entity_src_gen.gene_src_strain                    ? 
_entity_src_gen.gene_src_tissue                    ? 
_entity_src_gen.gene_src_tissue_fraction           ? 
_entity_src_gen.gene_src_details                   ? 
_entity_src_gen.pdbx_gene_src_fragment             ? 
_entity_src_gen.pdbx_gene_src_scientific_name      'Homo sapiens' 
_entity_src_gen.pdbx_gene_src_ncbi_taxonomy_id     9606 
_entity_src_gen.pdbx_gene_src_variant              ? 
_entity_src_gen.pdbx_gene_src_cell_line            ? 
_entity_src_gen.pdbx_gene_src_atcc                 ? 
_entity_src_gen.pdbx_gene_src_organ                ? 
_entity_src_gen.pdbx_gene_src_organelle            ? 
_entity_src_gen.pdbx_gene_src_cell                 ? 
_entity_src_gen.pdbx_gene_src_cellular_location    ? 
_entity_src_gen.host_org_common_name               ? 
_entity_src_gen.pdbx_host_org_scientific_name      'Escherichia coli' 
_entity_src_gen.pdbx_host_org_ncbi_taxonomy_id     562 
_entity_src_gen.host_org_genus                     ? 
_entity_src_gen.pdbx_host_org_gene                 ? 
_entity_src_gen.pdbx_host_org_organ                ? 
_entity_src_gen.host_org_species                   ? 
_entity_src_gen.pdbx_host_org_tissue               ? 
_entity_src_gen.pdbx_host_org_tissue_fraction      ? 
_entity_src_gen.pdbx_host_org_strain               ? 
_entity_src_gen.pdbx_host_org_variant              ? 
_entity_src_gen.pdbx_host_org_cell_line            ? 
_entity_src_gen.pdbx_host_org_atcc                 ? 
_entity_src_gen.pdbx_host_org_culture_collection   ? 
_entity_src_gen.pdbx_host_org_cell                 ? 
_entity_src_gen.pdbx_host_org_organelle            ? 
_entity_src_gen.pdbx_host_org_cellular_location    ? 
_entity_src_gen.pdbx_host_org_vector_type          ? 
_entity_src_gen.pdbx_host_org_vector               ? 
_entity_src_gen.host_org_details                   ? 
_entity_src_gen.expression_system_id               ? 
_entity_src_gen.plasmid_name                       ? 
_entity_src_gen.plasmid_details                    ? 
_entity_src_gen.pdbx_description                   ? 
# 
_pdbx_entity_src_syn.entity_id              2 
_pdbx_entity_src_syn.pdbx_src_id            1 
_pdbx_entity_src_syn.pdbx_alt_source_flag   sample 
_pdbx_entity_src_syn.pdbx_beg_seq_num       1 
_pdbx_entity_src_syn.pdbx_end_seq_num       15 
_pdbx_entity_src_syn.organism_scientific    'Homo sapiens' 
_pdbx_entity_src_syn.organism_common_name   Human 
_pdbx_entity_src_syn.ncbi_taxonomy_id       9606 
_pdbx_entity_src_syn.details                ? 
# 
loop_
_chem_comp.id 
_chem_comp.type 
_chem_comp.mon_nstd_flag 
_chem_comp.name 
_chem_comp.pdbx_synonyms 
_chem_comp.formula 
_chem_comp.formula_weight 
ALA 'L-peptide linking' y ALANINE               ? 'C3 H7 N O2'     89.093  
ARG 'L-peptide linking' y ARGININE              ? 'C6 H15 N4 O2 1' 175.209 
ASN 'L-peptide linking' y ASPARAGINE            ? 'C4 H8 N2 O3'    132.118 
ASP 'L-peptide linking' y 'ASPARTIC ACID'       ? 'C4 H7 N O4'     133.103 
CYS 'L-peptide linking' y CYSTEINE              ? 'C3 H7 N O2 S'   121.158 
GLN 'L-peptide linking' y GLUTAMINE             ? 'C5 H10 N2 O3'   146.144 
GLU 'L-peptide linking' y 'GLUTAMIC ACID'       ? 'C5 H9 N O4'     147.129 
GLY 'peptide linking'   y GLYCINE               ? 'C2 H5 N O2'     75.067  
HIS 'L-peptide linking' y HISTIDINE             ? 'C6 H10 N3 O2 1' 156.162 
HOH non-polymer         . WATER                 ? 'H2 O'           18.015  
ILE 'L-peptide linking' y ISOLEUCINE            ? 'C6 H13 N O2'    131.173 
LEU 'L-peptide linking' y LEUCINE               ? 'C6 H13 N O2'    131.173 
LYS 'L-peptide linking' y LYSINE                ? 'C6 H15 N2 O2 1' 147.195 
M3L 'L-peptide linking' n N-TRIMETHYLLYSINE     ? 'C9 H21 N2 O2 1' 189.275 
MET 'L-peptide linking' y METHIONINE            ? 'C5 H11 N O2 S'  149.211 
PHE 'L-peptide linking' y PHENYLALANINE         ? 'C9 H11 N O2'    165.189 
PRO 'L-peptide linking' y PROLINE               ? 'C5 H9 N O2'     115.130 
SER 'L-peptide linking' y SERINE                ? 'C3 H7 N O3'     105.093 
THR 'L-peptide linking' y THREONINE             ? 'C4 H9 N O3'     119.119 
TRP 'L-peptide linking' y TRYPTOPHAN            ? 'C11 H12 N2 O2'  204.225 
TYR 'L-peptide linking' y TYROSINE              ? 'C9 H11 N O3'    181.189 
UNX non-polymer         . 'UNKNOWN ATOM OR ION' ? ?                ?       
VAL 'L-peptide linking' y VALINE                ? 'C5 H11 N O2'    117.146 
# 
loop_
_pdbx_poly_seq_scheme.asym_id 
_pdbx_poly_seq_scheme.entity_id 
_pdbx_poly_seq_scheme.seq_id 
_pdbx_poly_seq_scheme.mon_id 
_pdbx_poly_seq_scheme.ndb_seq_num 
_pdbx_poly_seq_scheme.pdb_seq_num 
_pdbx_poly_seq_scheme.auth_seq_num 
_pdbx_poly_seq_scheme.pdb_mon_id 
_pdbx_poly_seq_scheme.auth_mon_id 
_pdbx_poly_seq_scheme.pdb_strand_id 
_pdbx_poly_seq_scheme.pdb_ins_code 
_pdbx_poly_seq_scheme.hetero 
A 1 1  GLY 1  1  ?  ?   ?   AAA . n 
A 1 2  ALA 2  2  2  ALA ALA AAA . n 
A 1 3  SER 3  3  3  SER SER AAA . n 
A 1 4  GLN 4  4  4  GLN GLN AAA . n 
A 1 5  GLU 5  5  5  GLU GLU AAA . n 
A 1 6  PHE 6  6  6  PHE PHE AAA . n 
A 1 7  GLU 7  7  7  GLU GLU AAA . n 
A 1 8  VAL 8  8  8  VAL VAL AAA . n 
A 1 9  GLU 9  9  9  GLU GLU AAA . n 
A 1 10 ALA 10 10 10 ALA ALA AAA . n 
A 1 11 ILE 11 11 11 ILE ILE AAA . n 
A 1 12 VAL 12 12 12 VAL VAL AAA . n 
A 1 13 ASP 13 13 13 ASP ASP AAA . n 
A 1 14 LYS 14 14 14 LYS LYS AAA . n 
A 1 15 ARG 15 15 15 ARG ARG AAA . n 
A 1 16 GLN 16 16 16 GLN GLN AAA . n 
A 1 17 ASP 17 17 17 ASP ASP AAA . n 
A 1 18 LYS 18 18 18 LYS LYS AAA . n 
A 1 19 ASN 19 19 19 ASN ASN AAA . n 
A 1 20 GLY 20 20 20 GLY GLY AAA . n 
A 1 21 ASN 21 21 21 ASN ASN AAA . n 
A 1 22 THR 22 22 22 THR THR AAA . n 
A 1 23 GLN 23 23 23 GLN GLN AAA . n 
A 1 24 TYR 24 24 24 TYR TYR AAA . n 
A 1 25 LEU 25 25 25 LEU LEU AAA . n 
A 1 26 VAL 26 26 26 VAL VAL AAA . n 
A 1 27 ARG 27 27 27 ARG ARG AAA . n 
A 1 28 TRP 28 28 28 TRP TRP AAA . n 
A 1 29 LYS 29 29 29 LYS LYS AAA . n 
A 1 30 GLY 30 30 30 GLY GLY AAA . n 
A 1 31 TYR 31 31 31 TYR TYR AAA . n 
A 1 32 ASP 32 32 32 ASP ASP AAA . n 
A 1 33 LYS 33 33 33 LYS LYS AAA . n 
A 1 34 GLN 34 34 34 GLN GLN AAA . n 
A 1 35 ASP 35 35 35 ASP ASP AAA . n 
A 1 36 ASP 36 36 36 ASP ASP AAA . n 
A 1 37 THR 37 37 37 THR THR AAA . n 
A 1 38 TRP 38 38 38 TRP TRP AAA . n 
A 1 39 GLU 39 39 39 GLU GLU AAA . n 
A 1 40 PRO 40 40 40 PRO PRO AAA . n 
A 1 41 GLU 41 41 41 GLU GLU AAA . n 
A 1 42 GLN 42 42 42 GLN GLN AAA . n 
A 1 43 HIS 43 43 43 HIS HIS AAA . n 
A 1 44 LEU 44 44 44 LEU LEU AAA . n 
A 1 45 MET 45 45 45 MET MET AAA . n 
A 1 46 ASN 46 46 46 ASN ASN AAA . n 
A 1 47 CYS 47 47 47 CYS CYS AAA . n 
A 1 48 GLU 48 48 48 GLU GLU AAA . n 
A 1 49 LYS 49 49 49 LYS LYS AAA . n 
A 1 50 CYS 50 50 50 CYS CYS AAA . n 
A 1 51 VAL 51 51 51 VAL VAL AAA . n 
A 1 52 HIS 52 52 52 HIS HIS AAA . n 
A 1 53 ASP 53 53 53 ASP ASP AAA . n 
A 1 54 PHE 54 54 54 PHE PHE AAA . n 
A 1 55 ASN 55 55 55 ASN ASN AAA . n 
A 1 56 ARG 56 56 56 ARG ARG AAA . n 
A 1 57 ARG 57 57 57 ARG ARG AAA . n 
A 1 58 GLN 58 58 58 GLN GLN AAA . n 
A 1 59 THR 59 59 59 THR THR AAA . n 
A 1 60 GLU 60 60 60 GLU GLU AAA . n 
A 1 61 LYS 61 61 61 LYS LYS AAA . n 
A 1 62 GLN 62 62 62 GLN GLN AAA . n 
A 1 63 LYS 63 63 ?  ?   ?   AAA . n 
B 2 1  ALA 1  1  1  ALA ALA QQQ . n 
B 2 2  ARG 2  2  2  ARG ARG QQQ . n 
B 2 3  THR 3  3  3  THR THR QQQ . n 
B 2 4  LYS 4  4  4  LYS LYS QQQ . n 
B 2 5  GLN 5  5  5  GLN GLN QQQ . n 
B 2 6  THR 6  6  6  THR THR QQQ . n 
B 2 7  ALA 7  7  7  ALA ALA QQQ . n 
B 2 8  ARG 8  8  8  ARG ARG QQQ . n 
B 2 9  M3L 9  9  9  M3L M3L QQQ . n 
B 2 10 SER 10 10 10 SER SER QQQ . n 
B 2 11 THR 11 11 11 THR THR QQQ . n 
B 2 12 GLY 12 12 12 GLY GLY QQQ . n 
B 2 13 GLY 13 13 ?  ?   ?   QQQ . n 
B 2 14 LYS 14 14 ?  ?   ?   QQQ . n 
B 2 15 ALA 15 15 ?  ?   ?   QQQ . n 
# 
_pdbx_entity_instance_feature.ordinal        1 
_pdbx_entity_instance_feature.comp_id        M3L 
_pdbx_entity_instance_feature.asym_id        ? 
_pdbx_entity_instance_feature.seq_num        ? 
_pdbx_entity_instance_feature.auth_comp_id   M3L 
_pdbx_entity_instance_feature.auth_asym_id   ? 
_pdbx_entity_instance_feature.auth_seq_num   ? 
_pdbx_entity_instance_feature.feature_type   'SUBJECT OF INVESTIGATION' 
_pdbx_entity_instance_feature.details        ? 
# 
loop_
_pdbx_nonpoly_scheme.asym_id 
_pdbx_nonpoly_scheme.entity_id 
_pdbx_nonpoly_scheme.mon_id 
_pdbx_nonpoly_scheme.ndb_seq_num 
_pdbx_nonpoly_scheme.pdb_seq_num 
_pdbx_nonpoly_scheme.auth_seq_num 
_pdbx_nonpoly_scheme.pdb_mon_id 
_pdbx_nonpoly_scheme.auth_mon_id 
_pdbx_nonpoly_scheme.pdb_strand_id 
_pdbx_nonpoly_scheme.pdb_ins_code 
C 3 UNX 1  101 1  UNX UNX AAA . 
D 3 UNX 1  102 2  UNX UNX AAA . 
E 3 UNX 1  103 3  UNX UNX AAA . 
F 3 UNX 1  104 5  UNX UNX AAA . 
G 3 UNX 1  105 7  UNX UNX AAA . 
H 3 UNX 1  106 8  UNX UNX AAA . 
I 3 UNX 1  107 9  UNX UNX AAA . 
J 3 UNX 1  108 10 UNX UNX AAA . 
K 3 UNX 1  109 11 UNX UNX AAA . 
L 3 UNX 1  110 12 UNX UNX AAA . 
M 3 UNX 1  111 13 UNX UNX AAA . 
N 3 UNX 1  112 14 UNX UNX AAA . 
O 3 UNX 1  113 15 UNX UNX AAA . 
P 3 UNX 1  114 16 UNX UNX AAA . 
Q 3 UNX 1  115 17 UNX UNX AAA . 
R 3 UNX 1  116 18 UNX UNX AAA . 
S 3 UNX 1  117 20 UNX UNX AAA . 
T 3 UNX 1  118 21 UNX UNX AAA . 
U 3 UNX 1  101 4  UNX UNX QQQ . 
V 3 UNX 1  102 19 UNX UNX QQQ . 
W 4 HOH 1  201 26 HOH HOH AAA . 
W 4 HOH 2  202 52 HOH HOH AAA . 
W 4 HOH 3  203 58 HOH HOH AAA . 
W 4 HOH 4  204 39 HOH HOH AAA . 
W 4 HOH 5  205 9  HOH HOH AAA . 
W 4 HOH 6  206 20 HOH HOH AAA . 
W 4 HOH 7  207 4  HOH HOH AAA . 
W 4 HOH 8  208 19 HOH HOH AAA . 
W 4 HOH 9  209 7  HOH HOH AAA . 
W 4 HOH 10 210 67 HOH HOH AAA . 
W 4 HOH 11 211 17 HOH HOH AAA . 
W 4 HOH 12 212 3  HOH HOH AAA . 
W 4 HOH 13 213 62 HOH HOH AAA . 
W 4 HOH 14 214 66 HOH HOH AAA . 
W 4 HOH 15 215 5  HOH HOH AAA . 
W 4 HOH 16 216 21 HOH HOH AAA . 
W 4 HOH 17 217 63 HOH HOH AAA . 
W 4 HOH 18 218 54 HOH HOH AAA . 
W 4 HOH 19 219 22 HOH HOH AAA . 
X 4 HOH 1  201 32 HOH HOH QQQ . 
# 
loop_
_pdbx_unobs_or_zero_occ_atoms.id 
_pdbx_unobs_or_zero_occ_atoms.PDB_model_num 
_pdbx_unobs_or_zero_occ_atoms.polymer_flag 
_pdbx_unobs_or_zero_occ_atoms.occupancy_flag 
_pdbx_unobs_or_zero_occ_atoms.auth_asym_id 
_pdbx_unobs_or_zero_occ_atoms.auth_comp_id 
_pdbx_unobs_or_zero_occ_atoms.auth_seq_id 
_pdbx_unobs_or_zero_occ_atoms.PDB_ins_code 
_pdbx_unobs_or_zero_occ_atoms.auth_atom_id 
_pdbx_unobs_or_zero_occ_atoms.label_alt_id 
_pdbx_unobs_or_zero_occ_atoms.label_asym_id 
_pdbx_unobs_or_zero_occ_atoms.label_comp_id 
_pdbx_unobs_or_zero_occ_atoms.label_seq_id 
_pdbx_unobs_or_zero_occ_atoms.label_atom_id 
1  1 Y 1 AAA LYS 18 ? CE  ? A LYS 18 CE  
2  1 Y 1 AAA LYS 18 ? NZ  ? A LYS 18 NZ  
3  1 Y 1 AAA LYS 49 ? CE  ? A LYS 49 CE  
4  1 Y 1 AAA LYS 49 ? NZ  ? A LYS 49 NZ  
5  1 Y 1 AAA ARG 56 ? NH1 ? A ARG 56 NH1 
6  1 Y 1 AAA ARG 56 ? NH2 ? A ARG 56 NH2 
7  1 Y 1 AAA GLN 62 ? C   ? A GLN 62 C   
8  1 Y 1 AAA GLN 62 ? O   ? A GLN 62 O   
9  1 Y 1 AAA GLN 62 ? CB  ? A GLN 62 CB  
10 1 Y 1 AAA GLN 62 ? CG  ? A GLN 62 CG  
11 1 Y 1 AAA GLN 62 ? CD  ? A GLN 62 CD  
12 1 Y 1 AAA GLN 62 ? OE1 ? A GLN 62 OE1 
13 1 Y 1 AAA GLN 62 ? NE2 ? A GLN 62 NE2 
14 1 Y 1 QQQ ARG 2  ? CG  ? B ARG 2  CG  
15 1 Y 1 QQQ ARG 2  ? CD  ? B ARG 2  CD  
16 1 Y 1 QQQ ARG 2  ? NE  ? B ARG 2  NE  
17 1 Y 1 QQQ ARG 2  ? CZ  ? B ARG 2  CZ  
18 1 Y 1 QQQ ARG 2  ? NH1 ? B ARG 2  NH1 
19 1 Y 1 QQQ ARG 2  ? NH2 ? B ARG 2  NH2 
20 1 Y 1 QQQ LYS 4  ? CD  ? B LYS 4  CD  
21 1 Y 1 QQQ LYS 4  ? CE  ? B LYS 4  CE  
22 1 Y 1 QQQ LYS 4  ? NZ  ? B LYS 4  NZ  
23 1 Y 1 QQQ GLN 5  ? OE1 ? B GLN 5  OE1 
24 1 Y 1 QQQ GLN 5  ? NE2 ? B GLN 5  NE2 
25 1 Y 1 QQQ ARG 8  ? NH1 ? B ARG 8  NH1 
26 1 Y 1 QQQ ARG 8  ? NH2 ? B ARG 8  NH2 
27 1 Y 1 QQQ GLY 12 ? CA  ? B GLY 12 CA  
28 1 Y 1 QQQ GLY 12 ? C   ? B GLY 12 C   
29 1 Y 1 QQQ GLY 12 ? O   ? B GLY 12 O   
# 
loop_
_software.citation_id 
_software.classification 
_software.compiler_name 
_software.compiler_version 
_software.contact_author 
_software.contact_author_email 
_software.date 
_software.description 
_software.dependencies 
_software.hardware 
_software.language 
_software.location 
_software.mods 
_software.name 
_software.os 
_software.os_version 
_software.type 
_software.version 
_software.pdbx_ordinal 
? refinement       ? ? ? ? ? ? ? ? ? ? ? REFMAC ? ? ? 5.8.0258 1 
? 'data reduction' ? ? ? ? ? ? ? ? ? ? ? XDS    ? ? ? .        2 
? 'data scaling'   ? ? ? ? ? ? ? ? ? ? ? XDS    ? ? ? .        3 
? phasing          ? ? ? ? ? ? ? ? ? ? ? PHASER ? ? ? .        4 
# 
_cell.angle_alpha                  90.000 
_cell.angle_alpha_esd              ? 
_cell.angle_beta                   90.000 
_cell.angle_beta_esd               ? 
_cell.angle_gamma                  90.000 
_cell.angle_gamma_esd              ? 
_cell.entry_id                     6V41 
_cell.details                      ? 
_cell.formula_units_Z              ? 
_cell.length_a                     42.447 
_cell.length_a_esd                 ? 
_cell.length_b                     42.447 
_cell.length_b_esd                 ? 
_cell.length_c                     37.195 
_cell.length_c_esd                 ? 
_cell.volume                       ? 
_cell.volume_esd                   ? 
_cell.Z_PDB                        4 
_cell.reciprocal_angle_alpha       ? 
_cell.reciprocal_angle_beta        ? 
_cell.reciprocal_angle_gamma       ? 
_cell.reciprocal_angle_alpha_esd   ? 
_cell.reciprocal_angle_beta_esd    ? 
_cell.reciprocal_angle_gamma_esd   ? 
_cell.reciprocal_length_a          ? 
_cell.reciprocal_length_b          ? 
_cell.reciprocal_length_c          ? 
_cell.reciprocal_length_a_esd      ? 
_cell.reciprocal_length_b_esd      ? 
_cell.reciprocal_length_c_esd      ? 
_cell.pdbx_unique_axis             ? 
# 
_symmetry.entry_id                         6V41 
_symmetry.cell_setting                     ? 
_symmetry.Int_Tables_number                78 
_symmetry.space_group_name_Hall            ? 
_symmetry.space_group_name_H-M             'P 43' 
_symmetry.pdbx_full_space_group_name_H-M   ? 
# 
_exptl.absorpt_coefficient_mu     ? 
_exptl.absorpt_correction_T_max   ? 
_exptl.absorpt_correction_T_min   ? 
_exptl.absorpt_correction_type    ? 
_exptl.absorpt_process_details    ? 
_exptl.entry_id                   6V41 
_exptl.crystals_number            1 
_exptl.details                    ? 
_exptl.method                     'X-RAY DIFFRACTION' 
_exptl.method_details             ? 
# 
_exptl_crystal.colour                      ? 
_exptl_crystal.density_diffrn              ? 
_exptl_crystal.density_Matthews            1.81 
_exptl_crystal.density_method              ? 
_exptl_crystal.density_percent_sol         32.09 
_exptl_crystal.description                 ? 
_exptl_crystal.F_000                       ? 
_exptl_crystal.id                          1 
_exptl_crystal.preparation                 ? 
_exptl_crystal.size_max                    ? 
_exptl_crystal.size_mid                    ? 
_exptl_crystal.size_min                    ? 
_exptl_crystal.size_rad                    ? 
_exptl_crystal.colour_lustre               ? 
_exptl_crystal.colour_modifier             ? 
_exptl_crystal.colour_primary              ? 
_exptl_crystal.density_meas                ? 
_exptl_crystal.density_meas_esd            ? 
_exptl_crystal.density_meas_gt             ? 
_exptl_crystal.density_meas_lt             ? 
_exptl_crystal.density_meas_temp           ? 
_exptl_crystal.density_meas_temp_esd       ? 
_exptl_crystal.density_meas_temp_gt        ? 
_exptl_crystal.density_meas_temp_lt        ? 
_exptl_crystal.pdbx_crystal_image_url      ? 
_exptl_crystal.pdbx_crystal_image_format   ? 
_exptl_crystal.pdbx_mosaicity              ? 
_exptl_crystal.pdbx_mosaicity_esd          ? 
# 
_exptl_crystal_grow.apparatus       ? 
_exptl_crystal_grow.atmosphere      ? 
_exptl_crystal_grow.crystal_id      1 
_exptl_crystal_grow.details         ? 
_exptl_crystal_grow.method          'VAPOR DIFFUSION, SITTING DROP' 
_exptl_crystal_grow.method_ref      ? 
_exptl_crystal_grow.pH              7.5 
_exptl_crystal_grow.pressure        ? 
_exptl_crystal_grow.pressure_esd    ? 
_exptl_crystal_grow.seeding         ? 
_exptl_crystal_grow.seeding_ref     ? 
_exptl_crystal_grow.temp            291 
_exptl_crystal_grow.temp_details    ? 
_exptl_crystal_grow.temp_esd        ? 
_exptl_crystal_grow.time            ? 
_exptl_crystal_grow.pdbx_details    '1.4 M sodium citrate, 0.1 M HEPES' 
_exptl_crystal_grow.pdbx_pH_range   ? 
# 
_diffrn.ambient_environment              ? 
_diffrn.ambient_temp                     100 
_diffrn.ambient_temp_details             ? 
_diffrn.ambient_temp_esd                 ? 
_diffrn.crystal_id                       1 
_diffrn.crystal_support                  ? 
_diffrn.crystal_treatment                ? 
_diffrn.details                          ? 
_diffrn.id                               1 
_diffrn.ambient_pressure                 ? 
_diffrn.ambient_pressure_esd             ? 
_diffrn.ambient_pressure_gt              ? 
_diffrn.ambient_pressure_lt              ? 
_diffrn.ambient_temp_gt                  ? 
_diffrn.ambient_temp_lt                  ? 
_diffrn.pdbx_serial_crystal_experiment   N 
# 
_diffrn_detector.details                      ? 
_diffrn_detector.detector                     CCD 
_diffrn_detector.diffrn_id                    1 
_diffrn_detector.type                         'RIGAKU SATURN A200' 
_diffrn_detector.area_resol_mean              ? 
_diffrn_detector.dtime                        ? 
_diffrn_detector.pdbx_frames_total            ? 
_diffrn_detector.pdbx_collection_time_total   ? 
_diffrn_detector.pdbx_collection_date         2014-09-30 
_diffrn_detector.pdbx_frequency               ? 
# 
_diffrn_radiation.collimation                      ? 
_diffrn_radiation.diffrn_id                        1 
_diffrn_radiation.filter_edge                      ? 
_diffrn_radiation.inhomogeneity                    ? 
_diffrn_radiation.monochromator                    ? 
_diffrn_radiation.polarisn_norm                    ? 
_diffrn_radiation.polarisn_ratio                   ? 
_diffrn_radiation.probe                            ? 
_diffrn_radiation.type                             ? 
_diffrn_radiation.xray_symbol                      ? 
_diffrn_radiation.wavelength_id                    1 
_diffrn_radiation.pdbx_monochromatic_or_laue_m_l   M 
_diffrn_radiation.pdbx_wavelength_list             ? 
_diffrn_radiation.pdbx_wavelength                  ? 
_diffrn_radiation.pdbx_diffrn_protocol             'SINGLE WAVELENGTH' 
_diffrn_radiation.pdbx_analyzer                    ? 
_diffrn_radiation.pdbx_scattering_type             x-ray 
# 
_diffrn_radiation_wavelength.id           1 
_diffrn_radiation_wavelength.wavelength   1.5418 
_diffrn_radiation_wavelength.wt           1.0 
# 
_diffrn_source.current                     ? 
_diffrn_source.details                     ? 
_diffrn_source.diffrn_id                   1 
_diffrn_source.power                       ? 
_diffrn_source.size                        ? 
_diffrn_source.source                      'ROTATING ANODE' 
_diffrn_source.target                      ? 
_diffrn_source.type                        'RIGAKU FR-E' 
_diffrn_source.voltage                     ? 
_diffrn_source.take-off_angle              ? 
_diffrn_source.pdbx_wavelength_list        1.5418 
_diffrn_source.pdbx_wavelength             ? 
_diffrn_source.pdbx_synchrotron_beamline   ? 
_diffrn_source.pdbx_synchrotron_site       ? 
# 
_reflns.B_iso_Wilson_estimate            ? 
_reflns.entry_id                         6V41 
_reflns.data_reduction_details           ? 
_reflns.data_reduction_method            ? 
_reflns.d_resolution_high                1.60 
_reflns.d_resolution_low                 23.36 
_reflns.details                          ? 
_reflns.limit_h_max                      ? 
_reflns.limit_h_min                      ? 
_reflns.limit_k_max                      ? 
_reflns.limit_k_min                      ? 
_reflns.limit_l_max                      ? 
_reflns.limit_l_min                      ? 
_reflns.number_all                       ? 
_reflns.number_obs                       8814 
_reflns.observed_criterion               ? 
_reflns.observed_criterion_F_max         ? 
_reflns.observed_criterion_F_min         ? 
_reflns.observed_criterion_I_max         ? 
_reflns.observed_criterion_I_min         ? 
_reflns.observed_criterion_sigma_F       ? 
_reflns.observed_criterion_sigma_I       ? 
_reflns.percent_possible_obs             99.9 
_reflns.R_free_details                   ? 
_reflns.Rmerge_F_all                     ? 
_reflns.Rmerge_F_obs                     ? 
_reflns.Friedel_coverage                 ? 
_reflns.number_gt                        ? 
_reflns.threshold_expression             ? 
_reflns.pdbx_redundancy                  7.0 
_reflns.pdbx_Rmerge_I_obs                0.028 
_reflns.pdbx_Rmerge_I_all                ? 
_reflns.pdbx_Rsym_value                  ? 
_reflns.pdbx_netI_over_av_sigmaI         ? 
_reflns.pdbx_netI_over_sigmaI            43.4 
_reflns.pdbx_res_netI_over_av_sigmaI_2   ? 
_reflns.pdbx_res_netI_over_sigmaI_2      ? 
_reflns.pdbx_chi_squared                 ? 
_reflns.pdbx_scaling_rejects             ? 
_reflns.pdbx_d_res_high_opt              ? 
_reflns.pdbx_d_res_low_opt               ? 
_reflns.pdbx_d_res_opt_method            ? 
_reflns.phase_calculation_details        ? 
_reflns.pdbx_Rrim_I_all                  0.030 
_reflns.pdbx_Rpim_I_all                  ? 
_reflns.pdbx_d_opt                       ? 
_reflns.pdbx_number_measured_all         ? 
_reflns.pdbx_diffrn_id                   1 
_reflns.pdbx_ordinal                     1 
_reflns.pdbx_CC_half                     1.000 
_reflns.pdbx_CC_star                     ? 
_reflns.pdbx_R_split                     ? 
# 
loop_
_reflns_shell.d_res_high 
_reflns_shell.d_res_low 
_reflns_shell.meanI_over_sigI_all 
_reflns_shell.meanI_over_sigI_obs 
_reflns_shell.number_measured_all 
_reflns_shell.number_measured_obs 
_reflns_shell.number_possible 
_reflns_shell.number_unique_all 
_reflns_shell.number_unique_obs 
_reflns_shell.percent_possible_all 
_reflns_shell.percent_possible_obs 
_reflns_shell.Rmerge_F_all 
_reflns_shell.Rmerge_F_obs 
_reflns_shell.Rmerge_I_all 
_reflns_shell.Rmerge_I_obs 
_reflns_shell.meanI_over_sigI_gt 
_reflns_shell.meanI_over_uI_all 
_reflns_shell.meanI_over_uI_gt 
_reflns_shell.number_measured_gt 
_reflns_shell.number_unique_gt 
_reflns_shell.percent_possible_gt 
_reflns_shell.Rmerge_F_gt 
_reflns_shell.Rmerge_I_gt 
_reflns_shell.pdbx_redundancy 
_reflns_shell.pdbx_Rsym_value 
_reflns_shell.pdbx_chi_squared 
_reflns_shell.pdbx_netI_over_sigmaI_all 
_reflns_shell.pdbx_netI_over_sigmaI_obs 
_reflns_shell.pdbx_Rrim_I_all 
_reflns_shell.pdbx_Rpim_I_all 
_reflns_shell.pdbx_rejects 
_reflns_shell.pdbx_ordinal 
_reflns_shell.pdbx_diffrn_id 
_reflns_shell.pdbx_CC_half 
_reflns_shell.pdbx_CC_star 
_reflns_shell.pdbx_R_split 
8.78 23.36 ? ? ? ? ? ? 60  ? 95.7 ? ? ? 0.021 ? ? ? ? ? ? ? ? 5.4 ? ? ? 101.3 0.024 ? ? 1 ? 0.999 ? ? 
1.60 1.63  ? ? ? ? ? ? 438 ? 99.1 ? ? ? 0.371 ? ? ? ? ? ? ? ? 6.6 ? ? ? 5.2   0.403 ? ? 2 ? 0.914 ? ? 
# 
_refine.aniso_B[1][1]                            0.253 
_refine.aniso_B[1][2]                            -0.000 
_refine.aniso_B[1][3]                            -0.000 
_refine.aniso_B[2][2]                            0.253 
_refine.aniso_B[2][3]                            -0.000 
_refine.aniso_B[3][3]                            -0.505 
_refine.B_iso_max                                ? 
_refine.B_iso_mean                               22.062 
_refine.B_iso_min                                ? 
_refine.correlation_coeff_Fo_to_Fc               0.957 
_refine.correlation_coeff_Fo_to_Fc_free          0.953 
_refine.details                                  'Hydrogens have been added in their riding positions' 
_refine.diff_density_max                         ? 
_refine.diff_density_max_esd                     ? 
_refine.diff_density_min                         ? 
_refine.diff_density_min_esd                     ? 
_refine.diff_density_rms                         ? 
_refine.diff_density_rms_esd                     ? 
_refine.entry_id                                 6V41 
_refine.pdbx_refine_id                           'X-RAY DIFFRACTION' 
_refine.ls_abs_structure_details                 ? 
_refine.ls_abs_structure_Flack                   ? 
_refine.ls_abs_structure_Flack_esd               ? 
_refine.ls_abs_structure_Rogers                  ? 
_refine.ls_abs_structure_Rogers_esd              ? 
_refine.ls_d_res_high                            1.603 
_refine.ls_d_res_low                             23.301 
_refine.ls_extinction_coef                       ? 
_refine.ls_extinction_coef_esd                   ? 
_refine.ls_extinction_expression                 ? 
_refine.ls_extinction_method                     ? 
_refine.ls_goodness_of_fit_all                   ? 
_refine.ls_goodness_of_fit_all_esd               ? 
_refine.ls_goodness_of_fit_obs                   ? 
_refine.ls_goodness_of_fit_obs_esd               ? 
_refine.ls_hydrogen_treatment                    ? 
_refine.ls_matrix_type                           ? 
_refine.ls_number_constraints                    ? 
_refine.ls_number_parameters                     ? 
_refine.ls_number_reflns_all                     ? 
_refine.ls_number_reflns_obs                     8794 
_refine.ls_number_reflns_R_free                  411 
_refine.ls_number_reflns_R_work                  ? 
_refine.ls_number_restraints                     ? 
_refine.ls_percent_reflns_obs                    99.955 
_refine.ls_percent_reflns_R_free                 4.674 
_refine.ls_R_factor_all                          0.193 
_refine.ls_R_factor_obs                          ? 
_refine.ls_R_factor_R_free                       0.2150 
_refine.ls_R_factor_R_free_error                 ? 
_refine.ls_R_factor_R_free_error_details         ? 
_refine.ls_R_factor_R_work                       0.1917 
_refine.ls_R_Fsqd_factor_obs                     ? 
_refine.ls_R_I_factor_obs                        ? 
_refine.ls_redundancy_reflns_all                 ? 
_refine.ls_redundancy_reflns_obs                 ? 
_refine.ls_restrained_S_all                      ? 
_refine.ls_restrained_S_obs                      ? 
_refine.ls_shift_over_esd_max                    ? 
_refine.ls_shift_over_esd_mean                   ? 
_refine.ls_structure_factor_coef                 ? 
_refine.ls_weighting_details                     ? 
_refine.ls_weighting_scheme                      ? 
_refine.ls_wR_factor_all                         ? 
_refine.ls_wR_factor_obs                         ? 
_refine.ls_wR_factor_R_free                      ? 
_refine.ls_wR_factor_R_work                      ? 
_refine.occupancy_max                            ? 
_refine.occupancy_min                            ? 
_refine.solvent_model_details                    ? 
_refine.solvent_model_param_bsol                 ? 
_refine.solvent_model_param_ksol                 ? 
_refine.pdbx_R_complete                          ? 
_refine.ls_R_factor_gt                           ? 
_refine.ls_goodness_of_fit_gt                    ? 
_refine.ls_goodness_of_fit_ref                   ? 
_refine.ls_shift_over_su_max                     ? 
_refine.ls_shift_over_su_max_lt                  ? 
_refine.ls_shift_over_su_mean                    ? 
_refine.ls_shift_over_su_mean_lt                 ? 
_refine.pdbx_ls_sigma_I                          ? 
_refine.pdbx_ls_sigma_F                          ? 
_refine.pdbx_ls_sigma_Fsqd                       ? 
_refine.pdbx_data_cutoff_high_absF               ? 
_refine.pdbx_data_cutoff_high_rms_absF           ? 
_refine.pdbx_data_cutoff_low_absF                ? 
_refine.pdbx_isotropic_thermal_model             ? 
_refine.pdbx_ls_cross_valid_method               'FREE R-VALUE' 
_refine.pdbx_method_to_determine_struct          'MOLECULAR REPLACEMENT' 
_refine.pdbx_starting_model                      'pdb entry 4hae' 
_refine.pdbx_stereochemistry_target_values       ? 
_refine.pdbx_R_Free_selection_details            ? 
_refine.pdbx_stereochem_target_val_spec_case     ? 
_refine.pdbx_overall_ESU_R                       0.104 
_refine.pdbx_overall_ESU_R_Free                  0.097 
_refine.pdbx_solvent_vdw_probe_radii             1.200 
_refine.pdbx_solvent_ion_probe_radii             0.800 
_refine.pdbx_solvent_shrinkage_radii             0.800 
_refine.pdbx_real_space_R                        ? 
_refine.pdbx_density_correlation                 ? 
_refine.pdbx_pd_number_of_powder_patterns        ? 
_refine.pdbx_pd_number_of_points                 ? 
_refine.pdbx_pd_meas_number_of_points            ? 
_refine.pdbx_pd_proc_ls_prof_R_factor            ? 
_refine.pdbx_pd_proc_ls_prof_wR_factor           ? 
_refine.pdbx_pd_Marquardt_correlation_coeff      ? 
_refine.pdbx_pd_Fsqrd_R_factor                   ? 
_refine.pdbx_pd_ls_matrix_band_width             ? 
_refine.pdbx_overall_phase_error                 ? 
_refine.pdbx_overall_SU_R_free_Cruickshank_DPI   ? 
_refine.pdbx_overall_SU_R_free_Blow_DPI          ? 
_refine.pdbx_overall_SU_R_Blow_DPI               ? 
_refine.pdbx_TLS_residual_ADP_flag               ? 
_refine.pdbx_diffrn_id                           1 
_refine.overall_SU_B                             2.971 
_refine.overall_SU_ML                            0.055 
_refine.overall_SU_R_Cruickshank_DPI             ? 
_refine.overall_SU_R_free                        ? 
_refine.overall_FOM_free_R_set                   ? 
_refine.overall_FOM_work_R_set                   ? 
_refine.pdbx_average_fsc_overall                 ? 
_refine.pdbx_average_fsc_work                    ? 
_refine.pdbx_average_fsc_free                    ? 
# 
_refine_hist.pdbx_refine_id                   'X-RAY DIFFRACTION' 
_refine_hist.cycle_id                         LAST 
_refine_hist.pdbx_number_atoms_protein        586 
_refine_hist.pdbx_number_atoms_nucleic_acid   0 
_refine_hist.pdbx_number_atoms_ligand         20 
_refine_hist.number_atoms_solvent             20 
_refine_hist.number_atoms_total               626 
_refine_hist.d_res_high                       1.603 
_refine_hist.d_res_low                        23.301 
# 
loop_
_refine_ls_restr.pdbx_refine_id 
_refine_ls_restr.criterion 
_refine_ls_restr.dev_ideal 
_refine_ls_restr.dev_ideal_target 
_refine_ls_restr.number 
_refine_ls_restr.rejects 
_refine_ls_restr.type 
_refine_ls_restr.weight 
_refine_ls_restr.pdbx_restraint_function 
'X-RAY DIFFRACTION' ? 0.013  0.013  624  ? r_bond_refined_d               ? ? 
'X-RAY DIFFRACTION' ? 0.002  0.018  525  ? r_bond_other_d                 ? ? 
'X-RAY DIFFRACTION' ? 2.005  1.661  848  ? r_angle_refined_deg            ? ? 
'X-RAY DIFFRACTION' ? 1.491  1.594  1233 ? r_angle_other_deg              ? ? 
'X-RAY DIFFRACTION' ? 6.416  5.000  78   ? r_dihedral_angle_1_deg         ? ? 
'X-RAY DIFFRACTION' ? 35.417 24.474 38   ? r_dihedral_angle_2_deg         ? ? 
'X-RAY DIFFRACTION' ? 15.351 15.000 109  ? r_dihedral_angle_3_deg         ? ? 
'X-RAY DIFFRACTION' ? 13.818 15.000 5    ? r_dihedral_angle_4_deg         ? ? 
'X-RAY DIFFRACTION' ? 0.091  0.200  80   ? r_chiral_restr                 ? ? 
'X-RAY DIFFRACTION' ? 0.009  0.020  721  ? r_gen_planes_refined           ? ? 
'X-RAY DIFFRACTION' ? 0.002  0.020  128  ? r_gen_planes_other             ? ? 
'X-RAY DIFFRACTION' ? 0.282  0.200  129  ? r_nbd_refined                  ? ? 
'X-RAY DIFFRACTION' ? 0.208  0.200  516  ? r_symmetry_nbd_other           ? ? 
'X-RAY DIFFRACTION' ? 0.168  0.200  285  ? r_nbtor_refined                ? ? 
'X-RAY DIFFRACTION' ? 0.083  0.200  302  ? r_symmetry_nbtor_other         ? ? 
'X-RAY DIFFRACTION' ? 0.092  0.200  16   ? r_xyhbond_nbd_refined          ? ? 
'X-RAY DIFFRACTION' ? 0.239  0.200  24   ? r_symmetry_nbd_refined         ? ? 
'X-RAY DIFFRACTION' ? 0.229  0.200  52   ? r_nbd_other                    ? ? 
'X-RAY DIFFRACTION' ? 0.184  0.200  3    ? r_symmetry_xyhbond_nbd_refined ? ? 
'X-RAY DIFFRACTION' ? 1.323  1.211  299  ? r_mcbond_it                    ? ? 
'X-RAY DIFFRACTION' ? 1.321  1.214  300  ? r_mcbond_other                 ? ? 
'X-RAY DIFFRACTION' ? 1.937  1.820  376  ? r_mcangle_it                   ? ? 
'X-RAY DIFFRACTION' ? 1.925  1.820  376  ? r_mcangle_other                ? ? 
'X-RAY DIFFRACTION' ? 1.771  1.375  325  ? r_scbond_it                    ? ? 
'X-RAY DIFFRACTION' ? 1.769  1.376  326  ? r_scbond_other                 ? ? 
'X-RAY DIFFRACTION' ? 2.700  1.991  470  ? r_scangle_it                   ? ? 
'X-RAY DIFFRACTION' ? 2.698  1.992  471  ? r_scangle_other                ? ? 
'X-RAY DIFFRACTION' ? 4.516  14.492 681  ? r_lrange_it                    ? ? 
'X-RAY DIFFRACTION' ? 4.457  14.198 674  ? r_lrange_other                 ? ? 
# 
loop_
_refine_ls_shell.pdbx_refine_id 
_refine_ls_shell.d_res_high 
_refine_ls_shell.d_res_low 
_refine_ls_shell.number_reflns_all 
_refine_ls_shell.number_reflns_obs 
_refine_ls_shell.number_reflns_R_free 
_refine_ls_shell.number_reflns_R_work 
_refine_ls_shell.percent_reflns_obs 
_refine_ls_shell.percent_reflns_R_free 
_refine_ls_shell.R_factor_all 
_refine_ls_shell.R_factor_obs 
_refine_ls_shell.R_factor_R_free 
_refine_ls_shell.R_factor_R_free_error 
_refine_ls_shell.R_factor_R_work 
_refine_ls_shell.redundancy_reflns_all 
_refine_ls_shell.redundancy_reflns_obs 
_refine_ls_shell.wR_factor_all 
_refine_ls_shell.wR_factor_obs 
_refine_ls_shell.wR_factor_R_free 
_refine_ls_shell.wR_factor_R_work 
_refine_ls_shell.pdbx_R_complete 
_refine_ls_shell.pdbx_total_number_of_bins_used 
_refine_ls_shell.pdbx_phase_error 
_refine_ls_shell.pdbx_fsc_work 
_refine_ls_shell.pdbx_fsc_free 
'X-RAY DIFFRACTION' 1.603 1.644  646 . 26 620 100.0000 . 0.192 . 0.209 . 0.191 . . . . . 0.161 . 20 . . . 
'X-RAY DIFFRACTION' 1.644 1.689  617 . 34 583 100.0000 . 0.210 . 0.306 . 0.205 . . . . . 0.169 . 20 . . . 
'X-RAY DIFFRACTION' 1.689 1.738  611 . 27 584 100.0000 . 0.204 . 0.238 . 0.203 . . . . . 0.164 . 20 . . . 
'X-RAY DIFFRACTION' 1.738 1.791  592 . 27 565 100.0000 . 0.194 . 0.211 . 0.193 . . . . . 0.162 . 20 . . . 
'X-RAY DIFFRACTION' 1.791 1.850  577 . 44 533 100.0000 . 0.187 . 0.213 . 0.185 . . . . . 0.153 . 20 . . . 
'X-RAY DIFFRACTION' 1.850 1.914  562 . 25 537 100.0000 . 0.207 . 0.230 . 0.206 . . . . . 0.175 . 20 . . . 
'X-RAY DIFFRACTION' 1.914 1.986  523 . 14 509 100.0000 . 0.187 . 0.214 . 0.186 . . . . . 0.161 . 20 . . . 
'X-RAY DIFFRACTION' 1.986 2.066  527 . 27 500 100.0000 . 0.200 . 0.165 . 0.203 . . . . . 0.179 . 20 . . . 
'X-RAY DIFFRACTION' 2.066 2.157  501 . 25 476 100.0000 . 0.191 . 0.303 . 0.185 . . . . . 0.160 . 20 . . . 
'X-RAY DIFFRACTION' 2.157 2.262  473 . 14 459 100.0000 . 0.193 . 0.149 . 0.194 . . . . . 0.180 . 20 . . . 
'X-RAY DIFFRACTION' 2.262 2.383  455 . 16 439 100.0000 . 0.209 . 0.174 . 0.210 . . . . . 0.194 . 20 . . . 
'X-RAY DIFFRACTION' 2.383 2.526  427 . 19 408 100.0000 . 0.201 . 0.252 . 0.199 . . . . . 0.182 . 20 . . . 
'X-RAY DIFFRACTION' 2.526 2.698  400 . 22 378 100.0000 . 0.228 . 0.236 . 0.227 . . . . . 0.211 . 20 . . . 
'X-RAY DIFFRACTION' 2.698 2.911  376 . 21 355 100.0000 . 0.210 . 0.244 . 0.208 . . . . . 0.203 . 20 . . . 
'X-RAY DIFFRACTION' 2.911 3.184  356 . 9  347 100.0000 . 0.194 . 0.209 . 0.193 . . . . . 0.198 . 20 . . . 
'X-RAY DIFFRACTION' 3.184 3.551  320 . 15 305 100.0000 . 0.174 . 0.190 . 0.173 . . . . . 0.183 . 20 . . . 
'X-RAY DIFFRACTION' 3.551 4.085  279 . 17 262 100.0000 . 0.157 . 0.190 . 0.155 . . . . . 0.172 . 20 . . . 
'X-RAY DIFFRACTION' 4.085 4.965  238 . 17 221 100.0000 . 0.139 . 0.172 . 0.137 . . . . . 0.170 . 20 . . . 
'X-RAY DIFFRACTION' 4.965 6.867  193 . 8  185 100.0000 . 0.236 . 0.324 . 0.232 . . . . . 0.257 . 20 . . . 
'X-RAY DIFFRACTION' 6.867 23.301 121 . 4  117 100.0000 . 0.252 . 0.288 . 0.251 . . . . . 0.297 . 20 . . . 
# 
_struct.entry_id                     6V41 
_struct.title                        'crystal structure of CDY1 chromodomain bound to H3K9me3' 
_struct.pdbx_model_details           ? 
_struct.pdbx_formula_weight          ? 
_struct.pdbx_formula_weight_method   ? 
_struct.pdbx_model_type_details      ? 
_struct.pdbx_CASP_flag               N 
# 
_struct_keywords.entry_id        6V41 
_struct_keywords.text            'structural genomics consortium, SGC, TRANSFERASE' 
_struct_keywords.pdbx_keywords   TRANSFERASE 
# 
loop_
_struct_asym.id 
_struct_asym.pdbx_blank_PDB_chainid_flag 
_struct_asym.pdbx_modified 
_struct_asym.entity_id 
_struct_asym.details 
A N N 1 ? 
B N N 2 ? 
C N N 3 ? 
D N N 3 ? 
E N N 3 ? 
F N N 3 ? 
G N N 3 ? 
H N N 3 ? 
I N N 3 ? 
J N N 3 ? 
K N N 3 ? 
L N N 3 ? 
M N N 3 ? 
N N N 3 ? 
O N N 3 ? 
P N N 3 ? 
Q N N 3 ? 
R N N 3 ? 
S N N 3 ? 
T N N 3 ? 
U N N 3 ? 
V N N 3 ? 
W N N 4 ? 
X N N 4 ? 
# 
loop_
_struct_ref.id 
_struct_ref.db_name 
_struct_ref.db_code 
_struct_ref.pdbx_db_accession 
_struct_ref.pdbx_db_isoform 
_struct_ref.entity_id 
_struct_ref.pdbx_seq_one_letter_code 
_struct_ref.pdbx_align_begin 
1 UNP CDY1_HUMAN Q9Y6F8 Q9Y6F8-2 1 ASQEFEVEAIVDKRQDKNGNTQYLVRWKGYDKQDDTWEPEQHLMNCEKCVHDFNRRQTEKQK 2 
2 UNP H31_HUMAN  P68431 ?        2 ARTKQTARKSTGGKA                                                2 
# 
loop_
_struct_ref_seq.align_id 
_struct_ref_seq.ref_id 
_struct_ref_seq.pdbx_PDB_id_code 
_struct_ref_seq.pdbx_strand_id 
_struct_ref_seq.seq_align_beg 
_struct_ref_seq.pdbx_seq_align_beg_ins_code 
_struct_ref_seq.seq_align_end 
_struct_ref_seq.pdbx_seq_align_end_ins_code 
_struct_ref_seq.pdbx_db_accession 
_struct_ref_seq.db_align_beg 
_struct_ref_seq.pdbx_db_align_beg_ins_code 
_struct_ref_seq.db_align_end 
_struct_ref_seq.pdbx_db_align_end_ins_code 
_struct_ref_seq.pdbx_auth_seq_align_beg 
_struct_ref_seq.pdbx_auth_seq_align_end 
1 1 6V41 AAA 2 ? 63 ? Q9Y6F8 2 ? 63 ? 2 63 
2 2 6V41 QQQ 1 ? 15 ? P68431 2 ? 16 ? 1 15 
# 
_struct_ref_seq_dif.align_id                     1 
_struct_ref_seq_dif.pdbx_pdb_id_code             6V41 
_struct_ref_seq_dif.mon_id                       GLY 
_struct_ref_seq_dif.pdbx_pdb_strand_id           AAA 
_struct_ref_seq_dif.seq_num                      1 
_struct_ref_seq_dif.pdbx_pdb_ins_code            ? 
_struct_ref_seq_dif.pdbx_seq_db_name             UNP 
_struct_ref_seq_dif.pdbx_seq_db_accession_code   Q9Y6F8 
_struct_ref_seq_dif.db_mon_id                    ? 
_struct_ref_seq_dif.pdbx_seq_db_seq_num          ? 
_struct_ref_seq_dif.details                      'expression tag' 
_struct_ref_seq_dif.pdbx_auth_seq_num            1 
_struct_ref_seq_dif.pdbx_ordinal                 1 
# 
_pdbx_struct_assembly.id                   1 
_pdbx_struct_assembly.details              author_and_software_defined_assembly 
_pdbx_struct_assembly.method_details       PISA 
_pdbx_struct_assembly.oligomeric_details   dimeric 
_pdbx_struct_assembly.oligomeric_count     2 
# 
loop_
_pdbx_struct_assembly_prop.biol_id 
_pdbx_struct_assembly_prop.type 
_pdbx_struct_assembly_prop.value 
_pdbx_struct_assembly_prop.details 
1 'ABSA (A^2)' 1380 ? 
1 MORE         -9   ? 
1 'SSA (A^2)'  5160 ? 
# 
_pdbx_struct_assembly_gen.assembly_id       1 
_pdbx_struct_assembly_gen.oper_expression   1 
_pdbx_struct_assembly_gen.asym_id_list      A,B,C,D,E,F,G,H,I,J,K,L,M,N,O,P,Q,R,S,T,U,V,W,X 
# 
_pdbx_struct_assembly_auth_evidence.id                     1 
_pdbx_struct_assembly_auth_evidence.assembly_id            1 
_pdbx_struct_assembly_auth_evidence.experimental_support   homology 
_pdbx_struct_assembly_auth_evidence.details                ? 
# 
_pdbx_struct_oper_list.id                   1 
_pdbx_struct_oper_list.type                 'identity operation' 
_pdbx_struct_oper_list.name                 1_555 
_pdbx_struct_oper_list.symmetry_operation   x,y,z 
_pdbx_struct_oper_list.matrix[1][1]         1.0000000000 
_pdbx_struct_oper_list.matrix[1][2]         0.0000000000 
_pdbx_struct_oper_list.matrix[1][3]         0.0000000000 
_pdbx_struct_oper_list.vector[1]            0.0000000000 
_pdbx_struct_oper_list.matrix[2][1]         0.0000000000 
_pdbx_struct_oper_list.matrix[2][2]         1.0000000000 
_pdbx_struct_oper_list.matrix[2][3]         0.0000000000 
_pdbx_struct_oper_list.vector[2]            0.0000000000 
_pdbx_struct_oper_list.matrix[3][1]         0.0000000000 
_pdbx_struct_oper_list.matrix[3][2]         0.0000000000 
_pdbx_struct_oper_list.matrix[3][3]         1.0000000000 
_pdbx_struct_oper_list.vector[3]            0.0000000000 
# 
loop_
_struct_conf.conf_type_id 
_struct_conf.id 
_struct_conf.pdbx_PDB_helix_id 
_struct_conf.beg_label_comp_id 
_struct_conf.beg_label_asym_id 
_struct_conf.beg_label_seq_id 
_struct_conf.pdbx_beg_PDB_ins_code 
_struct_conf.end_label_comp_id 
_struct_conf.end_label_asym_id 
_struct_conf.end_label_seq_id 
_struct_conf.pdbx_end_PDB_ins_code 
_struct_conf.beg_auth_comp_id 
_struct_conf.beg_auth_asym_id 
_struct_conf.beg_auth_seq_id 
_struct_conf.end_auth_comp_id 
_struct_conf.end_auth_asym_id 
_struct_conf.end_auth_seq_id 
_struct_conf.pdbx_PDB_helix_class 
_struct_conf.details 
_struct_conf.pdbx_PDB_helix_length 
HELX_P HELX_P1 AA1 ASP A 32 ? ASP A 36 ? ASP AAA 32 ASP AAA 36 5 ? 5  
HELX_P HELX_P2 AA2 GLN A 42 ? MET A 45 ? GLN AAA 42 MET AAA 45 5 ? 4  
HELX_P HELX_P3 AA3 CYS A 47 ? GLN A 58 ? CYS AAA 47 GLN AAA 58 1 ? 12 
# 
_struct_conf_type.id          HELX_P 
_struct_conf_type.criteria    ? 
_struct_conf_type.reference   ? 
# 
loop_
_struct_conn.id 
_struct_conn.conn_type_id 
_struct_conn.pdbx_leaving_atom_flag 
_struct_conn.pdbx_PDB_id 
_struct_conn.ptnr1_label_asym_id 
_struct_conn.ptnr1_label_comp_id 
_struct_conn.ptnr1_label_seq_id 
_struct_conn.ptnr1_label_atom_id 
_struct_conn.pdbx_ptnr1_label_alt_id 
_struct_conn.pdbx_ptnr1_PDB_ins_code 
_struct_conn.pdbx_ptnr1_standard_comp_id 
_struct_conn.ptnr1_symmetry 
_struct_conn.ptnr2_label_asym_id 
_struct_conn.ptnr2_label_comp_id 
_struct_conn.ptnr2_label_seq_id 
_struct_conn.ptnr2_label_atom_id 
_struct_conn.pdbx_ptnr2_label_alt_id 
_struct_conn.pdbx_ptnr2_PDB_ins_code 
_struct_conn.ptnr1_auth_asym_id 
_struct_conn.ptnr1_auth_comp_id 
_struct_conn.ptnr1_auth_seq_id 
_struct_conn.ptnr2_auth_asym_id 
_struct_conn.ptnr2_auth_comp_id 
_struct_conn.ptnr2_auth_seq_id 
_struct_conn.ptnr2_symmetry 
_struct_conn.pdbx_ptnr3_label_atom_id 
_struct_conn.pdbx_ptnr3_label_seq_id 
_struct_conn.pdbx_ptnr3_label_comp_id 
_struct_conn.pdbx_ptnr3_label_asym_id 
_struct_conn.pdbx_ptnr3_label_alt_id 
_struct_conn.pdbx_ptnr3_PDB_ins_code 
_struct_conn.details 
_struct_conn.pdbx_dist_value 
_struct_conn.pdbx_value_order 
_struct_conn.pdbx_role 
disulf1 disulf ?    ? A CYS 47 SG A ? ? 1_555 A CYS 50 SG A ? AAA CYS 47 AAA CYS 50 1_555 ? ? ? ? ? ? ? 2.007 ? ? 
disulf2 disulf ?    ? A CYS 47 SG B ? ? 1_555 A CYS 50 SG B ? AAA CYS 47 AAA CYS 50 1_555 ? ? ? ? ? ? ? 2.022 ? ? 
covale1 covale both ? B ARG 8  C  ? ? ? 1_555 B M3L 9  N  ? ? QQQ ARG 8  QQQ M3L 9  1_555 ? ? ? ? ? ? ? 1.334 ? ? 
covale2 covale both ? B M3L 9  C  ? ? ? 1_555 B SER 10 N  ? ? QQQ M3L 9  QQQ SER 10 1_555 ? ? ? ? ? ? ? 1.325 ? ? 
# 
loop_
_struct_conn_type.id 
_struct_conn_type.criteria 
_struct_conn_type.reference 
disulf ? ? 
covale ? ? 
# 
loop_
_pdbx_modification_feature.ordinal 
_pdbx_modification_feature.label_comp_id 
_pdbx_modification_feature.label_asym_id 
_pdbx_modification_feature.label_seq_id 
_pdbx_modification_feature.label_alt_id 
_pdbx_modification_feature.modified_residue_label_comp_id 
_pdbx_modification_feature.modified_residue_label_asym_id 
_pdbx_modification_feature.modified_residue_label_seq_id 
_pdbx_modification_feature.modified_residue_label_alt_id 
_pdbx_modification_feature.auth_comp_id 
_pdbx_modification_feature.auth_asym_id 
_pdbx_modification_feature.auth_seq_id 
_pdbx_modification_feature.PDB_ins_code 
_pdbx_modification_feature.symmetry 
_pdbx_modification_feature.modified_residue_auth_comp_id 
_pdbx_modification_feature.modified_residue_auth_asym_id 
_pdbx_modification_feature.modified_residue_auth_seq_id 
_pdbx_modification_feature.modified_residue_PDB_ins_code 
_pdbx_modification_feature.modified_residue_symmetry 
_pdbx_modification_feature.comp_id_linking_atom 
_pdbx_modification_feature.modified_residue_id_linking_atom 
_pdbx_modification_feature.modified_residue_id 
_pdbx_modification_feature.ref_pcm_id 
_pdbx_modification_feature.ref_comp_id 
_pdbx_modification_feature.type 
_pdbx_modification_feature.category 
1 M3L B 9  ? .   . .  . M3L QQQ 9  ? 1_555 .   .   .  . .     .  .  LYS 1 M3L Methylation 'Named protein modification' 
2 CYS A 47 A CYS A 50 A CYS AAA 47 ? 1_555 CYS AAA 50 ? 1_555 SG SG .   . .   None        'Disulfide bridge'           
3 CYS A 47 B CYS A 50 B CYS AAA 47 ? 1_555 CYS AAA 50 ? 1_555 SG SG .   . .   None        'Disulfide bridge'           
# 
_struct_sheet.id               AA1 
_struct_sheet.type             ? 
_struct_sheet.number_strands   4 
_struct_sheet.details          ? 
# 
loop_
_struct_sheet_order.sheet_id 
_struct_sheet_order.range_id_1 
_struct_sheet_order.range_id_2 
_struct_sheet_order.offset 
_struct_sheet_order.sense 
AA1 1 2 ? anti-parallel 
AA1 2 3 ? anti-parallel 
AA1 3 4 ? anti-parallel 
# 
loop_
_struct_sheet_range.sheet_id 
_struct_sheet_range.id 
_struct_sheet_range.beg_label_comp_id 
_struct_sheet_range.beg_label_asym_id 
_struct_sheet_range.beg_label_seq_id 
_struct_sheet_range.pdbx_beg_PDB_ins_code 
_struct_sheet_range.end_label_comp_id 
_struct_sheet_range.end_label_asym_id 
_struct_sheet_range.end_label_seq_id 
_struct_sheet_range.pdbx_end_PDB_ins_code 
_struct_sheet_range.beg_auth_comp_id 
_struct_sheet_range.beg_auth_asym_id 
_struct_sheet_range.beg_auth_seq_id 
_struct_sheet_range.end_auth_comp_id 
_struct_sheet_range.end_auth_asym_id 
_struct_sheet_range.end_auth_seq_id 
AA1 1 THR A 37 ? PRO A 40 ? THR AAA 37 PRO AAA 40 
AA1 2 THR A 22 ? TRP A 28 ? THR AAA 22 TRP AAA 28 
AA1 3 GLU A 5  ? GLN A 16 ? GLU AAA 5  GLN AAA 16 
AA1 4 THR B 6  ? ARG B 8  ? THR QQQ 6  ARG QQQ 8  
# 
loop_
_pdbx_struct_sheet_hbond.sheet_id 
_pdbx_struct_sheet_hbond.range_id_1 
_pdbx_struct_sheet_hbond.range_id_2 
_pdbx_struct_sheet_hbond.range_1_label_atom_id 
_pdbx_struct_sheet_hbond.range_1_label_comp_id 
_pdbx_struct_sheet_hbond.range_1_label_asym_id 
_pdbx_struct_sheet_hbond.range_1_label_seq_id 
_pdbx_struct_sheet_hbond.range_1_PDB_ins_code 
_pdbx_struct_sheet_hbond.range_1_auth_atom_id 
_pdbx_struct_sheet_hbond.range_1_auth_comp_id 
_pdbx_struct_sheet_hbond.range_1_auth_asym_id 
_pdbx_struct_sheet_hbond.range_1_auth_seq_id 
_pdbx_struct_sheet_hbond.range_2_label_atom_id 
_pdbx_struct_sheet_hbond.range_2_label_comp_id 
_pdbx_struct_sheet_hbond.range_2_label_asym_id 
_pdbx_struct_sheet_hbond.range_2_label_seq_id 
_pdbx_struct_sheet_hbond.range_2_PDB_ins_code 
_pdbx_struct_sheet_hbond.range_2_auth_atom_id 
_pdbx_struct_sheet_hbond.range_2_auth_comp_id 
_pdbx_struct_sheet_hbond.range_2_auth_asym_id 
_pdbx_struct_sheet_hbond.range_2_auth_seq_id 
AA1 1 2 O GLU A 39 ? O GLU AAA 39 N TYR A 24 ? N TYR AAA 24 
AA1 2 3 O ARG A 27 ? O ARG AAA 27 N ALA A 10 ? N ALA AAA 10 
AA1 3 4 N PHE A 6  ? N PHE AAA 6  O ALA B 7  ? O ALA QQQ 7  
# 
_pdbx_entry_details.entry_id                   6V41 
_pdbx_entry_details.has_ligand_of_interest     Y 
_pdbx_entry_details.compound_details           ? 
_pdbx_entry_details.source_details             ? 
_pdbx_entry_details.nonpolymer_details         ? 
_pdbx_entry_details.sequence_details           ? 
_pdbx_entry_details.has_protein_modification   Y 
# 
_pdbx_validate_rmsd_angle.id                         1 
_pdbx_validate_rmsd_angle.PDB_model_num              1 
_pdbx_validate_rmsd_angle.auth_atom_id_1             CA 
_pdbx_validate_rmsd_angle.auth_asym_id_1             AAA 
_pdbx_validate_rmsd_angle.auth_comp_id_1             CYS 
_pdbx_validate_rmsd_angle.auth_seq_id_1              47 
_pdbx_validate_rmsd_angle.PDB_ins_code_1             ? 
_pdbx_validate_rmsd_angle.label_alt_id_1             B 
_pdbx_validate_rmsd_angle.auth_atom_id_2             CB 
_pdbx_validate_rmsd_angle.auth_asym_id_2             AAA 
_pdbx_validate_rmsd_angle.auth_comp_id_2             CYS 
_pdbx_validate_rmsd_angle.auth_seq_id_2              47 
_pdbx_validate_rmsd_angle.PDB_ins_code_2             ? 
_pdbx_validate_rmsd_angle.label_alt_id_2             B 
_pdbx_validate_rmsd_angle.auth_atom_id_3             SG 
_pdbx_validate_rmsd_angle.auth_asym_id_3             AAA 
_pdbx_validate_rmsd_angle.auth_comp_id_3             CYS 
_pdbx_validate_rmsd_angle.auth_seq_id_3              47 
_pdbx_validate_rmsd_angle.PDB_ins_code_3             ? 
_pdbx_validate_rmsd_angle.label_alt_id_3             B 
_pdbx_validate_rmsd_angle.angle_value                99.94 
_pdbx_validate_rmsd_angle.angle_target_value         114.00 
_pdbx_validate_rmsd_angle.angle_deviation            -14.06 
_pdbx_validate_rmsd_angle.angle_standard_deviation   1.80 
_pdbx_validate_rmsd_angle.linker_flag                N 
# 
_pdbx_SG_project.id                    1 
_pdbx_SG_project.project_name          ? 
_pdbx_SG_project.full_name_of_center   'Structural Genomics Consortium' 
_pdbx_SG_project.initial_of_center     SGC 
# 
_pdbx_struct_mod_residue.id               1 
_pdbx_struct_mod_residue.label_asym_id    B 
_pdbx_struct_mod_residue.label_comp_id    M3L 
_pdbx_struct_mod_residue.label_seq_id     9 
_pdbx_struct_mod_residue.auth_asym_id     QQQ 
_pdbx_struct_mod_residue.auth_comp_id     M3L 
_pdbx_struct_mod_residue.auth_seq_id      9 
_pdbx_struct_mod_residue.PDB_ins_code     ? 
_pdbx_struct_mod_residue.parent_comp_id   LYS 
_pdbx_struct_mod_residue.details          'modified residue' 
# 
loop_
_pdbx_refine_tls.id 
_pdbx_refine_tls.pdbx_refine_id 
_pdbx_refine_tls.details 
_pdbx_refine_tls.method 
_pdbx_refine_tls.origin_x 
_pdbx_refine_tls.origin_y 
_pdbx_refine_tls.origin_z 
_pdbx_refine_tls.T[1][1] 
_pdbx_refine_tls.T[1][1]_esd 
_pdbx_refine_tls.T[1][2] 
_pdbx_refine_tls.T[1][2]_esd 
_pdbx_refine_tls.T[1][3] 
_pdbx_refine_tls.T[1][3]_esd 
_pdbx_refine_tls.T[2][2] 
_pdbx_refine_tls.T[2][2]_esd 
_pdbx_refine_tls.T[2][3] 
_pdbx_refine_tls.T[2][3]_esd 
_pdbx_refine_tls.T[3][3] 
_pdbx_refine_tls.T[3][3]_esd 
_pdbx_refine_tls.L[1][1] 
_pdbx_refine_tls.L[1][1]_esd 
_pdbx_refine_tls.L[1][2] 
_pdbx_refine_tls.L[1][2]_esd 
_pdbx_refine_tls.L[1][3] 
_pdbx_refine_tls.L[1][3]_esd 
_pdbx_refine_tls.L[2][2] 
_pdbx_refine_tls.L[2][2]_esd 
_pdbx_refine_tls.L[2][3] 
_pdbx_refine_tls.L[2][3]_esd 
_pdbx_refine_tls.L[3][3] 
_pdbx_refine_tls.L[3][3]_esd 
_pdbx_refine_tls.S[1][1] 
_pdbx_refine_tls.S[1][1]_esd 
_pdbx_refine_tls.S[1][2] 
_pdbx_refine_tls.S[1][2]_esd 
_pdbx_refine_tls.S[1][3] 
_pdbx_refine_tls.S[1][3]_esd 
_pdbx_refine_tls.S[2][1] 
_pdbx_refine_tls.S[2][1]_esd 
_pdbx_refine_tls.S[2][2] 
_pdbx_refine_tls.S[2][2]_esd 
_pdbx_refine_tls.S[2][3] 
_pdbx_refine_tls.S[2][3]_esd 
_pdbx_refine_tls.S[3][1] 
_pdbx_refine_tls.S[3][1]_esd 
_pdbx_refine_tls.S[3][2] 
_pdbx_refine_tls.S[3][2]_esd 
_pdbx_refine_tls.S[3][3] 
_pdbx_refine_tls.S[3][3]_esd 
1 'X-RAY DIFFRACTION' ? refined 0.3503 -1.6226 0.6535  0.0160 ? -0.0106 ? -0.0244 ? 0.0523 ? 0.0282 ? 0.0460 ? 1.5576 ? -0.3519 ? -0.1497 ? 4.7704 ? -1.3074 ? 4.9043  ? 0.0359  ? -0.0098 ? 0.0084 ? -0.2685 ? 0.1420 ? 0.4353 ? 0.1277  ? -0.3187 ? -0.1779 ? 
2 'X-RAY DIFFRACTION' ? refined 2.3269 6.9237  -3.2354 0.0887 ? -0.0298 ? 0.0479  ? 0.0601 ? 0.0220 ? 0.0634 ? 1.6442 ? -1.8251 ? 3.5625  ? 2.6177 ? -1.9739 ? 14.6092 ? -0.0707 ? -0.0196 ? 0.0146 ? 0.0909  ? 0.0113 ? 0.0287 ? -0.2113 ? -0.1407 ? 0.0593  ? 
# 
loop_
_pdbx_refine_tls_group.id 
_pdbx_refine_tls_group.pdbx_refine_id 
_pdbx_refine_tls_group.refine_tls_id 
_pdbx_refine_tls_group.beg_label_asym_id 
_pdbx_refine_tls_group.beg_label_seq_id 
_pdbx_refine_tls_group.beg_auth_asym_id 
_pdbx_refine_tls_group.beg_auth_seq_id 
_pdbx_refine_tls_group.end_label_asym_id 
_pdbx_refine_tls_group.end_label_seq_id 
_pdbx_refine_tls_group.end_auth_asym_id 
_pdbx_refine_tls_group.end_auth_seq_id 
_pdbx_refine_tls_group.selection 
_pdbx_refine_tls_group.selection_details 
1 'X-RAY DIFFRACTION' 1 ? ? AAA 2 ? ? AAA 62 ALL ? 
2 'X-RAY DIFFRACTION' 2 ? ? QQQ 1 ? ? QQQ 12 ALL ? 
# 
loop_
_pdbx_unobs_or_zero_occ_residues.id 
_pdbx_unobs_or_zero_occ_residues.PDB_model_num 
_pdbx_unobs_or_zero_occ_residues.polymer_flag 
_pdbx_unobs_or_zero_occ_residues.occupancy_flag 
_pdbx_unobs_or_zero_occ_residues.auth_asym_id 
_pdbx_unobs_or_zero_occ_residues.auth_comp_id 
_pdbx_unobs_or_zero_occ_residues.auth_seq_id 
_pdbx_unobs_or_zero_occ_residues.PDB_ins_code 
_pdbx_unobs_or_zero_occ_residues.label_asym_id 
_pdbx_unobs_or_zero_occ_residues.label_comp_id 
_pdbx_unobs_or_zero_occ_residues.label_seq_id 
1 1 Y 1 AAA GLY 1  ? A GLY 1  
2 1 Y 1 AAA LYS 63 ? A LYS 63 
3 1 Y 1 QQQ GLY 13 ? B GLY 13 
4 1 Y 1 QQQ LYS 14 ? B LYS 14 
5 1 Y 1 QQQ ALA 15 ? B ALA 15 
# 
loop_
_chem_comp_atom.comp_id 
_chem_comp_atom.atom_id 
_chem_comp_atom.type_symbol 
_chem_comp_atom.pdbx_aromatic_flag 
_chem_comp_atom.pdbx_stereo_config 
_chem_comp_atom.pdbx_ordinal 
ALA N    N N N 1   
ALA CA   C N S 2   
ALA C    C N N 3   
ALA O    O N N 4   
ALA CB   C N N 5   
ALA OXT  O N N 6   
ALA H    H N N 7   
ALA H2   H N N 8   
ALA HA   H N N 9   
ALA HB1  H N N 10  
ALA HB2  H N N 11  
ALA HB3  H N N 12  
ALA HXT  H N N 13  
ARG N    N N N 14  
ARG CA   C N S 15  
ARG C    C N N 16  
ARG O    O N N 17  
ARG CB   C N N 18  
ARG CG   C N N 19  
ARG CD   C N N 20  
ARG NE   N N N 21  
ARG CZ   C N N 22  
ARG NH1  N N N 23  
ARG NH2  N N N 24  
ARG OXT  O N N 25  
ARG H    H N N 26  
ARG H2   H N N 27  
ARG HA   H N N 28  
ARG HB2  H N N 29  
ARG HB3  H N N 30  
ARG HG2  H N N 31  
ARG HG3  H N N 32  
ARG HD2  H N N 33  
ARG HD3  H N N 34  
ARG HE   H N N 35  
ARG HH11 H N N 36  
ARG HH12 H N N 37  
ARG HH21 H N N 38  
ARG HH22 H N N 39  
ARG HXT  H N N 40  
ASN N    N N N 41  
ASN CA   C N S 42  
ASN C    C N N 43  
ASN O    O N N 44  
ASN CB   C N N 45  
ASN CG   C N N 46  
ASN OD1  O N N 47  
ASN ND2  N N N 48  
ASN OXT  O N N 49  
ASN H    H N N 50  
ASN H2   H N N 51  
ASN HA   H N N 52  
ASN HB2  H N N 53  
ASN HB3  H N N 54  
ASN HD21 H N N 55  
ASN HD22 H N N 56  
ASN HXT  H N N 57  
ASP N    N N N 58  
ASP CA   C N S 59  
ASP C    C N N 60  
ASP O    O N N 61  
ASP CB   C N N 62  
ASP CG   C N N 63  
ASP OD1  O N N 64  
ASP OD2  O N N 65  
ASP OXT  O N N 66  
ASP H    H N N 67  
ASP H2   H N N 68  
ASP HA   H N N 69  
ASP HB2  H N N 70  
ASP HB3  H N N 71  
ASP HD2  H N N 72  
ASP HXT  H N N 73  
CYS N    N N N 74  
CYS CA   C N R 75  
CYS C    C N N 76  
CYS O    O N N 77  
CYS CB   C N N 78  
CYS SG   S N N 79  
CYS OXT  O N N 80  
CYS H    H N N 81  
CYS H2   H N N 82  
CYS HA   H N N 83  
CYS HB2  H N N 84  
CYS HB3  H N N 85  
CYS HG   H N N 86  
CYS HXT  H N N 87  
GLN N    N N N 88  
GLN CA   C N S 89  
GLN C    C N N 90  
GLN O    O N N 91  
GLN CB   C N N 92  
GLN CG   C N N 93  
GLN CD   C N N 94  
GLN OE1  O N N 95  
GLN NE2  N N N 96  
GLN OXT  O N N 97  
GLN H    H N N 98  
GLN H2   H N N 99  
GLN HA   H N N 100 
GLN HB2  H N N 101 
GLN HB3  H N N 102 
GLN HG2  H N N 103 
GLN HG3  H N N 104 
GLN HE21 H N N 105 
GLN HE22 H N N 106 
GLN HXT  H N N 107 
GLU N    N N N 108 
GLU CA   C N S 109 
GLU C    C N N 110 
GLU O    O N N 111 
GLU CB   C N N 112 
GLU CG   C N N 113 
GLU CD   C N N 114 
GLU OE1  O N N 115 
GLU OE2  O N N 116 
GLU OXT  O N N 117 
GLU H    H N N 118 
GLU H2   H N N 119 
GLU HA   H N N 120 
GLU HB2  H N N 121 
GLU HB3  H N N 122 
GLU HG2  H N N 123 
GLU HG3  H N N 124 
GLU HE2  H N N 125 
GLU HXT  H N N 126 
GLY N    N N N 127 
GLY CA   C N N 128 
GLY C    C N N 129 
GLY O    O N N 130 
GLY OXT  O N N 131 
GLY H    H N N 132 
GLY H2   H N N 133 
GLY HA2  H N N 134 
GLY HA3  H N N 135 
GLY HXT  H N N 136 
HIS N    N N N 137 
HIS CA   C N S 138 
HIS C    C N N 139 
HIS O    O N N 140 
HIS CB   C N N 141 
HIS CG   C Y N 142 
HIS ND1  N Y N 143 
HIS CD2  C Y N 144 
HIS CE1  C Y N 145 
HIS NE2  N Y N 146 
HIS OXT  O N N 147 
HIS H    H N N 148 
HIS H2   H N N 149 
HIS HA   H N N 150 
HIS HB2  H N N 151 
HIS HB3  H N N 152 
HIS HD1  H N N 153 
HIS HD2  H N N 154 
HIS HE1  H N N 155 
HIS HE2  H N N 156 
HIS HXT  H N N 157 
HOH O    O N N 158 
HOH H1   H N N 159 
HOH H2   H N N 160 
ILE N    N N N 161 
ILE CA   C N S 162 
ILE C    C N N 163 
ILE O    O N N 164 
ILE CB   C N S 165 
ILE CG1  C N N 166 
ILE CG2  C N N 167 
ILE CD1  C N N 168 
ILE OXT  O N N 169 
ILE H    H N N 170 
ILE H2   H N N 171 
ILE HA   H N N 172 
ILE HB   H N N 173 
ILE HG12 H N N 174 
ILE HG13 H N N 175 
ILE HG21 H N N 176 
ILE HG22 H N N 177 
ILE HG23 H N N 178 
ILE HD11 H N N 179 
ILE HD12 H N N 180 
ILE HD13 H N N 181 
ILE HXT  H N N 182 
LEU N    N N N 183 
LEU CA   C N S 184 
LEU C    C N N 185 
LEU O    O N N 186 
LEU CB   C N N 187 
LEU CG   C N N 188 
LEU CD1  C N N 189 
LEU CD2  C N N 190 
LEU OXT  O N N 191 
LEU H    H N N 192 
LEU H2   H N N 193 
LEU HA   H N N 194 
LEU HB2  H N N 195 
LEU HB3  H N N 196 
LEU HG   H N N 197 
LEU HD11 H N N 198 
LEU HD12 H N N 199 
LEU HD13 H N N 200 
LEU HD21 H N N 201 
LEU HD22 H N N 202 
LEU HD23 H N N 203 
LEU HXT  H N N 204 
LYS N    N N N 205 
LYS CA   C N S 206 
LYS C    C N N 207 
LYS O    O N N 208 
LYS CB   C N N 209 
LYS CG   C N N 210 
LYS CD   C N N 211 
LYS CE   C N N 212 
LYS NZ   N N N 213 
LYS OXT  O N N 214 
LYS H    H N N 215 
LYS H2   H N N 216 
LYS HA   H N N 217 
LYS HB2  H N N 218 
LYS HB3  H N N 219 
LYS HG2  H N N 220 
LYS HG3  H N N 221 
LYS HD2  H N N 222 
LYS HD3  H N N 223 
LYS HE2  H N N 224 
LYS HE3  H N N 225 
LYS HZ1  H N N 226 
LYS HZ2  H N N 227 
LYS HZ3  H N N 228 
LYS HXT  H N N 229 
M3L N    N N N 230 
M3L CA   C N S 231 
M3L CB   C N N 232 
M3L CG   C N N 233 
M3L CD   C N N 234 
M3L CE   C N N 235 
M3L NZ   N N N 236 
M3L C    C N N 237 
M3L O    O N N 238 
M3L OXT  O N N 239 
M3L CM1  C N N 240 
M3L CM2  C N N 241 
M3L CM3  C N N 242 
M3L H    H N N 243 
M3L H2   H N N 244 
M3L HA   H N N 245 
M3L HB2  H N N 246 
M3L HB3  H N N 247 
M3L HG2  H N N 248 
M3L HG3  H N N 249 
M3L HD2  H N N 250 
M3L HD3  H N N 251 
M3L HE2  H N N 252 
M3L HE3  H N N 253 
M3L HXT  H N N 254 
M3L HM11 H N N 255 
M3L HM12 H N N 256 
M3L HM13 H N N 257 
M3L HM21 H N N 258 
M3L HM22 H N N 259 
M3L HM23 H N N 260 
M3L HM31 H N N 261 
M3L HM32 H N N 262 
M3L HM33 H N N 263 
MET N    N N N 264 
MET CA   C N S 265 
MET C    C N N 266 
MET O    O N N 267 
MET CB   C N N 268 
MET CG   C N N 269 
MET SD   S N N 270 
MET CE   C N N 271 
MET OXT  O N N 272 
MET H    H N N 273 
MET H2   H N N 274 
MET HA   H N N 275 
MET HB2  H N N 276 
MET HB3  H N N 277 
MET HG2  H N N 278 
MET HG3  H N N 279 
MET HE1  H N N 280 
MET HE2  H N N 281 
MET HE3  H N N 282 
MET HXT  H N N 283 
PHE N    N N N 284 
PHE CA   C N S 285 
PHE C    C N N 286 
PHE O    O N N 287 
PHE CB   C N N 288 
PHE CG   C Y N 289 
PHE CD1  C Y N 290 
PHE CD2  C Y N 291 
PHE CE1  C Y N 292 
PHE CE2  C Y N 293 
PHE CZ   C Y N 294 
PHE OXT  O N N 295 
PHE H    H N N 296 
PHE H2   H N N 297 
PHE HA   H N N 298 
PHE HB2  H N N 299 
PHE HB3  H N N 300 
PHE HD1  H N N 301 
PHE HD2  H N N 302 
PHE HE1  H N N 303 
PHE HE2  H N N 304 
PHE HZ   H N N 305 
PHE HXT  H N N 306 
PRO N    N N N 307 
PRO CA   C N S 308 
PRO C    C N N 309 
PRO O    O N N 310 
PRO CB   C N N 311 
PRO CG   C N N 312 
PRO CD   C N N 313 
PRO OXT  O N N 314 
PRO H    H N N 315 
PRO HA   H N N 316 
PRO HB2  H N N 317 
PRO HB3  H N N 318 
PRO HG2  H N N 319 
PRO HG3  H N N 320 
PRO HD2  H N N 321 
PRO HD3  H N N 322 
PRO HXT  H N N 323 
SER N    N N N 324 
SER CA   C N S 325 
SER C    C N N 326 
SER O    O N N 327 
SER CB   C N N 328 
SER OG   O N N 329 
SER OXT  O N N 330 
SER H    H N N 331 
SER H2   H N N 332 
SER HA   H N N 333 
SER HB2  H N N 334 
SER HB3  H N N 335 
SER HG   H N N 336 
SER HXT  H N N 337 
THR N    N N N 338 
THR CA   C N S 339 
THR C    C N N 340 
THR O    O N N 341 
THR CB   C N R 342 
THR OG1  O N N 343 
THR CG2  C N N 344 
THR OXT  O N N 345 
THR H    H N N 346 
THR H2   H N N 347 
THR HA   H N N 348 
THR HB   H N N 349 
THR HG1  H N N 350 
THR HG21 H N N 351 
THR HG22 H N N 352 
THR HG23 H N N 353 
THR HXT  H N N 354 
TRP N    N N N 355 
TRP CA   C N S 356 
TRP C    C N N 357 
TRP O    O N N 358 
TRP CB   C N N 359 
TRP CG   C Y N 360 
TRP CD1  C Y N 361 
TRP CD2  C Y N 362 
TRP NE1  N Y N 363 
TRP CE2  C Y N 364 
TRP CE3  C Y N 365 
TRP CZ2  C Y N 366 
TRP CZ3  C Y N 367 
TRP CH2  C Y N 368 
TRP OXT  O N N 369 
TRP H    H N N 370 
TRP H2   H N N 371 
TRP HA   H N N 372 
TRP HB2  H N N 373 
TRP HB3  H N N 374 
TRP HD1  H N N 375 
TRP HE1  H N N 376 
TRP HE3  H N N 377 
TRP HZ2  H N N 378 
TRP HZ3  H N N 379 
TRP HH2  H N N 380 
TRP HXT  H N N 381 
TYR N    N N N 382 
TYR CA   C N S 383 
TYR C    C N N 384 
TYR O    O N N 385 
TYR CB   C N N 386 
TYR CG   C Y N 387 
TYR CD1  C Y N 388 
TYR CD2  C Y N 389 
TYR CE1  C Y N 390 
TYR CE2  C Y N 391 
TYR CZ   C Y N 392 
TYR OH   O N N 393 
TYR OXT  O N N 394 
TYR H    H N N 395 
TYR H2   H N N 396 
TYR HA   H N N 397 
TYR HB2  H N N 398 
TYR HB3  H N N 399 
TYR HD1  H N N 400 
TYR HD2  H N N 401 
TYR HE1  H N N 402 
TYR HE2  H N N 403 
TYR HH   H N N 404 
TYR HXT  H N N 405 
VAL N    N N N 406 
VAL CA   C N S 407 
VAL C    C N N 408 
VAL O    O N N 409 
VAL CB   C N N 410 
VAL CG1  C N N 411 
VAL CG2  C N N 412 
VAL OXT  O N N 413 
VAL H    H N N 414 
VAL H2   H N N 415 
VAL HA   H N N 416 
VAL HB   H N N 417 
VAL HG11 H N N 418 
VAL HG12 H N N 419 
VAL HG13 H N N 420 
VAL HG21 H N N 421 
VAL HG22 H N N 422 
VAL HG23 H N N 423 
VAL HXT  H N N 424 
# 
loop_
_chem_comp_bond.comp_id 
_chem_comp_bond.atom_id_1 
_chem_comp_bond.atom_id_2 
_chem_comp_bond.value_order 
_chem_comp_bond.pdbx_aromatic_flag 
_chem_comp_bond.pdbx_stereo_config 
_chem_comp_bond.pdbx_ordinal 
ALA N   CA   sing N N 1   
ALA N   H    sing N N 2   
ALA N   H2   sing N N 3   
ALA CA  C    sing N N 4   
ALA CA  CB   sing N N 5   
ALA CA  HA   sing N N 6   
ALA C   O    doub N N 7   
ALA C   OXT  sing N N 8   
ALA CB  HB1  sing N N 9   
ALA CB  HB2  sing N N 10  
ALA CB  HB3  sing N N 11  
ALA OXT HXT  sing N N 12  
ARG N   CA   sing N N 13  
ARG N   H    sing N N 14  
ARG N   H2   sing N N 15  
ARG CA  C    sing N N 16  
ARG CA  CB   sing N N 17  
ARG CA  HA   sing N N 18  
ARG C   O    doub N N 19  
ARG C   OXT  sing N N 20  
ARG CB  CG   sing N N 21  
ARG CB  HB2  sing N N 22  
ARG CB  HB3  sing N N 23  
ARG CG  CD   sing N N 24  
ARG CG  HG2  sing N N 25  
ARG CG  HG3  sing N N 26  
ARG CD  NE   sing N N 27  
ARG CD  HD2  sing N N 28  
ARG CD  HD3  sing N N 29  
ARG NE  CZ   sing N N 30  
ARG NE  HE   sing N N 31  
ARG CZ  NH1  sing N N 32  
ARG CZ  NH2  doub N N 33  
ARG NH1 HH11 sing N N 34  
ARG NH1 HH12 sing N N 35  
ARG NH2 HH21 sing N N 36  
ARG NH2 HH22 sing N N 37  
ARG OXT HXT  sing N N 38  
ASN N   CA   sing N N 39  
ASN N   H    sing N N 40  
ASN N   H2   sing N N 41  
ASN CA  C    sing N N 42  
ASN CA  CB   sing N N 43  
ASN CA  HA   sing N N 44  
ASN C   O    doub N N 45  
ASN C   OXT  sing N N 46  
ASN CB  CG   sing N N 47  
ASN CB  HB2  sing N N 48  
ASN CB  HB3  sing N N 49  
ASN CG  OD1  doub N N 50  
ASN CG  ND2  sing N N 51  
ASN ND2 HD21 sing N N 52  
ASN ND2 HD22 sing N N 53  
ASN OXT HXT  sing N N 54  
ASP N   CA   sing N N 55  
ASP N   H    sing N N 56  
ASP N   H2   sing N N 57  
ASP CA  C    sing N N 58  
ASP CA  CB   sing N N 59  
ASP CA  HA   sing N N 60  
ASP C   O    doub N N 61  
ASP C   OXT  sing N N 62  
ASP CB  CG   sing N N 63  
ASP CB  HB2  sing N N 64  
ASP CB  HB3  sing N N 65  
ASP CG  OD1  doub N N 66  
ASP CG  OD2  sing N N 67  
ASP OD2 HD2  sing N N 68  
ASP OXT HXT  sing N N 69  
CYS N   CA   sing N N 70  
CYS N   H    sing N N 71  
CYS N   H2   sing N N 72  
CYS CA  C    sing N N 73  
CYS CA  CB   sing N N 74  
CYS CA  HA   sing N N 75  
CYS C   O    doub N N 76  
CYS C   OXT  sing N N 77  
CYS CB  SG   sing N N 78  
CYS CB  HB2  sing N N 79  
CYS CB  HB3  sing N N 80  
CYS SG  HG   sing N N 81  
CYS OXT HXT  sing N N 82  
GLN N   CA   sing N N 83  
GLN N   H    sing N N 84  
GLN N   H2   sing N N 85  
GLN CA  C    sing N N 86  
GLN CA  CB   sing N N 87  
GLN CA  HA   sing N N 88  
GLN C   O    doub N N 89  
GLN C   OXT  sing N N 90  
GLN CB  CG   sing N N 91  
GLN CB  HB2  sing N N 92  
GLN CB  HB3  sing N N 93  
GLN CG  CD   sing N N 94  
GLN CG  HG2  sing N N 95  
GLN CG  HG3  sing N N 96  
GLN CD  OE1  doub N N 97  
GLN CD  NE2  sing N N 98  
GLN NE2 HE21 sing N N 99  
GLN NE2 HE22 sing N N 100 
GLN OXT HXT  sing N N 101 
GLU N   CA   sing N N 102 
GLU N   H    sing N N 103 
GLU N   H2   sing N N 104 
GLU CA  C    sing N N 105 
GLU CA  CB   sing N N 106 
GLU CA  HA   sing N N 107 
GLU C   O    doub N N 108 
GLU C   OXT  sing N N 109 
GLU CB  CG   sing N N 110 
GLU CB  HB2  sing N N 111 
GLU CB  HB3  sing N N 112 
GLU CG  CD   sing N N 113 
GLU CG  HG2  sing N N 114 
GLU CG  HG3  sing N N 115 
GLU CD  OE1  doub N N 116 
GLU CD  OE2  sing N N 117 
GLU OE2 HE2  sing N N 118 
GLU OXT HXT  sing N N 119 
GLY N   CA   sing N N 120 
GLY N   H    sing N N 121 
GLY N   H2   sing N N 122 
GLY CA  C    sing N N 123 
GLY CA  HA2  sing N N 124 
GLY CA  HA3  sing N N 125 
GLY C   O    doub N N 126 
GLY C   OXT  sing N N 127 
GLY OXT HXT  sing N N 128 
HIS N   CA   sing N N 129 
HIS N   H    sing N N 130 
HIS N   H2   sing N N 131 
HIS CA  C    sing N N 132 
HIS CA  CB   sing N N 133 
HIS CA  HA   sing N N 134 
HIS C   O    doub N N 135 
HIS C   OXT  sing N N 136 
HIS CB  CG   sing N N 137 
HIS CB  HB2  sing N N 138 
HIS CB  HB3  sing N N 139 
HIS CG  ND1  sing Y N 140 
HIS CG  CD2  doub Y N 141 
HIS ND1 CE1  doub Y N 142 
HIS ND1 HD1  sing N N 143 
HIS CD2 NE2  sing Y N 144 
HIS CD2 HD2  sing N N 145 
HIS CE1 NE2  sing Y N 146 
HIS CE1 HE1  sing N N 147 
HIS NE2 HE2  sing N N 148 
HIS OXT HXT  sing N N 149 
HOH O   H1   sing N N 150 
HOH O   H2   sing N N 151 
ILE N   CA   sing N N 152 
ILE N   H    sing N N 153 
ILE N   H2   sing N N 154 
ILE CA  C    sing N N 155 
ILE CA  CB   sing N N 156 
ILE CA  HA   sing N N 157 
ILE C   O    doub N N 158 
ILE C   OXT  sing N N 159 
ILE CB  CG1  sing N N 160 
ILE CB  CG2  sing N N 161 
ILE CB  HB   sing N N 162 
ILE CG1 CD1  sing N N 163 
ILE CG1 HG12 sing N N 164 
ILE CG1 HG13 sing N N 165 
ILE CG2 HG21 sing N N 166 
ILE CG2 HG22 sing N N 167 
ILE CG2 HG23 sing N N 168 
ILE CD1 HD11 sing N N 169 
ILE CD1 HD12 sing N N 170 
ILE CD1 HD13 sing N N 171 
ILE OXT HXT  sing N N 172 
LEU N   CA   sing N N 173 
LEU N   H    sing N N 174 
LEU N   H2   sing N N 175 
LEU CA  C    sing N N 176 
LEU CA  CB   sing N N 177 
LEU CA  HA   sing N N 178 
LEU C   O    doub N N 179 
LEU C   OXT  sing N N 180 
LEU CB  CG   sing N N 181 
LEU CB  HB2  sing N N 182 
LEU CB  HB3  sing N N 183 
LEU CG  CD1  sing N N 184 
LEU CG  CD2  sing N N 185 
LEU CG  HG   sing N N 186 
LEU CD1 HD11 sing N N 187 
LEU CD1 HD12 sing N N 188 
LEU CD1 HD13 sing N N 189 
LEU CD2 HD21 sing N N 190 
LEU CD2 HD22 sing N N 191 
LEU CD2 HD23 sing N N 192 
LEU OXT HXT  sing N N 193 
LYS N   CA   sing N N 194 
LYS N   H    sing N N 195 
LYS N   H2   sing N N 196 
LYS CA  C    sing N N 197 
LYS CA  CB   sing N N 198 
LYS CA  HA   sing N N 199 
LYS C   O    doub N N 200 
LYS C   OXT  sing N N 201 
LYS CB  CG   sing N N 202 
LYS CB  HB2  sing N N 203 
LYS CB  HB3  sing N N 204 
LYS CG  CD   sing N N 205 
LYS CG  HG2  sing N N 206 
LYS CG  HG3  sing N N 207 
LYS CD  CE   sing N N 208 
LYS CD  HD2  sing N N 209 
LYS CD  HD3  sing N N 210 
LYS CE  NZ   sing N N 211 
LYS CE  HE2  sing N N 212 
LYS CE  HE3  sing N N 213 
LYS NZ  HZ1  sing N N 214 
LYS NZ  HZ2  sing N N 215 
LYS NZ  HZ3  sing N N 216 
LYS OXT HXT  sing N N 217 
M3L N   CA   sing N N 218 
M3L N   H    sing N N 219 
M3L N   H2   sing N N 220 
M3L CA  CB   sing N N 221 
M3L CA  C    sing N N 222 
M3L CA  HA   sing N N 223 
M3L CB  CG   sing N N 224 
M3L CB  HB2  sing N N 225 
M3L CB  HB3  sing N N 226 
M3L CG  CD   sing N N 227 
M3L CG  HG2  sing N N 228 
M3L CG  HG3  sing N N 229 
M3L CD  CE   sing N N 230 
M3L CD  HD2  sing N N 231 
M3L CD  HD3  sing N N 232 
M3L CE  NZ   sing N N 233 
M3L CE  HE2  sing N N 234 
M3L CE  HE3  sing N N 235 
M3L NZ  CM1  sing N N 236 
M3L NZ  CM2  sing N N 237 
M3L NZ  CM3  sing N N 238 
M3L C   O    doub N N 239 
M3L C   OXT  sing N N 240 
M3L OXT HXT  sing N N 241 
M3L CM1 HM11 sing N N 242 
M3L CM1 HM12 sing N N 243 
M3L CM1 HM13 sing N N 244 
M3L CM2 HM21 sing N N 245 
M3L CM2 HM22 sing N N 246 
M3L CM2 HM23 sing N N 247 
M3L CM3 HM31 sing N N 248 
M3L CM3 HM32 sing N N 249 
M3L CM3 HM33 sing N N 250 
MET N   CA   sing N N 251 
MET N   H    sing N N 252 
MET N   H2   sing N N 253 
MET CA  C    sing N N 254 
MET CA  CB   sing N N 255 
MET CA  HA   sing N N 256 
MET C   O    doub N N 257 
MET C   OXT  sing N N 258 
MET CB  CG   sing N N 259 
MET CB  HB2  sing N N 260 
MET CB  HB3  sing N N 261 
MET CG  SD   sing N N 262 
MET CG  HG2  sing N N 263 
MET CG  HG3  sing N N 264 
MET SD  CE   sing N N 265 
MET CE  HE1  sing N N 266 
MET CE  HE2  sing N N 267 
MET CE  HE3  sing N N 268 
MET OXT HXT  sing N N 269 
PHE N   CA   sing N N 270 
PHE N   H    sing N N 271 
PHE N   H2   sing N N 272 
PHE CA  C    sing N N 273 
PHE CA  CB   sing N N 274 
PHE CA  HA   sing N N 275 
PHE C   O    doub N N 276 
PHE C   OXT  sing N N 277 
PHE CB  CG   sing N N 278 
PHE CB  HB2  sing N N 279 
PHE CB  HB3  sing N N 280 
PHE CG  CD1  doub Y N 281 
PHE CG  CD2  sing Y N 282 
PHE CD1 CE1  sing Y N 283 
PHE CD1 HD1  sing N N 284 
PHE CD2 CE2  doub Y N 285 
PHE CD2 HD2  sing N N 286 
PHE CE1 CZ   doub Y N 287 
PHE CE1 HE1  sing N N 288 
PHE CE2 CZ   sing Y N 289 
PHE CE2 HE2  sing N N 290 
PHE CZ  HZ   sing N N 291 
PHE OXT HXT  sing N N 292 
PRO N   CA   sing N N 293 
PRO N   CD   sing N N 294 
PRO N   H    sing N N 295 
PRO CA  C    sing N N 296 
PRO CA  CB   sing N N 297 
PRO CA  HA   sing N N 298 
PRO C   O    doub N N 299 
PRO C   OXT  sing N N 300 
PRO CB  CG   sing N N 301 
PRO CB  HB2  sing N N 302 
PRO CB  HB3  sing N N 303 
PRO CG  CD   sing N N 304 
PRO CG  HG2  sing N N 305 
PRO CG  HG3  sing N N 306 
PRO CD  HD2  sing N N 307 
PRO CD  HD3  sing N N 308 
PRO OXT HXT  sing N N 309 
SER N   CA   sing N N 310 
SER N   H    sing N N 311 
SER N   H2   sing N N 312 
SER CA  C    sing N N 313 
SER CA  CB   sing N N 314 
SER CA  HA   sing N N 315 
SER C   O    doub N N 316 
SER C   OXT  sing N N 317 
SER CB  OG   sing N N 318 
SER CB  HB2  sing N N 319 
SER CB  HB3  sing N N 320 
SER OG  HG   sing N N 321 
SER OXT HXT  sing N N 322 
THR N   CA   sing N N 323 
THR N   H    sing N N 324 
THR N   H2   sing N N 325 
THR CA  C    sing N N 326 
THR CA  CB   sing N N 327 
THR CA  HA   sing N N 328 
THR C   O    doub N N 329 
THR C   OXT  sing N N 330 
THR CB  OG1  sing N N 331 
THR CB  CG2  sing N N 332 
THR CB  HB   sing N N 333 
THR OG1 HG1  sing N N 334 
THR CG2 HG21 sing N N 335 
THR CG2 HG22 sing N N 336 
THR CG2 HG23 sing N N 337 
THR OXT HXT  sing N N 338 
TRP N   CA   sing N N 339 
TRP N   H    sing N N 340 
TRP N   H2   sing N N 341 
TRP CA  C    sing N N 342 
TRP CA  CB   sing N N 343 
TRP CA  HA   sing N N 344 
TRP C   O    doub N N 345 
TRP C   OXT  sing N N 346 
TRP CB  CG   sing N N 347 
TRP CB  HB2  sing N N 348 
TRP CB  HB3  sing N N 349 
TRP CG  CD1  doub Y N 350 
TRP CG  CD2  sing Y N 351 
TRP CD1 NE1  sing Y N 352 
TRP CD1 HD1  sing N N 353 
TRP CD2 CE2  doub Y N 354 
TRP CD2 CE3  sing Y N 355 
TRP NE1 CE2  sing Y N 356 
TRP NE1 HE1  sing N N 357 
TRP CE2 CZ2  sing Y N 358 
TRP CE3 CZ3  doub Y N 359 
TRP CE3 HE3  sing N N 360 
TRP CZ2 CH2  doub Y N 361 
TRP CZ2 HZ2  sing N N 362 
TRP CZ3 CH2  sing Y N 363 
TRP CZ3 HZ3  sing N N 364 
TRP CH2 HH2  sing N N 365 
TRP OXT HXT  sing N N 366 
TYR N   CA   sing N N 367 
TYR N   H    sing N N 368 
TYR N   H2   sing N N 369 
TYR CA  C    sing N N 370 
TYR CA  CB   sing N N 371 
TYR CA  HA   sing N N 372 
TYR C   O    doub N N 373 
TYR C   OXT  sing N N 374 
TYR CB  CG   sing N N 375 
TYR CB  HB2  sing N N 376 
TYR CB  HB3  sing N N 377 
TYR CG  CD1  doub Y N 378 
TYR CG  CD2  sing Y N 379 
TYR CD1 CE1  sing Y N 380 
TYR CD1 HD1  sing N N 381 
TYR CD2 CE2  doub Y N 382 
TYR CD2 HD2  sing N N 383 
TYR CE1 CZ   doub Y N 384 
TYR CE1 HE1  sing N N 385 
TYR CE2 CZ   sing Y N 386 
TYR CE2 HE2  sing N N 387 
TYR CZ  OH   sing N N 388 
TYR OH  HH   sing N N 389 
TYR OXT HXT  sing N N 390 
VAL N   CA   sing N N 391 
VAL N   H    sing N N 392 
VAL N   H2   sing N N 393 
VAL CA  C    sing N N 394 
VAL CA  CB   sing N N 395 
VAL CA  HA   sing N N 396 
VAL C   O    doub N N 397 
VAL C   OXT  sing N N 398 
VAL CB  CG1  sing N N 399 
VAL CB  CG2  sing N N 400 
VAL CB  HB   sing N N 401 
VAL CG1 HG11 sing N N 402 
VAL CG1 HG12 sing N N 403 
VAL CG1 HG13 sing N N 404 
VAL CG2 HG21 sing N N 405 
VAL CG2 HG22 sing N N 406 
VAL CG2 HG23 sing N N 407 
VAL OXT HXT  sing N N 408 
# 
_pdbx_initial_refinement_model.id               1 
_pdbx_initial_refinement_model.entity_id_list   ? 
_pdbx_initial_refinement_model.type             'experimental model' 
_pdbx_initial_refinement_model.source_name      PDB 
_pdbx_initial_refinement_model.accession_code   4HAE 
_pdbx_initial_refinement_model.details          'pdb entry 4hae' 
# 
_pdbx_related_exp_data_set.ordinal              1 
_pdbx_related_exp_data_set.data_reference       10.18430/m36uhg 
_pdbx_related_exp_data_set.metadata_reference   ? 
_pdbx_related_exp_data_set.data_set_type        'diffraction image data' 
_pdbx_related_exp_data_set.details              ? 
# 
_atom_sites.entry_id                    6V41 
_atom_sites.Cartn_transf_matrix[1][1]   ? 
_atom_sites.Cartn_transf_matrix[1][2]   ? 
_atom_sites.Cartn_transf_matrix[1][3]   ? 
_atom_sites.Cartn_transf_matrix[2][1]   ? 
_atom_sites.Cartn_transf_matrix[2][2]   ? 
_atom_sites.Cartn_transf_matrix[2][3]   ? 
_atom_sites.Cartn_transf_matrix[3][1]   ? 
_atom_sites.Cartn_transf_matrix[3][2]   ? 
_atom_sites.Cartn_transf_matrix[3][3]   ? 
_atom_sites.Cartn_transf_vector[1]      ? 
_atom_sites.Cartn_transf_vector[2]      ? 
_atom_sites.Cartn_transf_vector[3]      ? 
_atom_sites.fract_transf_matrix[1][1]   0.01814824 
_atom_sites.fract_transf_matrix[1][2]   0.00819326 
_atom_sites.fract_transf_matrix[1][3]   -0.01259120 
_atom_sites.fract_transf_matrix[2][1]   0.01496357 
_atom_sites.fract_transf_matrix[2][2]   -0.00811606 
_atom_sites.fract_transf_matrix[2][3]   0.01628642 
_atom_sites.fract_transf_matrix[3][1]   0.00151362 
_atom_sites.fract_transf_matrix[3][2]   -0.02344353 
_atom_sites.fract_transf_matrix[3][3]   -0.01307336 
_atom_sites.fract_transf_vector[1]      0.169393 
_atom_sites.fract_transf_vector[2]      0.332157 
_atom_sites.fract_transf_vector[3]      0.619626 
_atom_sites.solution_primary            ? 
_atom_sites.solution_secondary          ? 
_atom_sites.solution_hydrogens          ? 
_atom_sites.special_details             ? 
# 
loop_
_atom_type.symbol 
_atom_type.pdbx_scat_Z 
_atom_type.pdbx_N_electrons 
_atom_type.scat_Cromer_Mann_a1 
_atom_type.scat_Cromer_Mann_b1 
_atom_type.scat_Cromer_Mann_a2 
_atom_type.scat_Cromer_Mann_b2 
_atom_type.scat_Cromer_Mann_a3 
_atom_type.scat_Cromer_Mann_b3 
_atom_type.scat_Cromer_Mann_a4 
_atom_type.scat_Cromer_Mann_b4 
_atom_type.scat_Cromer_Mann_c 
C 6  6  2.310  20.844 1.020 10.208 1.589 0.569  0.865 51.651 0.216   
H 1  1  0.493  10.511 0.323 26.126 0.140 3.142  0.041 57.800 0.003   
N 7  7  12.222 0.006  3.135 9.893  2.014 28.997 1.167 0.583  -11.538 
O 8  8  3.049  13.277 2.287 5.701  1.546 0.324  0.867 32.909 0.251   
S 16 16 6.905  1.468  5.203 22.215 1.438 0.254  1.586 56.172 1.184   
X ?  ?  ?      ?      ?     ?      ?     ?      ?     ?      ?       
# 
loop_
_atom_site.group_PDB 
_atom_site.id 
_atom_site.type_symbol 
_atom_site.label_atom_id 
_atom_site.label_alt_id 
_atom_site.label_comp_id 
_atom_site.label_asym_id 
_atom_site.label_entity_id 
_atom_site.label_seq_id 
_atom_site.pdbx_PDB_ins_code 
_atom_site.Cartn_x 
_atom_site.Cartn_y 
_atom_site.Cartn_z 
_atom_site.occupancy 
_atom_site.B_iso_or_equiv 
_atom_site.pdbx_formal_charge 
_atom_site.auth_seq_id 
_atom_site.auth_comp_id 
_atom_site.auth_asym_id 
_atom_site.auth_atom_id 
_atom_site.pdbx_PDB_model_num 
ATOM   1   N N   . ALA A 1 2  ? 0.771   15.959  -1.942  1.000 33.998 ? 2   ALA AAA N   1 
ATOM   2   C CA  . ALA A 1 2  ? 1.719   15.629  -0.825  1.000 32.529 ? 2   ALA AAA CA  1 
ATOM   3   C C   . ALA A 1 2  ? 3.049   15.099  -1.387  1.000 27.582 ? 2   ALA AAA C   1 
ATOM   4   O O   . ALA A 1 2  ? 3.020   14.283  -2.303  1.000 25.878 ? 2   ALA AAA O   1 
ATOM   5   C CB  . ALA A 1 2  ? 1.073   14.641  0.116   1.000 34.167 ? 2   ALA AAA CB  1 
ATOM   6   N N   . SER A 1 3  ? 4.195   15.650  -0.951  1.000 30.131 ? 3   SER AAA N   1 
ATOM   7   C CA  A SER A 1 3  ? 5.524   15.414  -1.598  0.700 28.199 ? 3   SER AAA CA  1 
ATOM   8   C CA  B SER A 1 3  ? 5.523   15.416  -1.596  0.300 28.328 ? 3   SER AAA CA  1 
ATOM   9   C C   . SER A 1 3  ? 5.985   13.978  -1.350  1.000 25.920 ? 3   SER AAA C   1 
ATOM   10  O O   . SER A 1 3  ? 6.868   13.444  -2.115  1.000 21.931 ? 3   SER AAA O   1 
ATOM   11  C CB  A SER A 1 3  ? 6.576   16.415  -1.140  0.700 30.162 ? 3   SER AAA CB  1 
ATOM   12  C CB  B SER A 1 3  ? 6.559   16.401  -1.115  0.300 30.257 ? 3   SER AAA CB  1 
ATOM   13  O OG  A SER A 1 3  ? 6.705   16.463  0.280   0.700 29.363 ? 3   SER AAA OG  1 
ATOM   14  O OG  B SER A 1 3  ? 7.860   16.028  -1.551  0.300 29.563 ? 3   SER AAA OG  1 
ATOM   15  N N   . GLN A 1 4  ? 5.396   13.334  -0.355  1.000 25.885 ? 4   GLN AAA N   1 
ATOM   16  C CA  . GLN A 1 4  ? 5.750   11.957  0.019   1.000 26.388 ? 4   GLN AAA CA  1 
ATOM   17  C C   . GLN A 1 4  ? 4.585   11.026  -0.317  1.000 22.815 ? 4   GLN AAA C   1 
ATOM   18  O O   . GLN A 1 4  ? 4.641   9.897   0.116   1.000 24.796 ? 4   GLN AAA O   1 
ATOM   19  C CB  . GLN A 1 4  ? 6.077   11.888  1.517   1.000 28.510 ? 4   GLN AAA CB  1 
ATOM   20  C CG  . GLN A 1 4  ? 7.492   12.334  1.838   1.000 31.972 ? 4   GLN AAA CG  1 
ATOM   21  C CD  . GLN A 1 4  ? 8.514   11.635  0.975   1.000 32.477 ? 4   GLN AAA CD  1 
ATOM   22  O OE1 . GLN A 1 4  ? 9.324   12.285  0.315   1.000 36.900 ? 4   GLN AAA OE1 1 
ATOM   23  N NE2 . GLN A 1 4  ? 8.460   10.308  0.950   1.000 33.915 ? 4   GLN AAA NE2 1 
ATOM   24  N N   . GLU A 1 5  ? 3.579   11.510  -1.043  1.000 21.276 ? 5   GLU AAA N   1 
ATOM   25  C CA  . GLU A 1 5  ? 2.415   10.702  -1.423  1.000 20.292 ? 5   GLU AAA CA  1 
ATOM   26  C C   . GLU A 1 5  ? 2.658   10.294  -2.869  1.000 17.182 ? 5   GLU AAA C   1 
ATOM   27  O O   . GLU A 1 5  ? 2.667   11.141  -3.783  1.000 17.656 ? 5   GLU AAA O   1 
ATOM   28  C CB  . GLU A 1 5  ? 1.086   11.355  -1.106  1.000 24.968 ? 5   GLU AAA CB  1 
ATOM   29  C CG  . GLU A 1 5  ? 0.828   11.299  0.397   1.000 27.776 ? 5   GLU AAA CG  1 
ATOM   30  C CD  . GLU A 1 5  ? -0.479  10.727  0.916   1.000 30.533 ? 5   GLU AAA CD  1 
ATOM   31  O OE1 . GLU A 1 5  ? -1.129  9.913   0.215   1.000 26.524 ? 5   GLU AAA OE1 1 
ATOM   32  O OE2 . GLU A 1 5  ? -0.833  11.087  2.060   1.000 34.254 ? 5   GLU AAA OE2 1 
ATOM   33  N N   . PHE A 1 6  ? 2.907   9.018   -2.969  1.000 15.855 ? 6   PHE AAA N   1 
ATOM   34  C CA  . PHE A 1 6  ? 3.243   8.359   -4.237  1.000 15.423 ? 6   PHE AAA CA  1 
ATOM   35  C C   . PHE A 1 6  ? 2.120   7.424   -4.648  1.000 15.757 ? 6   PHE AAA C   1 
ATOM   36  O O   . PHE A 1 6  ? 1.408   6.852   -3.807  1.000 15.276 ? 6   PHE AAA O   1 
ATOM   37  C CB  . PHE A 1 6  ? 4.550   7.562   -4.126  1.000 15.903 ? 6   PHE AAA CB  1 
ATOM   38  C CG  . PHE A 1 6  ? 5.802   8.373   -3.925  1.000 17.362 ? 6   PHE AAA CG  1 
ATOM   39  C CD1 . PHE A 1 6  ? 6.102   8.940   -2.693  1.000 18.134 ? 6   PHE AAA CD1 1 
ATOM   40  C CD2 . PHE A 1 6  ? 6.669   8.616   -4.983  1.000 20.120 ? 6   PHE AAA CD2 1 
ATOM   41  C CE1 . PHE A 1 6  ? 7.225   9.747   -2.547  1.000 20.120 ? 6   PHE AAA CE1 1 
ATOM   42  C CE2 . PHE A 1 6  ? 7.775   9.433   -4.827  1.000 20.932 ? 6   PHE AAA CE2 1 
ATOM   43  C CZ  . PHE A 1 6  ? 8.044   9.990   -3.616  1.000 20.358 ? 6   PHE AAA CZ  1 
ATOM   44  N N   . GLU A 1 7  ? 2.051   7.201   -5.957  1.000 15.112 ? 7   GLU AAA N   1 
ATOM   45  C CA  . GLU A 1 7  ? 1.087   6.247   -6.520  1.000 15.799 ? 7   GLU AAA CA  1 
ATOM   46  C C   . GLU A 1 7  ? 1.476   4.810   -6.179  1.000 13.766 ? 7   GLU AAA C   1 
ATOM   47  O O   . GLU A 1 7  ? 2.642   4.343   -6.308  1.000 14.780 ? 7   GLU AAA O   1 
ATOM   48  C CB  . GLU A 1 7  ? 0.980   6.381   -8.028  1.000 16.130 ? 7   GLU AAA CB  1 
ATOM   49  C CG  . GLU A 1 7  ? -0.125  5.531   -8.608  1.000 17.590 ? 7   GLU AAA CG  1 
ATOM   50  C CD  . GLU A 1 7  ? -0.150  5.621   -10.095 1.000 19.009 ? 7   GLU AAA CD  1 
ATOM   51  O OE1 . GLU A 1 7  ? 0.560   6.511   -10.663 1.000 19.967 ? 7   GLU AAA OE1 1 
ATOM   52  O OE2 . GLU A 1 7  ? -0.952  4.841   -10.682 1.000 20.442 ? 7   GLU AAA OE2 1 
ATOM   53  N N   . VAL A 1 8  ? 0.483   4.053   -5.717  1.000 15.686 ? 8   VAL AAA N   1 
ATOM   54  C CA  . VAL A 1 8  ? 0.620   2.639   -5.339  1.000 14.684 ? 8   VAL AAA CA  1 
ATOM   55  C C   . VAL A 1 8  ? 0.253   1.740   -6.511  1.000 15.758 ? 8   VAL AAA C   1 
ATOM   56  O O   . VAL A 1 8  ? -0.806  1.943   -7.097  1.000 17.440 ? 8   VAL AAA O   1 
ATOM   57  C CB  . VAL A 1 8  ? -0.311  2.325   -4.158  1.000 15.276 ? 8   VAL AAA CB  1 
ATOM   58  C CG1 . VAL A 1 8  ? -0.426  0.818   -3.964  1.000 16.319 ? 8   VAL AAA CG1 1 
ATOM   59  C CG2 . VAL A 1 8  ? 0.180   3.038   -2.903  1.000 15.103 ? 8   VAL AAA CG2 1 
ATOM   60  N N   . GLU A 1 9  ? 1.121   0.793   -6.833  1.000 15.842 ? 9   GLU AAA N   1 
ATOM   61  C CA  . GLU A 1 9  ? 0.803   -0.238  -7.856  1.000 19.085 ? 9   GLU AAA CA  1 
ATOM   62  C C   . GLU A 1 9  ? -0.081  -1.295  -7.192  1.000 18.388 ? 9   GLU AAA C   1 
ATOM   63  O O   . GLU A 1 9  ? -1.179  -1.570  -7.686  1.000 21.105 ? 9   GLU AAA O   1 
ATOM   64  C CB  . GLU A 1 9  ? 2.089   -0.809  -8.414  1.000 21.201 ? 9   GLU AAA CB  1 
ATOM   65  C CG  . GLU A 1 9  ? 1.896   -1.826  -9.517  1.000 27.016 ? 9   GLU AAA CG  1 
ATOM   66  C CD  . GLU A 1 9  ? 3.186   -2.540  -9.897  1.000 31.919 ? 9   GLU AAA CD  1 
ATOM   67  O OE1 . GLU A 1 9  ? 4.189   -1.843  -10.118 1.000 39.563 ? 9   GLU AAA OE1 1 
ATOM   68  O OE2 . GLU A 1 9  ? 3.191   -3.793  -9.959  1.000 39.826 ? 9   GLU AAA OE2 1 
ATOM   69  N N   . ALA A 1 10 ? 0.343   -1.806  -6.052  1.000 16.698 ? 10  ALA AAA N   1 
ATOM   70  C CA  . ALA A 1 10 ? -0.464  -2.782  -5.311  1.000 17.116 ? 10  ALA AAA CA  1 
ATOM   71  C C   . ALA A 1 10 ? 0.069   -2.875  -3.893  1.000 15.407 ? 10  ALA AAA C   1 
ATOM   72  O O   . ALA A 1 10 ? 1.266   -2.669  -3.686  1.000 14.549 ? 10  ALA AAA O   1 
ATOM   73  C CB  . ALA A 1 10 ? -0.371  -4.092  -6.035  1.000 19.703 ? 10  ALA AAA CB  1 
ATOM   74  N N   . ILE A 1 11 ? -0.794  -3.243  -2.968  1.000 16.576 ? 11  ILE AAA N   1 
ATOM   75  C CA  . ILE A 1 11 ? -0.358  -3.791  -1.664  1.000 16.053 ? 11  ILE AAA CA  1 
ATOM   76  C C   . ILE A 1 11 ? -0.244  -5.294  -1.856  1.000 16.522 ? 11  ILE AAA C   1 
ATOM   77  O O   . ILE A 1 11 ? -1.157  -5.884  -2.394  1.000 16.751 ? 11  ILE AAA O   1 
ATOM   78  C CB  . ILE A 1 11 ? -1.356  -3.441  -0.566  1.000 16.006 ? 11  ILE AAA CB  1 
ATOM   79  C CG1 . ILE A 1 11 ? -1.461  -1.943  -0.305  1.000 17.756 ? 11  ILE AAA CG1 1 
ATOM   80  C CG2 . ILE A 1 11 ? -1.008  -4.205  0.727   1.000 15.433 ? 11  ILE AAA CG2 1 
ATOM   81  C CD1 . ILE A 1 11 ? -2.523  -1.637  0.709   1.000 19.082 ? 11  ILE AAA CD1 1 
ATOM   82  N N   . VAL A 1 12 ? 0.864   -5.880  -1.472  1.000 15.644 ? 12  VAL AAA N   1 
ATOM   83  C CA  . VAL A 1 12 ? 1.134   -7.313  -1.771  1.000 18.034 ? 12  VAL AAA CA  1 
ATOM   84  C C   . VAL A 1 12 ? 1.283   -8.163  -0.500  1.000 17.066 ? 12  VAL AAA C   1 
ATOM   85  O O   . VAL A 1 12 ? 1.404   -9.348  -0.641  1.000 16.072 ? 12  VAL AAA O   1 
ATOM   86  C CB  . VAL A 1 12 ? 2.389   -7.404  -2.644  1.000 18.598 ? 12  VAL AAA CB  1 
ATOM   87  C CG1 . VAL A 1 12 ? 2.140   -6.692  -3.967  1.000 21.815 ? 12  VAL AAA CG1 1 
ATOM   88  C CG2 . VAL A 1 12 ? 3.640   -6.925  -1.924  1.000 16.999 ? 12  VAL AAA CG2 1 
ATOM   89  N N   . ASP A 1 13 ? 1.325   -7.568  0.692   1.000 14.469 ? 13  ASP AAA N   1 
ATOM   90  C CA  . ASP A 1 13 ? 1.451   -8.339  1.963   1.000 14.561 ? 13  ASP AAA CA  1 
ATOM   91  C C   . ASP A 1 13 ? 0.958   -7.435  3.067   1.000 13.461 ? 13  ASP AAA C   1 
ATOM   92  O O   . ASP A 1 13 ? 0.850   -6.191  2.863   1.000 12.790 ? 13  ASP AAA O   1 
ATOM   93  C CB  . ASP A 1 13 ? 2.884   -8.840  2.175   1.000 14.438 ? 13  ASP AAA CB  1 
ATOM   94  C CG  . ASP A 1 13 ? 3.046   -10.119 2.975   1.000 17.405 ? 13  ASP AAA CG  1 
ATOM   95  O OD1 . ASP A 1 13 ? 2.057   -10.544 3.567   1.000 15.458 ? 13  ASP AAA OD1 1 
ATOM   96  O OD2 . ASP A 1 13 ? 4.154   -10.761 2.897   1.000 17.472 ? 13  ASP AAA OD2 1 
ATOM   97  N N   . LYS A 1 14 ? 0.690   -8.040  4.213   1.000 13.920 ? 14  LYS AAA N   1 
ATOM   98  C CA  . LYS A 1 14 ? 0.332   -7.248  5.412   1.000 15.380 ? 14  LYS AAA CA  1 
ATOM   99  C C   . LYS A 1 14 ? 0.838   -8.001  6.628   1.000 14.674 ? 14  LYS AAA C   1 
ATOM   100 O O   . LYS A 1 14 ? 1.187   -9.212  6.550   1.000 16.108 ? 14  LYS AAA O   1 
ATOM   101 C CB  . LYS A 1 14 ? -1.172  -7.009  5.546   1.000 19.249 ? 14  LYS AAA CB  1 
ATOM   102 C CG  . LYS A 1 14 ? -1.970  -8.216  6.006   1.000 23.315 ? 14  LYS AAA CG  1 
ATOM   103 C CD  . LYS A 1 14 ? -3.453  -8.033  6.149   1.000 28.042 ? 14  LYS AAA CD  1 
ATOM   104 C CE  . LYS A 1 14 ? -4.085  -9.391  6.340   1.000 31.307 ? 14  LYS AAA CE  1 
ATOM   105 N NZ  . LYS A 1 14 ? -5.517  -9.290  6.710   1.000 35.544 ? 14  LYS AAA NZ  1 
ATOM   106 N N   . ARG A 1 15 ? 0.930   -7.270  7.720   1.000 13.321 ? 15  ARG AAA N   1 
ATOM   107 C CA  . ARG A 1 15 ? 1.365   -7.811  9.037   1.000 14.495 ? 15  ARG AAA CA  1 
ATOM   108 C C   . ARG A 1 15 ? 0.784   -6.949  10.165  1.000 15.871 ? 15  ARG AAA C   1 
ATOM   109 O O   . ARG A 1 15 ? 0.429   -5.791  9.937   1.000 15.218 ? 15  ARG AAA O   1 
ATOM   110 C CB  . ARG A 1 15 ? 2.884   -7.917  9.087   1.000 13.751 ? 15  ARG AAA CB  1 
ATOM   111 C CG  . ARG A 1 15 ? 3.619   -6.585  9.190   1.000 12.692 ? 15  ARG AAA CG  1 
ATOM   112 C CD  . ARG A 1 15 ? 5.077   -6.815  8.914   1.000 12.593 ? 15  ARG AAA CD  1 
ATOM   113 N NE  . ARG A 1 15 ? 5.799   -5.559  9.009   1.000 12.508 ? 15  ARG AAA NE  1 
ATOM   114 C CZ  . ARG A 1 15 ? 7.043   -5.378  8.546   1.000 12.402 ? 15  ARG AAA CZ  1 
ATOM   115 N NH1 . ARG A 1 15 ? 7.655   -6.397  7.982   1.000 12.984 ? 15  ARG AAA NH1 1 
ATOM   116 N NH2 . ARG A 1 15 ? 7.653   -4.218  8.679   1.000 12.840 ? 15  ARG AAA NH2 1 
ATOM   117 N N   . GLN A 1 16 ? 0.789   -7.489  11.366  1.000 18.594 ? 16  GLN AAA N   1 
ATOM   118 C CA  . GLN A 1 16 ? 0.255   -6.804  12.561  1.000 21.684 ? 16  GLN AAA CA  1 
ATOM   119 C C   . GLN A 1 16 ? 1.436   -6.370  13.410  1.000 22.348 ? 16  GLN AAA C   1 
ATOM   120 O O   . GLN A 1 16 ? 2.312   -7.231  13.674  1.000 29.007 ? 16  GLN AAA O   1 
ATOM   121 C CB  . GLN A 1 16 ? -0.611  -7.772  13.347  1.000 27.620 ? 16  GLN AAA CB  1 
ATOM   122 C CG  . GLN A 1 16 ? -1.775  -8.268  12.548  1.000 31.034 ? 16  GLN AAA CG  1 
ATOM   123 C CD  . GLN A 1 16 ? -2.721  -7.111  12.426  1.000 35.148 ? 16  GLN AAA CD  1 
ATOM   124 O OE1 . GLN A 1 16 ? -2.866  -6.538  11.352  1.000 36.392 ? 16  GLN AAA OE1 1 
ATOM   125 N NE2 . GLN A 1 16 ? -3.326  -6.752  13.550  1.000 40.666 ? 16  GLN AAA NE2 1 
ATOM   126 N N   . ASP A 1 17 ? 1.435   -5.128  13.881  1.000 20.635 ? 17  ASP AAA N   1 
ATOM   127 C CA  . ASP A 1 17 ? 2.409   -4.706  14.925  1.000 20.586 ? 17  ASP AAA CA  1 
ATOM   128 C C   . ASP A 1 17 ? 1.891   -5.159  16.306  1.000 22.954 ? 17  ASP AAA C   1 
ATOM   129 O O   . ASP A 1 17 ? 0.764   -5.743  16.439  1.000 24.017 ? 17  ASP AAA O   1 
ATOM   130 C CB  . ASP A 1 17 ? 2.747   -3.218  14.835  1.000 19.361 ? 17  ASP AAA CB  1 
ATOM   131 C CG  . ASP A 1 17 ? 1.644   -2.228  15.196  1.000 20.139 ? 17  ASP AAA CG  1 
ATOM   132 O OD1 . ASP A 1 17 ? 0.744   -2.578  15.989  1.000 20.043 ? 17  ASP AAA OD1 1 
ATOM   133 O OD2 . ASP A 1 17 ? 1.693   -1.145  14.635  1.000 20.252 ? 17  ASP AAA OD2 1 
ATOM   134 N N   . LYS A 1 18 ? 2.683   -4.896  17.347  1.000 26.770 ? 18  LYS AAA N   1 
ATOM   135 C CA  . LYS A 1 18 ? 2.374   -5.345  18.728  1.000 29.671 ? 18  LYS AAA CA  1 
ATOM   136 C C   . LYS A 1 18 ? 1.200   -4.536  19.296  1.000 28.958 ? 18  LYS AAA C   1 
ATOM   137 O O   . LYS A 1 18 ? 0.631   -5.001  20.288  1.000 31.154 ? 18  LYS AAA O   1 
ATOM   138 C CB  . LYS A 1 18 ? 3.620   -5.271  19.628  1.000 33.180 ? 18  LYS AAA CB  1 
ATOM   139 C CG  . LYS A 1 18 ? 4.616   -6.423  19.461  1.000 34.540 ? 18  LYS AAA CG  1 
ATOM   140 C CD  . LYS A 1 18 ? 4.138   -7.713  20.063  1.000 36.693 ? 18  LYS AAA CD  1 
ATOM   141 N N   . ASN A 1 19 ? 0.805   -3.419  18.653  1.000 26.428 ? 19  ASN AAA N   1 
ATOM   142 C CA  . ASN A 1 19 ? -0.389  -2.634  19.094  1.000 26.156 ? 19  ASN AAA CA  1 
ATOM   143 C C   . ASN A 1 19 ? -1.679  -3.189  18.469  1.000 26.292 ? 19  ASN AAA C   1 
ATOM   144 O O   . ASN A 1 19 ? -2.767  -2.720  18.867  1.000 30.168 ? 19  ASN AAA O   1 
ATOM   145 C CB  . ASN A 1 19 ? -0.252  -1.145  18.797  1.000 24.841 ? 19  ASN AAA CB  1 
ATOM   146 C CG  . ASN A 1 19 ? 0.917   -0.529  19.524  1.000 24.812 ? 19  ASN AAA CG  1 
ATOM   147 O OD1 . ASN A 1 19 ? 1.014   -0.683  20.753  1.000 27.042 ? 19  ASN AAA OD1 1 
ATOM   148 N ND2 . ASN A 1 19 ? 1.756   0.174   18.762  1.000 23.088 ? 19  ASN AAA ND2 1 
ATOM   149 N N   . GLY A 1 20 ? -1.564  -4.202  17.601  1.000 24.666 ? 20  GLY AAA N   1 
ATOM   150 C CA  . GLY A 1 20 ? -2.677  -4.767  16.828  1.000 24.582 ? 20  GLY AAA CA  1 
ATOM   151 C C   . GLY A 1 20 ? -3.012  -3.918  15.630  1.000 22.901 ? 20  GLY AAA C   1 
ATOM   152 O O   . GLY A 1 20 ? -4.119  -4.051  15.098  1.000 25.559 ? 20  GLY AAA O   1 
ATOM   153 N N   . ASN A 1 21 ? -2.108  -3.029  15.215  1.000 19.982 ? 21  ASN AAA N   1 
ATOM   154 C CA  . ASN A 1 21 ? -2.374  -2.207  14.009  1.000 18.741 ? 21  ASN AAA CA  1 
ATOM   155 C C   . ASN A 1 21 ? -1.686  -2.863  12.829  1.000 17.044 ? 21  ASN AAA C   1 
ATOM   156 O O   . ASN A 1 21 ? -0.794  -3.681  13.054  1.000 19.451 ? 21  ASN AAA O   1 
ATOM   157 C CB  . ASN A 1 21 ? -2.002  -0.744  14.242  1.000 18.152 ? 21  ASN AAA CB  1 
ATOM   158 C CG  . ASN A 1 21 ? -2.846  -0.125  15.327  1.000 20.752 ? 21  ASN AAA CG  1 
ATOM   159 O OD1 . ASN A 1 21 ? -4.049  -0.438  15.461  1.000 21.820 ? 21  ASN AAA OD1 1 
ATOM   160 N ND2 . ASN A 1 21 ? -2.197  0.571   16.259  1.000 21.908 ? 21  ASN AAA ND2 1 
ATOM   161 N N   . THR A 1 22 ? -2.050  -2.471  11.611  1.000 16.104 ? 22  THR AAA N   1 
ATOM   162 C CA  . THR A 1 22 ? -1.638  -3.163  10.389  1.000 15.434 ? 22  THR AAA CA  1 
ATOM   163 C C   . THR A 1 22 ? -0.518  -2.352  9.742   1.000 14.225 ? 22  THR AAA C   1 
ATOM   164 O O   . THR A 1 22 ? -0.539  -1.098  9.827   1.000 14.821 ? 22  THR AAA O   1 
ATOM   165 C CB  . THR A 1 22 ? -2.850  -3.453  9.501   1.000 16.123 ? 22  THR AAA CB  1 
ATOM   166 O OG1 . THR A 1 22 ? -3.783  -4.202  10.292  1.000 18.716 ? 22  THR AAA OG1 1 
ATOM   167 C CG2 . THR A 1 22 ? -2.502  -4.265  8.264   1.000 16.199 ? 22  THR AAA CG2 1 
ATOM   168 N N   . GLN A 1 23 ? 0.393   -3.061  9.115   1.000 12.865 ? 23  GLN AAA N   1 
ATOM   169 C CA  . GLN A 1 23 ? 1.380   -2.522  8.166   1.000 11.896 ? 23  GLN AAA CA  1 
ATOM   170 C C   . GLN A 1 23 ? 1.145   -3.245  6.872   1.000 12.304 ? 23  GLN AAA C   1 
ATOM   171 O O   . GLN A 1 23 ? 0.753   -4.422  6.885   1.000 12.257 ? 23  GLN AAA O   1 
ATOM   172 C CB  . GLN A 1 23 ? 2.781   -2.738  8.713   1.000 13.375 ? 23  GLN AAA CB  1 
ATOM   173 C CG  . GLN A 1 23 ? 2.989   -2.041  10.046  1.000 14.779 ? 23  GLN AAA CG  1 
ATOM   174 C CD  . GLN A 1 23 ? 4.298   -2.297  10.740  1.000 18.805 ? 23  GLN AAA CD  1 
ATOM   175 O OE1 . GLN A 1 23 ? 5.013   -3.200  10.356  1.000 22.694 ? 23  GLN AAA OE1 1 
ATOM   176 N NE2 . GLN A 1 23 ? 4.542   -1.629  11.867  1.000 23.030 ? 23  GLN AAA NE2 1 
ATOM   177 N N   . TYR A 1 24 ? 1.431   -2.533  5.792   1.000 11.656 ? 24  TYR AAA N   1 
ATOM   178 C CA  . TYR A 1 24 ? 1.196   -3.014  4.411   1.000 12.152 ? 24  TYR AAA CA  1 
ATOM   179 C C   . TYR A 1 24 ? 2.483   -2.933  3.631   1.000 11.556 ? 24  TYR AAA C   1 
ATOM   180 O O   . TYR A 1 24 ? 3.223   -1.874  3.702   1.000 12.668 ? 24  TYR AAA O   1 
ATOM   181 C CB  . TYR A 1 24 ? 0.131   -2.154  3.725   1.000 12.600 ? 24  TYR AAA CB  1 
ATOM   182 C CG  . TYR A 1 24 ? -1.227  -2.259  4.385   1.000 14.431 ? 24  TYR AAA CG  1 
ATOM   183 C CD1 . TYR A 1 24 ? -2.034  -3.382  4.247   1.000 16.013 ? 24  TYR AAA CD1 1 
ATOM   184 C CD2 . TYR A 1 24 ? -1.716  -1.190  5.111   1.000 16.280 ? 24  TYR AAA CD2 1 
ATOM   185 C CE1 . TYR A 1 24 ? -3.262  -3.487  4.893   1.000 17.455 ? 24  TYR AAA CE1 1 
ATOM   186 C CE2 . TYR A 1 24 ? -2.929  -1.270  5.764   1.000 18.040 ? 24  TYR AAA CE2 1 
ATOM   187 C CZ  . TYR A 1 24 ? -3.716  -2.416  5.647   1.000 18.713 ? 24  TYR AAA CZ  1 
ATOM   188 O OH  . TYR A 1 24 ? -4.928  -2.482  6.301   1.000 22.162 ? 24  TYR AAA OH  1 
ATOM   189 N N   . LEU A 1 25 ? 2.721   -3.988  2.863   1.000 12.177 ? 25  LEU AAA N   1 
ATOM   190 C CA  . LEU A 1 25 ? 3.880   -4.033  1.953   1.000 11.353 ? 25  LEU AAA CA  1 
ATOM   191 C C   . LEU A 1 25 ? 3.424   -3.427  0.627   1.000 10.647 ? 25  LEU AAA C   1 
ATOM   192 O O   . LEU A 1 25 ? 2.515   -3.930  -0.080  1.000 11.480 ? 25  LEU AAA O   1 
ATOM   193 C CB  . LEU A 1 25 ? 4.356   -5.471  1.760   1.000 12.169 ? 25  LEU AAA CB  1 
ATOM   194 C CG  . LEU A 1 25 ? 5.625   -5.650  0.943   1.000 14.786 ? 25  LEU AAA CG  1 
ATOM   195 C CD1 . LEU A 1 25 ? 6.709   -4.663  1.281   1.000 15.311 ? 25  LEU AAA CD1 1 
ATOM   196 C CD2 . LEU A 1 25 ? 6.138   -7.068  1.082   1.000 15.742 ? 25  LEU AAA CD2 1 
ATOM   197 N N   . VAL A 1 26 ? 4.010   -2.252  0.320   1.000 10.565 ? 26  VAL AAA N   1 
ATOM   198 C CA  . VAL A 1 26 ? 3.577   -1.408  -0.829  1.000 11.224 ? 26  VAL AAA CA  1 
ATOM   199 C C   . VAL A 1 26 ? 4.573   -1.575  -1.987  1.000 11.749 ? 26  VAL AAA C   1 
ATOM   200 O O   . VAL A 1 26 ? 5.794   -1.326  -1.802  1.000 12.064 ? 26  VAL AAA O   1 
ATOM   201 C CB  . VAL A 1 26 ? 3.422   0.058   -0.430  1.000 12.101 ? 26  VAL AAA CB  1 
ATOM   202 C CG1 . VAL A 1 26 ? 3.109   0.892   -1.659  1.000 13.652 ? 26  VAL AAA CG1 1 
ATOM   203 C CG2 . VAL A 1 26 ? 2.407   0.304   0.672   1.000 14.044 ? 26  VAL AAA CG2 1 
ATOM   204 N N   . ARG A 1 27 ? 4.046   -1.950  -3.133  1.000 13.643 ? 27  ARG AAA N   1 
ATOM   205 C CA  . ARG A 1 27 ? 4.727   -1.888  -4.445  1.000 14.300 ? 27  ARG AAA CA  1 
ATOM   206 C C   . ARG A 1 27 ? 4.364   -0.533  -5.052  1.000 14.706 ? 27  ARG AAA C   1 
ATOM   207 O O   . ARG A 1 27 ? 3.190   -0.256  -5.251  1.000 14.344 ? 27  ARG AAA O   1 
ATOM   208 C CB  . ARG A 1 27 ? 4.234   -3.045  -5.325  1.000 16.609 ? 27  ARG AAA CB  1 
ATOM   209 C CG  . ARG A 1 27 ? 4.752   -3.095  -6.743  1.000 22.364 ? 27  ARG AAA CG  1 
ATOM   210 C CD  . ARG A 1 27 ? 5.877   -4.051  -7.070  1.000 26.129 ? 27  ARG AAA CD  1 
ATOM   211 N NE  . ARG A 1 27 ? 6.290   -4.946  -5.998  1.000 24.345 ? 27  ARG AAA NE  1 
ATOM   212 C CZ  . ARG A 1 27 ? 5.926   -6.224  -5.808  1.000 28.620 ? 27  ARG AAA CZ  1 
ATOM   213 N NH1 . ARG A 1 27 ? 5.104   -6.844  -6.641  1.000 32.657 ? 27  ARG AAA NH1 1 
ATOM   214 N NH2 . ARG A 1 27 ? 6.406   -6.892  -4.769  1.000 28.572 ? 27  ARG AAA NH2 1 
ATOM   215 N N   . TRP A 1 28 ? 5.385   0.302   -5.323  1.000 13.382 ? 28  TRP AAA N   1 
ATOM   216 C CA  . TRP A 1 28 ? 5.192   1.696   -5.761  1.000 14.107 ? 28  TRP AAA CA  1 
ATOM   217 C C   . TRP A 1 28 ? 5.156   1.773   -7.295  1.000 14.776 ? 28  TRP AAA C   1 
ATOM   218 O O   . TRP A 1 28 ? 6.032   1.211   -7.932  1.000 15.707 ? 28  TRP AAA O   1 
ATOM   219 C CB  . TRP A 1 28 ? 6.287   2.578   -5.192  1.000 13.422 ? 28  TRP AAA CB  1 
ATOM   220 C CG  . TRP A 1 28 ? 6.303   2.564   -3.693  1.000 12.726 ? 28  TRP AAA CG  1 
ATOM   221 C CD1 . TRP A 1 28 ? 7.178   1.898   -2.882  1.000 12.561 ? 28  TRP AAA CD1 1 
ATOM   222 C CD2 . TRP A 1 28 ? 5.374   3.267   -2.840  1.000 12.902 ? 28  TRP AAA CD2 1 
ATOM   223 N NE1 . TRP A 1 28 ? 6.823   2.105   -1.553  1.000 12.101 ? 28  TRP AAA NE1 1 
ATOM   224 C CE2 . TRP A 1 28 ? 5.757   2.973   -1.504  1.000 11.749 ? 28  TRP AAA CE2 1 
ATOM   225 C CE3 . TRP A 1 28 ? 4.296   4.122   -3.087  1.000 13.255 ? 28  TRP AAA CE3 1 
ATOM   226 C CZ2 . TRP A 1 28 ? 5.029   3.533   -0.431  1.000 12.262 ? 28  TRP AAA CZ2 1 
ATOM   227 C CZ3 . TRP A 1 28 ? 3.581   4.662   -2.026  1.000 13.581 ? 28  TRP AAA CZ3 1 
ATOM   228 C CH2 . TRP A 1 28 ? 3.962   4.358   -0.726  1.000 13.156 ? 28  TRP AAA CH2 1 
ATOM   229 N N   . LYS A 1 29 ? 4.128   2.386   -7.868  1.000 15.133 ? 29  LYS AAA N   1 
ATOM   230 C CA  . LYS A 1 29 ? 4.014   2.511   -9.336  1.000 16.291 ? 29  LYS AAA CA  1 
ATOM   231 C C   . LYS A 1 29 ? 5.289   3.163   -9.892  1.000 16.776 ? 29  LYS AAA C   1 
ATOM   232 O O   . LYS A 1 29 ? 5.666   4.263   -9.449  1.000 16.611 ? 29  LYS AAA O   1 
ATOM   233 C CB  . LYS A 1 29 ? 2.775   3.329   -9.671  1.000 16.746 ? 29  LYS AAA CB  1 
ATOM   234 C CG  . LYS A 1 29 ? 2.495   3.552   -11.131 1.000 18.407 ? 29  LYS AAA CG  1 
ATOM   235 C CD  . LYS A 1 29 ? 3.283   4.706   -11.769 1.000 18.842 ? 29  LYS AAA CD  1 
ATOM   236 C CE  . LYS A 1 29 ? 2.757   5.101   -13.126 1.000 21.235 ? 29  LYS AAA CE  1 
ATOM   237 N NZ  . LYS A 1 29 ? 3.716   5.904   -13.910 1.000 21.694 ? 29  LYS AAA NZ  1 
ATOM   238 N N   . GLY A 1 30 ? 5.868   2.500   -10.910 1.000 18.548 ? 30  GLY AAA N   1 
ATOM   239 C CA  . GLY A 1 30 ? 7.032   3.025   -11.645 1.000 19.885 ? 30  GLY AAA CA  1 
ATOM   240 C C   . GLY A 1 30 ? 8.367   2.693   -10.981 1.000 20.453 ? 30  GLY AAA C   1 
ATOM   241 O O   . GLY A 1 30 ? 9.420   3.099   -11.524 1.000 24.414 ? 30  GLY AAA O   1 
ATOM   242 N N   . TYR A 1 31 ? 8.346   1.978   -9.872  1.000 18.106 ? 31  TYR AAA N   1 
ATOM   243 C CA  . TYR A 1 31 ? 9.565   1.553   -9.123  1.000 18.702 ? 31  TYR AAA CA  1 
ATOM   244 C C   . TYR A 1 31 ? 9.733   0.036   -9.254  1.000 21.437 ? 31  TYR AAA C   1 
ATOM   245 O O   . TYR A 1 31 ? 8.818   -0.617  -9.685  1.000 24.985 ? 31  TYR AAA O   1 
ATOM   246 C CB  . TYR A 1 31 ? 9.490   2.026   -7.667  1.000 16.886 ? 31  TYR AAA CB  1 
ATOM   247 C CG  . TYR A 1 31 ? 9.548   3.524   -7.564  1.000 15.833 ? 31  TYR AAA CG  1 
ATOM   248 C CD1 . TYR A 1 31 ? 8.400   4.287   -7.712  1.000 15.253 ? 31  TYR AAA CD1 1 
ATOM   249 C CD2 . TYR A 1 31 ? 10.749  4.208   -7.434  1.000 17.004 ? 31  TYR AAA CD2 1 
ATOM   250 C CE1 . TYR A 1 31 ? 8.451   5.661   -7.694  1.000 15.810 ? 31  TYR AAA CE1 1 
ATOM   251 C CE2 . TYR A 1 31 ? 10.818  5.597   -7.460  1.000 17.365 ? 31  TYR AAA CE2 1 
ATOM   252 C CZ  . TYR A 1 31 ? 9.652   6.326   -7.560  1.000 16.315 ? 31  TYR AAA CZ  1 
ATOM   253 O OH  . TYR A 1 31 ? 9.721   7.694   -7.573  1.000 17.114 ? 31  TYR AAA OH  1 
ATOM   254 N N   . ASP A 1 32 ? 10.882  -0.475  -8.843  1.000 23.195 ? 32  ASP AAA N   1 
ATOM   255 C CA  . ASP A 1 32 ? 11.146  -1.921  -8.927  1.000 24.782 ? 32  ASP AAA CA  1 
ATOM   256 C C   . ASP A 1 32 ? 10.876  -2.518  -7.553  1.000 22.067 ? 32  ASP AAA C   1 
ATOM   257 O O   . ASP A 1 32 ? 10.625  -1.765  -6.549  1.000 18.598 ? 32  ASP AAA O   1 
ATOM   258 C CB  . ASP A 1 32 ? 12.571  -2.215  -9.370  1.000 28.530 ? 32  ASP AAA CB  1 
ATOM   259 C CG  . ASP A 1 32 ? 12.885  -1.634  -10.707 1.000 33.514 ? 32  ASP AAA CG  1 
ATOM   260 O OD1 . ASP A 1 32 ? 12.018  -1.774  -11.595 1.000 34.842 ? 32  ASP AAA OD1 1 
ATOM   261 O OD2 . ASP A 1 32 ? 13.945  -1.027  -10.805 1.000 37.941 ? 32  ASP AAA OD2 1 
ATOM   262 N N   . LYS A 1 33 ? 10.929  -3.848  -7.484  1.000 22.402 ? 33  LYS AAA N   1 
ATOM   263 C CA  . LYS A 1 33 ? 10.758  -4.602  -6.227  1.000 22.323 ? 33  LYS AAA CA  1 
ATOM   264 C C   . LYS A 1 33 ? 11.733  -4.108  -5.168  1.000 21.085 ? 33  LYS AAA C   1 
ATOM   265 O O   . LYS A 1 33 ? 11.360  -4.138  -3.966  1.000 18.869 ? 33  LYS AAA O   1 
ATOM   266 C CB  . LYS A 1 33 ? 10.923  -6.094  -6.482  1.000 25.323 ? 33  LYS AAA CB  1 
ATOM   267 C CG  . LYS A 1 33 ? 9.654   -6.690  -7.055  1.000 27.655 ? 33  LYS AAA CG  1 
ATOM   268 C CD  . LYS A 1 33 ? 9.713   -8.135  -7.385  1.000 31.177 ? 33  LYS AAA CD  1 
ATOM   269 C CE  . LYS A 1 33 ? 8.606   -8.473  -8.356  1.000 35.164 ? 33  LYS AAA CE  1 
ATOM   270 N NZ  . LYS A 1 33 ? 8.404   -9.938  -8.464  1.000 38.874 ? 33  LYS AAA NZ  1 
ATOM   271 N N   . GLN A 1 34 ? 12.926  -3.710  -5.552  1.000 23.784 ? 34  GLN AAA N   1 
ATOM   272 C CA  . GLN A 1 34 ? 13.943  -3.410  -4.536  1.000 25.874 ? 34  GLN AAA CA  1 
ATOM   273 C C   . GLN A 1 34 ? 13.475  -2.159  -3.784  1.000 22.372 ? 34  GLN AAA C   1 
ATOM   274 O O   . GLN A 1 34 ? 14.002  -1.913  -2.674  1.000 23.476 ? 34  GLN AAA O   1 
ATOM   275 C CB  . GLN A 1 34 ? 15.329  -3.287  -5.146  1.000 30.770 ? 34  GLN AAA CB  1 
ATOM   276 C CG  . GLN A 1 34 ? 15.514  -2.088  -6.034  1.000 33.494 ? 34  GLN AAA CG  1 
ATOM   277 C CD  . GLN A 1 34 ? 16.978  -1.952  -6.354  1.000 40.290 ? 34  GLN AAA CD  1 
ATOM   278 O OE1 . GLN A 1 34 ? 17.811  -2.723  -5.865  1.000 44.902 ? 34  GLN AAA OE1 1 
ATOM   279 N NE2 . GLN A 1 34 ? 17.302  -0.954  -7.148  1.000 42.527 ? 34  GLN AAA NE2 1 
ATOM   280 N N   . ASP A 1 35 ? 12.485  -1.429  -4.332  1.000 20.137 ? 35  ASP AAA N   1 
ATOM   281 C CA  . ASP A 1 35 ? 12.057  -0.126  -3.751  1.000 18.875 ? 35  ASP AAA CA  1 
ATOM   282 C C   . ASP A 1 35 ? 10.783  -0.271  -2.933  1.000 16.889 ? 35  ASP AAA C   1 
ATOM   283 O O   . ASP A 1 35 ? 10.299  0.752   -2.365  1.000 14.014 ? 35  ASP AAA O   1 
ATOM   284 C CB  . ASP A 1 35 ? 11.864  0.942   -4.824  1.000 20.015 ? 35  ASP AAA CB  1 
ATOM   285 C CG  . ASP A 1 35 ? 13.092  1.095   -5.685  1.000 23.904 ? 35  ASP AAA CG  1 
ATOM   286 O OD1 . ASP A 1 35 ? 14.183  1.289   -5.118  1.000 28.038 ? 35  ASP AAA OD1 1 
ATOM   287 O OD2 . ASP A 1 35 ? 12.947  1.052   -6.907  1.000 27.140 ? 35  ASP AAA OD2 1 
ATOM   288 N N   . ASP A 1 36 ? 10.244  -1.485  -2.822  1.000 15.289 ? 36  ASP AAA N   1 
ATOM   289 C CA  . ASP A 1 36 ? 9.062   -1.736  -1.979  1.000 14.479 ? 36  ASP AAA CA  1 
ATOM   290 C C   . ASP A 1 36 ? 9.366   -1.264  -0.554  1.000 13.808 ? 36  ASP AAA C   1 
ATOM   291 O O   . ASP A 1 36 ? 10.565  -1.301  -0.101  1.000 15.149 ? 36  ASP AAA O   1 
ATOM   292 C CB  . ASP A 1 36 ? 8.714   -3.223  -1.946  1.000 14.215 ? 36  ASP AAA CB  1 
ATOM   293 C CG  . ASP A 1 36 ? 8.210   -3.821  -3.228  1.000 14.484 ? 36  ASP AAA CG  1 
ATOM   294 O OD1 . ASP A 1 36 ? 8.020   -3.108  -4.223  1.000 15.759 ? 36  ASP AAA OD1 1 
ATOM   295 O OD2 . ASP A 1 36 ? 8.060   -5.111  -3.194  1.000 15.281 ? 36  ASP AAA OD2 1 
ATOM   296 N N   . THR A 1 37 ? 8.322   -0.853  0.139   1.000 12.677 ? 37  THR AAA N   1 
ATOM   297 C CA  . THR A 1 37 ? 8.425   -0.473  1.559   1.000 11.985 ? 37  THR AAA CA  1 
ATOM   298 C C   . THR A 1 37 ? 7.285   -1.091  2.340   1.000 11.561 ? 37  THR AAA C   1 
ATOM   299 O O   . THR A 1 37 ? 6.211   -1.315  1.804   1.000 11.062 ? 37  THR AAA O   1 
ATOM   300 C CB  . THR A 1 37 ? 8.501   1.053   1.746   1.000 12.546 ? 37  THR AAA CB  1 
ATOM   301 O OG1 . THR A 1 37 ? 7.278   1.585   1.239   1.000 11.452 ? 37  THR AAA OG1 1 
ATOM   302 C CG2 . THR A 1 37 ? 9.766   1.594   1.104   1.000 13.972 ? 37  THR AAA CG2 1 
ATOM   303 N N   . TRP A 1 38 ? 7.495   -1.269  3.617   1.000 10.310 ? 38  TRP AAA N   1 
ATOM   304 C CA  . TRP A 1 38 ? 6.474   -1.580  4.608   1.000 10.673 ? 38  TRP AAA CA  1 
ATOM   305 C C   . TRP A 1 38 ? 5.975   -0.283  5.225   1.000 11.003 ? 38  TRP AAA C   1 
ATOM   306 O O   . TRP A 1 38 ? 6.735   0.453   5.864   1.000 16.758 ? 38  TRP AAA O   1 
ATOM   307 C CB  . TRP A 1 38 ? 6.990   -2.502  5.702   1.000 10.920 ? 38  TRP AAA CB  1 
ATOM   308 C CG  . TRP A 1 38 ? 7.001   -3.943  5.294   1.000 10.740 ? 38  TRP AAA CG  1 
ATOM   309 C CD1 . TRP A 1 38 ? 8.029   -4.687  4.808   1.000 12.649 ? 38  TRP AAA CD1 1 
ATOM   310 C CD2 . TRP A 1 38 ? 5.880   -4.835  5.378   1.000 11.121 ? 38  TRP AAA CD2 1 
ATOM   311 N NE1 . TRP A 1 38 ? 7.622   -5.985  4.609   1.000 13.689 ? 38  TRP AAA NE1 1 
ATOM   312 C CE2 . TRP A 1 38 ? 6.299   -6.106  4.941   1.000 11.703 ? 38  TRP AAA CE2 1 
ATOM   313 C CE3 . TRP A 1 38 ? 4.578   -4.650  5.834   1.000 11.614 ? 38  TRP AAA CE3 1 
ATOM   314 C CZ2 . TRP A 1 38 ? 5.430   -7.196  4.941   1.000 12.168 ? 38  TRP AAA CZ2 1 
ATOM   315 C CZ3 . TRP A 1 38 ? 3.722   -5.718  5.811   1.000 11.846 ? 38  TRP AAA CZ3 1 
ATOM   316 C CH2 . TRP A 1 38 ? 4.137   -6.960  5.359   1.000 12.413 ? 38  TRP AAA CH2 1 
ATOM   317 N N   . GLU A 1 39 ? 4.706   -0.048  5.098   1.000 10.250 ? 39  GLU AAA N   1 
ATOM   318 C CA  . GLU A 1 39 ? 4.127   1.227   5.514   1.000 10.256 ? 39  GLU AAA CA  1 
ATOM   319 C C   . GLU A 1 39 ? 3.095   1.022   6.612   1.000 10.882 ? 39  GLU AAA C   1 
ATOM   320 O O   . GLU A 1 39 ? 2.295   0.108   6.499   1.000 11.955 ? 39  GLU AAA O   1 
ATOM   321 C CB  . GLU A 1 39 ? 3.474   1.915   4.320   1.000 10.214 ? 39  GLU AAA CB  1 
ATOM   322 C CG  . GLU A 1 39 ? 4.406   2.344   3.257   1.000 9.860  ? 39  GLU AAA CG  1 
ATOM   323 C CD  . GLU A 1 39 ? 5.509   3.292   3.716   1.000 10.419 ? 39  GLU AAA CD  1 
ATOM   324 O OE1 . GLU A 1 39 ? 5.354   3.981   4.790   1.000 10.760 ? 39  GLU AAA OE1 1 
ATOM   325 O OE2 . GLU A 1 39 ? 6.510   3.447   2.961   1.000 11.679 ? 39  GLU AAA OE2 1 
ATOM   326 N N   . PRO A 1 40 ? 3.091   1.865   7.662   1.000 12.663 ? 40  PRO AAA N   1 
ATOM   327 C CA  . PRO A 1 40 ? 2.021   1.767   8.641   1.000 12.173 ? 40  PRO AAA CA  1 
ATOM   328 C C   . PRO A 1 40 ? 0.674   2.163   8.024   1.000 13.031 ? 40  PRO AAA C   1 
ATOM   329 O O   . PRO A 1 40 ? 0.617   2.929   7.063   1.000 13.194 ? 40  PRO AAA O   1 
ATOM   330 C CB  . PRO A 1 40 ? 2.444   2.743   9.731   1.000 14.126 ? 40  PRO AAA CB  1 
ATOM   331 C CG  . PRO A 1 40 ? 3.210   3.790   8.990   1.000 14.232 ? 40  PRO AAA CG  1 
ATOM   332 C CD  . PRO A 1 40 ? 3.917   3.055   7.899   1.000 13.153 ? 40  PRO AAA CD  1 
ATOM   333 N N   . GLU A 1 41 ? -0.390  1.608   8.586   1.000 13.778 ? 41  GLU AAA N   1 
ATOM   334 C CA  . GLU A 1 41 ? -1.730  1.755   8.011   1.000 14.111 ? 41  GLU AAA CA  1 
ATOM   335 C C   . GLU A 1 41 ? -2.063  3.232   7.825   1.000 15.792 ? 41  GLU AAA C   1 
ATOM   336 O O   . GLU A 1 41 ? -2.823  3.565   6.881   1.000 16.581 ? 41  GLU AAA O   1 
ATOM   337 C CB  . GLU A 1 41 ? -2.776  1.040   8.872   1.000 15.675 ? 41  GLU AAA CB  1 
ATOM   338 C CG  . GLU A 1 41 ? -2.924  1.651   10.235  1.000 16.424 ? 41  GLU AAA CG  1 
ATOM   339 C CD  . GLU A 1 41 ? -3.831  0.873   11.200  1.000 18.592 ? 41  GLU AAA CD  1 
ATOM   340 O OE1 . GLU A 1 41 ? -4.059  -0.344  10.961  1.000 20.077 ? 41  GLU AAA OE1 1 
ATOM   341 O OE2 . GLU A 1 41 ? -4.214  1.458   12.210  1.000 18.532 ? 41  GLU AAA OE2 1 
ATOM   342 N N   . GLN A 1 42 ? -1.613  4.134   8.688   1.000 17.194 ? 42  GLN AAA N   1 
ATOM   343 C CA  . GLN A 1 42 ? -2.049  5.540   8.571   1.000 18.619 ? 42  GLN AAA CA  1 
ATOM   344 C C   . GLN A 1 42 ? -1.532  6.144   7.250   1.000 16.723 ? 42  GLN AAA C   1 
ATOM   345 O O   . GLN A 1 42 ? -2.093  7.125   6.800   1.000 19.245 ? 42  GLN AAA O   1 
ATOM   346 C CB  . GLN A 1 42 ? -1.614  6.389   9.754   1.000 20.821 ? 42  GLN AAA CB  1 
ATOM   347 C CG  . GLN A 1 42 ? -0.119  6.372   10.030  1.000 20.601 ? 42  GLN AAA CG  1 
ATOM   348 C CD  . GLN A 1 42 ? 0.297   5.308   11.007  1.000 22.275 ? 42  GLN AAA CD  1 
ATOM   349 O OE1 . GLN A 1 42 ? -0.250  4.198   11.080  1.000 23.434 ? 42  GLN AAA OE1 1 
ATOM   350 N NE2 . GLN A 1 42 ? 1.321   5.658   11.778  1.000 27.951 ? 42  GLN AAA NE2 1 
ATOM   351 N N   . HIS A 1 43 ? -0.506  5.559   6.668   1.000 14.512 ? 43  HIS AAA N   1 
ATOM   352 C CA  . HIS A 1 43 ? 0.043   6.043   5.374   1.000 15.065 ? 43  HIS AAA CA  1 
ATOM   353 C C   . HIS A 1 43 ? -0.873  5.677   4.213   1.000 15.244 ? 43  HIS AAA C   1 
ATOM   354 O O   . HIS A 1 43 ? -0.696  6.234   3.124   1.000 15.994 ? 43  HIS AAA O   1 
ATOM   355 C CB  . HIS A 1 43 ? 1.463   5.533   5.195   1.000 12.992 ? 43  HIS AAA CB  1 
ATOM   356 C CG  . HIS A 1 43 ? 2.469   6.230   6.048   1.000 13.704 ? 43  HIS AAA CG  1 
ATOM   357 N ND1 . HIS A 1 43 ? 3.811   5.966   5.919   1.000 13.821 ? 43  HIS AAA ND1 1 
ATOM   358 C CD2 . HIS A 1 43 ? 2.343   7.129   7.044   1.000 15.344 ? 43  HIS AAA CD2 1 
ATOM   359 C CE1 . HIS A 1 43 ? 4.475   6.700   6.793   1.000 13.748 ? 43  HIS AAA CE1 1 
ATOM   360 N NE2 . HIS A 1 43 ? 3.624   7.423   7.509   1.000 16.431 ? 43  HIS AAA NE2 1 
ATOM   361 N N   . LEU A 1 44 ? -1.892  4.835   4.454   1.000 16.003 ? 44  LEU AAA N   1 
ATOM   362 C CA  . LEU A 1 44 ? -2.765  4.348   3.357   1.000 18.704 ? 44  LEU AAA CA  1 
ATOM   363 C C   . LEU A 1 44 ? -4.106  5.077   3.436   1.000 22.060 ? 44  LEU AAA C   1 
ATOM   364 O O   . LEU A 1 44 ? -5.099  4.627   2.823   1.000 22.886 ? 44  LEU AAA O   1 
ATOM   365 C CB  . LEU A 1 44 ? -2.895  2.821   3.445   1.000 19.229 ? 44  LEU AAA CB  1 
ATOM   366 C CG  . LEU A 1 44 ? -1.762  1.947   2.893   1.000 19.821 ? 44  LEU AAA CG  1 
ATOM   367 C CD1 . LEU A 1 44 ? -1.838  1.892   1.379   1.000 23.820 ? 44  LEU AAA CD1 1 
ATOM   368 C CD2 . LEU A 1 44 ? -0.354  2.283   3.390   1.000 19.179 ? 44  LEU AAA CD2 1 
ATOM   369 N N   . MET A 1 45 ? -4.163  6.247   4.074   1.000 23.145 ? 45  MET AAA N   1 
ATOM   370 C CA  . MET A 1 45 ? -5.480  6.915   4.194   1.000 27.262 ? 45  MET AAA CA  1 
ATOM   371 C C   . MET A 1 45 ? -5.994  7.355   2.818   1.000 28.402 ? 45  MET AAA C   1 
ATOM   372 O O   . MET A 1 45 ? -7.225  7.323   2.625   1.000 30.911 ? 45  MET AAA O   1 
ATOM   373 C CB  . MET A 1 45 ? -5.401  8.045   5.209   1.000 31.078 ? 45  MET AAA CB  1 
ATOM   374 C CG  . MET A 1 45 ? -5.409  7.473   6.587   1.000 33.662 ? 45  MET AAA CG  1 
ATOM   375 S SD  . MET A 1 45 ? -5.597  8.700   7.850   1.000 43.606 ? 45  MET AAA SD  1 
ATOM   376 C CE  . MET A 1 45 ? -5.173  7.763   9.317   1.000 40.234 ? 45  MET AAA CE  1 
ATOM   377 N N   . ASN A 1 46 ? -5.104  7.638   1.858   1.000 28.155 ? 46  ASN AAA N   1 
ATOM   378 C CA  . ASN A 1 46 ? -5.489  8.109   0.496   1.000 31.635 ? 46  ASN AAA CA  1 
ATOM   379 C C   . ASN A 1 46 ? -5.506  6.927   -0.474  1.000 31.158 ? 46  ASN AAA C   1 
ATOM   380 O O   . ASN A 1 46 ? -5.583  7.151   -1.724  1.000 31.328 ? 46  ASN AAA O   1 
ATOM   381 C CB  . ASN A 1 46 ? -4.587  9.260   0.024   1.000 32.492 ? 46  ASN AAA CB  1 
ATOM   382 C CG  . ASN A 1 46 ? -4.797  10.514  0.856   1.000 35.154 ? 46  ASN AAA CG  1 
ATOM   383 O OD1 . ASN A 1 46 ? -5.928  10.936  1.085   1.000 37.914 ? 46  ASN AAA OD1 1 
ATOM   384 N ND2 . ASN A 1 46 ? -3.710  11.091  1.347   1.000 37.764 ? 46  ASN AAA ND2 1 
ATOM   385 N N   A CYS A 1 47 ? -5.462  5.673   0.040   0.500 28.392 ? 47  CYS AAA N   1 
ATOM   386 N N   B CYS A 1 47 ? -5.538  5.735   0.086   0.500 29.069 ? 47  CYS AAA N   1 
ATOM   387 C CA  A CYS A 1 47 ? -5.385  4.358   -0.702  0.500 26.752 ? 47  CYS AAA CA  1 
ATOM   388 C CA  B CYS A 1 47 ? -5.786  4.581   -0.772  0.500 28.797 ? 47  CYS AAA CA  1 
ATOM   389 C C   A CYS A 1 47 ? -6.489  3.373   -0.199  0.500 28.334 ? 47  CYS AAA C   1 
ATOM   390 C C   B CYS A 1 47 ? -6.507  3.445   -0.089  0.500 28.921 ? 47  CYS AAA C   1 
ATOM   391 O O   A CYS A 1 47 ? -6.153  2.170   -0.158  0.500 25.296 ? 47  CYS AAA O   1 
ATOM   392 O O   B CYS A 1 47 ? -5.991  2.321   0.063   0.500 25.337 ? 47  CYS AAA O   1 
ATOM   393 C CB  A CYS A 1 47 ? -3.994  3.704   -0.532  0.500 24.328 ? 47  CYS AAA CB  1 
ATOM   394 C CB  B CYS A 1 47 ? -4.544  4.075   -1.413  0.500 26.156 ? 47  CYS AAA CB  1 
ATOM   395 S SG  A CYS A 1 47 ? -3.075  3.115   -2.007  0.500 22.884 ? 47  CYS AAA SG  1 
ATOM   396 S SG  B CYS A 1 47 ? -5.237  3.325   -2.877  0.500 27.925 ? 47  CYS AAA SG  1 
ATOM   397 N N   . GLU A 1 48 ? -7.722  3.788   0.205   1.000 31.347 ? 48  GLU AAA N   1 
ATOM   398 C CA  . GLU A 1 48 ? -8.770  2.846   0.696   1.000 34.017 ? 48  GLU AAA CA  1 
ATOM   399 C C   . GLU A 1 48 ? -8.962  1.729   -0.341  1.000 32.956 ? 48  GLU AAA C   1 
ATOM   400 O O   . GLU A 1 48 ? -9.080  0.576   0.098   1.000 33.920 ? 48  GLU AAA O   1 
ATOM   401 C CB  . GLU A 1 48 ? -10.079 3.574   1.024   1.000 40.531 ? 48  GLU AAA CB  1 
ATOM   402 C CG  . GLU A 1 48 ? -10.121 4.159   2.434   1.000 42.966 ? 48  GLU AAA CG  1 
ATOM   403 C CD  . GLU A 1 48 ? -11.409 4.893   2.788   1.000 48.534 ? 48  GLU AAA CD  1 
ATOM   404 O OE1 . GLU A 1 48 ? -12.464 4.214   2.980   1.000 50.890 ? 48  GLU AAA OE1 1 
ATOM   405 O OE2 . GLU A 1 48 ? -11.377 6.150   2.840   1.000 51.730 ? 48  GLU AAA OE2 1 
ATOM   406 N N   . LYS A 1 49 ? -8.931  2.032   -1.652  1.000 32.376 ? 49  LYS AAA N   1 
ATOM   407 C CA  . LYS A 1 49 ? -9.163  1.026   -2.731  1.000 32.597 ? 49  LYS AAA CA  1 
ATOM   408 C C   . LYS A 1 49 ? -8.013  0.013   -2.707  1.000 30.322 ? 49  LYS AAA C   1 
ATOM   409 O O   . LYS A 1 49 ? -8.270  -1.157  -2.884  1.000 31.259 ? 49  LYS AAA O   1 
ATOM   410 C CB  . LYS A 1 49 ? -9.239  1.647   -4.132  1.000 33.524 ? 49  LYS AAA CB  1 
ATOM   411 C CG  . LYS A 1 49 ? -9.703  0.694   -5.230  1.000 36.367 ? 49  LYS AAA CG  1 
ATOM   412 C CD  . LYS A 1 49 ? -9.591  1.291   -6.641  1.000 36.339 ? 49  LYS AAA CD  1 
ATOM   413 N N   A CYS A 1 50 ? -6.770  0.449   -2.469  0.500 27.762 ? 50  CYS AAA N   1 
ATOM   414 N N   B CYS A 1 50 ? -6.783  0.508   -2.521  0.500 27.981 ? 50  CYS AAA N   1 
ATOM   415 C CA  A CYS A 1 50 ? -5.572  -0.437  -2.455  0.500 26.514 ? 50  CYS AAA CA  1 
ATOM   416 C CA  B CYS A 1 50 ? -5.532  -0.274  -2.353  0.500 26.577 ? 50  CYS AAA CA  1 
ATOM   417 C C   A CYS A 1 50 ? -5.705  -1.484  -1.355  0.500 26.250 ? 50  CYS AAA C   1 
ATOM   418 C C   B CYS A 1 50 ? -5.778  -1.440  -1.401  0.500 26.580 ? 50  CYS AAA C   1 
ATOM   419 O O   A CYS A 1 50 ? -5.256  -2.623  -1.572  0.500 24.413 ? 50  CYS AAA O   1 
ATOM   420 O O   B CYS A 1 50 ? -5.540  -2.607  -1.787  0.500 25.605 ? 50  CYS AAA O   1 
ATOM   421 C CB  A CYS A 1 50 ? -4.302  0.348   -2.195  0.500 24.806 ? 50  CYS AAA CB  1 
ATOM   422 C CB  B CYS A 1 50 ? -4.450  0.616   -1.767  0.500 24.956 ? 50  CYS AAA CB  1 
ATOM   423 S SG  A CYS A 1 50 ? -4.357  1.950   -3.022  0.500 26.241 ? 50  CYS AAA SG  1 
ATOM   424 S SG  B CYS A 1 50 ? -3.863  1.845   -2.957  0.500 25.140 ? 50  CYS AAA SG  1 
ATOM   425 N N   . VAL A 1 51 ? -6.285  -1.094  -0.219  1.000 26.268 ? 51  VAL AAA N   1 
ATOM   426 C CA  . VAL A 1 51 ? -6.571  -2.043  0.885   1.000 26.707 ? 51  VAL AAA CA  1 
ATOM   427 C C   . VAL A 1 51 ? -7.712  -2.972  0.468   1.000 27.683 ? 51  VAL AAA C   1 
ATOM   428 O O   . VAL A 1 51 ? -7.562  -4.213  0.584   1.000 27.478 ? 51  VAL AAA O   1 
ATOM   429 C CB  . VAL A 1 51 ? -6.861  -1.264  2.172   1.000 27.143 ? 51  VAL AAA CB  1 
ATOM   430 C CG1 . VAL A 1 51 ? -7.182  -2.182  3.333   1.000 30.113 ? 51  VAL AAA CG1 1 
ATOM   431 C CG2 . VAL A 1 51 ? -5.677  -0.354  2.489   1.000 26.028 ? 51  VAL AAA CG2 1 
ATOM   432 N N   . HIS A 1 52 ? -8.840  -2.424  0.018   1.000 30.213 ? 52  HIS AAA N   1 
ATOM   433 C CA  A HIS A 1 52 ? -10.003 -3.259  -0.370  0.500 33.252 ? 52  HIS AAA CA  1 
ATOM   434 C CA  B HIS A 1 52 ? -10.018 -3.219  -0.425  0.500 32.420 ? 52  HIS AAA CA  1 
ATOM   435 C C   . HIS A 1 52 ? -9.571  -4.271  -1.440  1.000 31.987 ? 52  HIS AAA C   1 
ATOM   436 O O   . HIS A 1 52 ? -10.005 -5.447  -1.320  1.000 33.404 ? 52  HIS AAA O   1 
ATOM   437 C CB  A HIS A 1 52 ? -11.208 -2.396  -0.780  0.500 37.627 ? 52  HIS AAA CB  1 
ATOM   438 C CB  B HIS A 1 52 ? -11.118 -2.325  -1.035  0.500 35.323 ? 52  HIS AAA CB  1 
ATOM   439 C CG  A HIS A 1 52 ? -11.844 -1.679  0.368   0.500 40.327 ? 52  HIS AAA CG  1 
ATOM   440 C CG  B HIS A 1 52 ? -12.234 -3.073  -1.695  0.500 38.806 ? 52  HIS AAA CG  1 
ATOM   441 N ND1 A HIS A 1 52 ? -12.622 -0.549  0.192   0.500 42.602 ? 52  HIS AAA ND1 1 
ATOM   442 N ND1 B HIS A 1 52 ? -12.232 -3.378  -3.050  0.500 39.415 ? 52  HIS AAA ND1 1 
ATOM   443 C CD2 A HIS A 1 52 ? -11.799 -1.904  1.701   0.500 40.688 ? 52  HIS AAA CD2 1 
ATOM   444 C CD2 B HIS A 1 52 ? -13.398 -3.561  -1.206  0.500 41.438 ? 52  HIS AAA CD2 1 
ATOM   445 C CE1 A HIS A 1 52 ? -13.049 -0.125  1.365   0.500 44.021 ? 52  HIS AAA CE1 1 
ATOM   446 C CE1 B HIS A 1 52 ? -13.332 -4.035  -3.353  0.500 43.127 ? 52  HIS AAA CE1 1 
ATOM   447 N NE2 A HIS A 1 52 ? -12.552 -0.935  2.307   0.500 42.376 ? 52  HIS AAA NE2 1 
ATOM   448 N NE2 B HIS A 1 52 ? -14.061 -4.160  -2.241  0.500 44.662 ? 52  HIS AAA NE2 1 
ATOM   449 N N   . ASP A 1 53 ? -8.703  -3.847  -2.382  1.000 29.870 ? 53  ASP AAA N   1 
ATOM   450 C CA  . ASP A 1 53 ? -8.231  -4.725  -3.489  1.000 31.020 ? 53  ASP AAA CA  1 
ATOM   451 C C   . ASP A 1 53 ? -7.332  -5.828  -2.916  1.000 28.723 ? 53  ASP AAA C   1 
ATOM   452 O O   . ASP A 1 53 ? -7.554  -6.985  -3.281  1.000 31.234 ? 53  ASP AAA O   1 
ATOM   453 C CB  . ASP A 1 53 ? -7.495  -3.962  -4.587  1.000 30.890 ? 53  ASP AAA CB  1 
ATOM   454 C CG  . ASP A 1 53 ? -8.407  -3.169  -5.503  1.000 33.715 ? 53  ASP AAA CG  1 
ATOM   455 O OD1 . ASP A 1 53 ? -9.663  -3.339  -5.455  1.000 36.280 ? 53  ASP AAA OD1 1 
ATOM   456 O OD2 . ASP A 1 53 ? -7.855  -2.373  -6.248  1.000 36.404 ? 53  ASP AAA OD2 1 
ATOM   457 N N   . PHE A 1 54 ? -6.374  -5.484  -2.057  1.000 25.395 ? 54  PHE AAA N   1 
ATOM   458 C CA  . PHE A 1 54 ? -5.556  -6.499  -1.355  1.000 25.683 ? 54  PHE AAA CA  1 
ATOM   459 C C   . PHE A 1 54 ? -6.463  -7.512  -0.658  1.000 27.432 ? 54  PHE AAA C   1 
ATOM   460 O O   . PHE A 1 54 ? -6.273  -8.751  -0.863  1.000 27.445 ? 54  PHE AAA O   1 
ATOM   461 C CB  . PHE A 1 54 ? -4.643  -5.839  -0.329  1.000 24.065 ? 54  PHE AAA CB  1 
ATOM   462 C CG  . PHE A 1 54 ? -3.853  -6.842  0.475   1.000 23.136 ? 54  PHE AAA CG  1 
ATOM   463 C CD1 . PHE A 1 54 ? -2.737  -7.445  -0.066  1.000 23.091 ? 54  PHE AAA CD1 1 
ATOM   464 C CD2 . PHE A 1 54 ? -4.267  -7.237  1.743   1.000 25.277 ? 54  PHE AAA CD2 1 
ATOM   465 C CE1 . PHE A 1 54 ? -2.023  -8.377  0.663   1.000 23.018 ? 54  PHE AAA CE1 1 
ATOM   466 C CE2 . PHE A 1 54 ? -3.549  -8.174  2.470   1.000 25.826 ? 54  PHE AAA CE2 1 
ATOM   467 C CZ  . PHE A 1 54 ? -2.433  -8.750  1.917   1.000 24.380 ? 54  PHE AAA CZ  1 
ATOM   468 N N   . ASN A 1 55 ? -7.450  -7.029  0.112   1.000 30.457 ? 55  ASN AAA N   1 
ATOM   469 C CA  . ASN A 1 55 ? -8.404  -7.884  0.880   1.000 34.310 ? 55  ASN AAA CA  1 
ATOM   470 C C   . ASN A 1 55 ? -9.167  -8.828  -0.057  1.000 37.779 ? 55  ASN AAA C   1 
ATOM   471 O O   . ASN A 1 55 ? -9.386  -10.012 0.312   1.000 39.367 ? 55  ASN AAA O   1 
ATOM   472 C CB  . ASN A 1 55 ? -9.395  -7.048  1.693   1.000 36.766 ? 55  ASN AAA CB  1 
ATOM   473 C CG  . ASN A 1 55 ? -8.733  -6.310  2.831   1.000 37.288 ? 55  ASN AAA CG  1 
ATOM   474 O OD1 . ASN A 1 55 ? -7.629  -6.660  3.245   1.000 38.030 ? 55  ASN AAA OD1 1 
ATOM   475 N ND2 . ASN A 1 55 ? -9.383  -5.261  3.314   1.000 39.582 ? 55  ASN AAA ND2 1 
ATOM   476 N N   . ARG A 1 56 ? -9.627  -8.335  -1.211  1.000 38.211 ? 56  ARG AAA N   1 
ATOM   477 C CA  . ARG A 1 56 ? -10.347 -9.167  -2.207  1.000 41.245 ? 56  ARG AAA CA  1 
ATOM   478 C C   . ARG A 1 56 ? -9.403  -10.248 -2.762  1.000 39.694 ? 56  ARG AAA C   1 
ATOM   479 O O   . ARG A 1 56 ? -9.842  -11.393 -2.883  1.000 42.040 ? 56  ARG AAA O   1 
ATOM   480 C CB  . ARG A 1 56 ? -10.931 -8.272  -3.308  1.000 43.176 ? 56  ARG AAA CB  1 
ATOM   481 C CG  . ARG A 1 56 ? -11.765 -9.005  -4.353  1.000 46.580 ? 56  ARG AAA CG  1 
ATOM   482 C CD  . ARG A 1 56 ? -12.069 -8.078  -5.523  1.000 48.509 ? 56  ARG AAA CD  1 
ATOM   483 N NE  . ARG A 1 56 ? -10.901 -7.719  -6.352  1.000 45.587 ? 56  ARG AAA NE  1 
ATOM   484 C CZ  . ARG A 1 56 ? -10.224 -6.568  -6.266  1.000 44.278 ? 56  ARG AAA CZ  1 
ATOM   485 N N   . ARG A 1 57 ? -8.155  -9.891  -3.083  1.000 36.154 ? 57  ARG AAA N   1 
ATOM   486 C CA  . ARG A 1 57 ? -7.160  -10.802 -3.711  1.000 35.589 ? 57  ARG AAA CA  1 
ATOM   487 C C   . ARG A 1 57 ? -6.781  -11.934 -2.729  1.000 36.103 ? 57  ARG AAA C   1 
ATOM   488 O O   . ARG A 1 57 ? -6.338  -12.985 -3.224  1.000 36.385 ? 57  ARG AAA O   1 
ATOM   489 C CB  . ARG A 1 57 ? -5.929  -10.033 -4.199  1.000 33.135 ? 57  ARG AAA CB  1 
ATOM   490 C CG  . ARG A 1 57 ? -6.139  -9.224  -5.470  1.000 34.047 ? 57  ARG AAA CG  1 
ATOM   491 C CD  . ARG A 1 57 ? -4.836  -8.689  -6.045  1.000 32.239 ? 57  ARG AAA CD  1 
ATOM   492 N NE  . ARG A 1 57 ? -4.082  -7.818  -5.138  1.000 31.506 ? 57  ARG AAA NE  1 
ATOM   493 C CZ  . ARG A 1 57 ? -4.092  -6.477  -5.170  1.000 30.238 ? 57  ARG AAA CZ  1 
ATOM   494 N NH1 . ARG A 1 57 ? -4.826  -5.833  -6.061  1.000 30.952 ? 57  ARG AAA NH1 1 
ATOM   495 N NH2 . ARG A 1 57 ? -3.373  -5.770  -4.317  1.000 27.026 ? 57  ARG AAA NH2 1 
ATOM   496 N N   . GLN A 1 58 ? -6.965  -11.714 -1.415  1.000 35.584 ? 58  GLN AAA N   1 
ATOM   497 C CA  . GLN A 1 58 ? -6.746  -12.733 -0.344  1.000 38.593 ? 58  GLN AAA CA  1 
ATOM   498 C C   . GLN A 1 58 ? -7.689  -13.920 -0.594  1.000 42.391 ? 58  GLN AAA C   1 
ATOM   499 O O   . GLN A 1 58 ? -7.368  -15.035 -0.145  1.000 45.153 ? 58  GLN AAA O   1 
ATOM   500 C CB  . GLN A 1 58 ? -7.060  -12.208 1.064   1.000 38.504 ? 58  GLN AAA CB  1 
ATOM   501 C CG  . GLN A 1 58 ? -6.097  -11.187 1.666   1.000 37.589 ? 58  GLN AAA CG  1 
ATOM   502 C CD  . GLN A 1 58 ? -6.595  -10.680 3.007   1.000 40.753 ? 58  GLN AAA CD  1 
ATOM   503 O OE1 . GLN A 1 58 ? -5.844  -10.544 3.972   1.000 42.103 ? 58  GLN AAA OE1 1 
ATOM   504 N NE2 . GLN A 1 58 ? -7.896  -10.460 3.119   1.000 43.013 ? 58  GLN AAA NE2 1 
ATOM   505 N N   . THR A 1 59 ? -8.834  -13.696 -1.256  1.000 44.660 ? 59  THR AAA N   1 
ATOM   506 C CA  . THR A 1 59 ? -9.937  -14.680 -1.432  1.000 48.987 ? 59  THR AAA CA  1 
ATOM   507 C C   . THR A 1 59 ? -9.930  -15.320 -2.829  1.000 50.359 ? 59  THR AAA C   1 
ATOM   508 O O   . THR A 1 59 ? -10.923 -15.983 -3.149  1.000 51.559 ? 59  THR AAA O   1 
ATOM   509 C CB  . THR A 1 59 ? -11.324 -14.038 -1.230  1.000 52.039 ? 59  THR AAA CB  1 
ATOM   510 O OG1 . THR A 1 59 ? -11.607 -13.123 -2.308  1.000 53.228 ? 59  THR AAA OG1 1 
ATOM   511 C CG2 . THR A 1 59 ? -11.464 -13.326 0.104   1.000 50.590 ? 59  THR AAA CG2 1 
ATOM   512 N N   . GLU A 1 60 ? -8.871  -15.147 -3.619  1.000 47.367 ? 60  GLU AAA N   1 
ATOM   513 C CA  . GLU A 1 60 ? -8.772  -15.522 -5.058  1.000 51.050 ? 60  GLU AAA CA  1 
ATOM   514 C C   . GLU A 1 60 ? -7.430  -16.230 -5.303  1.000 49.785 ? 60  GLU AAA C   1 
ATOM   515 O O   . GLU A 1 60 ? -6.570  -16.083 -4.437  1.000 45.277 ? 60  GLU AAA O   1 
ATOM   516 C CB  . GLU A 1 60 ? -8.906  -14.242 -5.883  1.000 52.093 ? 60  GLU AAA CB  1 
ATOM   517 C CG  . GLU A 1 60 ? -10.246 -13.555 -5.680  1.000 56.451 ? 60  GLU AAA CG  1 
ATOM   518 C CD  . GLU A 1 60 ? -10.634 -12.601 -6.794  1.000 59.277 ? 60  GLU AAA CD  1 
ATOM   519 O OE1 . GLU A 1 60 ? -11.808 -12.626 -7.213  1.000 63.962 ? 60  GLU AAA OE1 1 
ATOM   520 O OE2 . GLU A 1 60 ? -9.755  -11.849 -7.243  1.000 59.619 ? 60  GLU AAA OE2 1 
ATOM   521 N N   . LYS A 1 61 ? -7.236  -16.952 -6.419  1.000 50.778 ? 61  LYS AAA N   1 
ATOM   522 C CA  . LYS A 1 61 ? -6.022  -17.800 -6.645  1.000 51.415 ? 61  LYS AAA CA  1 
ATOM   523 C C   . LYS A 1 61 ? -5.154  -17.294 -7.817  1.000 51.821 ? 61  LYS AAA C   1 
ATOM   524 O O   . LYS A 1 61 ? -5.702  -17.071 -8.916  1.000 54.418 ? 61  LYS AAA O   1 
ATOM   525 C CB  . LYS A 1 61 ? -6.427  -19.253 -6.922  1.000 55.108 ? 61  LYS AAA CB  1 
ATOM   526 C CG  . LYS A 1 61 ? -6.770  -20.119 -5.709  1.000 55.691 ? 61  LYS AAA CG  1 
ATOM   527 C CD  . LYS A 1 61 ? -6.759  -21.620 -6.006  1.000 59.314 ? 61  LYS AAA CD  1 
ATOM   528 C CE  . LYS A 1 61 ? -5.395  -22.079 -6.474  1.000 58.101 ? 61  LYS AAA CE  1 
ATOM   529 N NZ  . LYS A 1 61 ? -5.255  -23.549 -6.509  1.000 62.397 ? 61  LYS AAA NZ  1 
ATOM   530 N N   . GLN A 1 62 ? -3.826  -17.211 -7.619  1.000 49.806 ? 62  GLN AAA N   1 
ATOM   531 C CA  . GLN A 1 62 ? -2.837  -16.795 -8.652  1.000 50.403 ? 62  GLN AAA CA  1 
ATOM   532 N N   . ALA B 2 1  ? 0.994   9.077   -14.398 1.000 17.265 ? 1   ALA QQQ N   1 
ATOM   533 C CA  . ALA B 2 1  ? 0.281   8.459   -13.217 1.000 16.940 ? 1   ALA QQQ CA  1 
ATOM   534 C C   . ALA B 2 1  ? -0.900  7.669   -13.796 1.000 18.127 ? 1   ALA QQQ C   1 
ATOM   535 O O   . ALA B 2 1  ? -1.448  8.192   -14.788 1.000 18.444 ? 1   ALA QQQ O   1 
ATOM   536 C CB  . ALA B 2 1  ? -0.154  9.460   -12.190 1.000 18.805 ? 1   ALA QQQ CB  1 
ATOM   537 N N   . ARG B 2 2  ? -1.148  6.455   -13.298 1.000 18.408 ? 2   ARG QQQ N   1 
ATOM   538 C CA  . ARG B 2 2  ? -2.126  5.466   -13.879 1.000 21.248 ? 2   ARG QQQ CA  1 
ATOM   539 C C   . ARG B 2 2  ? -3.454  5.498   -13.104 1.000 23.303 ? 2   ARG QQQ C   1 
ATOM   540 O O   . ARG B 2 2  ? -4.473  5.115   -13.741 1.000 25.515 ? 2   ARG QQQ O   1 
ATOM   541 C CB  . ARG B 2 2  ? -1.549  4.042   -13.935 1.000 23.319 ? 2   ARG QQQ CB  1 
ATOM   542 N N   . THR B 2 3  ? -3.425  5.844   -11.799 1.000 23.723 ? 3   THR QQQ N   1 
ATOM   543 C CA  . THR B 2 3  ? -4.580  5.889   -10.847 1.000 24.161 ? 3   THR QQQ CA  1 
ATOM   544 C C   . THR B 2 3  ? -4.451  7.097   -9.891  1.000 24.318 ? 3   THR QQQ C   1 
ATOM   545 O O   . THR B 2 3  ? -3.355  7.682   -9.789  1.000 21.064 ? 3   THR QQQ O   1 
ATOM   546 C CB  . THR B 2 3  ? -4.674  4.603   -10.006 1.000 24.871 ? 3   THR QQQ CB  1 
ATOM   547 O OG1 . THR B 2 3  ? -3.665  4.636   -9.000  1.000 23.285 ? 3   THR QQQ OG1 1 
ATOM   548 C CG2 . THR B 2 3  ? -4.509  3.341   -10.819 1.000 26.205 ? 3   THR QQQ CG2 1 
ATOM   549 N N   . LYS B 2 4  ? -5.509  7.388   -9.131  1.000 26.733 ? 4   LYS QQQ N   1 
ATOM   550 C CA  . LYS B 2 4  ? -5.514  8.405   -8.042  1.000 28.752 ? 4   LYS QQQ CA  1 
ATOM   551 C C   . LYS B 2 4  ? -5.176  7.700   -6.699  1.000 28.241 ? 4   LYS QQQ C   1 
ATOM   552 O O   . LYS B 2 4  ? -5.271  8.334   -5.675  1.000 33.497 ? 4   LYS QQQ O   1 
ATOM   553 C CB  . LYS B 2 4  ? -6.873  9.125   -8.056  1.000 33.507 ? 4   LYS QQQ CB  1 
ATOM   554 C CG  . LYS B 2 4  ? -7.353  9.630   -9.417  1.000 34.370 ? 4   LYS QQQ CG  1 
ATOM   555 N N   . GLN B 2 5  ? -4.779  6.418   -6.686  1.000 28.816 ? 5   GLN QQQ N   1 
ATOM   556 C CA  . GLN B 2 5  ? -4.505  5.629   -5.431  1.000 30.199 ? 5   GLN QQQ CA  1 
ATOM   557 C C   . GLN B 2 5  ? -3.083  5.934   -4.910  1.000 26.544 ? 5   GLN QQQ C   1 
ATOM   558 O O   . GLN B 2 5  ? -2.099  5.393   -5.490  1.000 25.547 ? 5   GLN QQQ O   1 
ATOM   559 C CB  . GLN B 2 5  ? -4.764  4.141   -5.732  1.000 33.659 ? 5   GLN QQQ CB  1 
ATOM   560 C CG  . GLN B 2 5  ? -6.251  3.796   -5.883  1.000 38.289 ? 5   GLN QQQ CG  1 
ATOM   561 C CD  . GLN B 2 5  ? -6.561  2.779   -6.963  1.000 38.975 ? 5   GLN QQQ CD  1 
ATOM   562 N N   . THR B 2 6  ? -2.935  6.773   -3.863  1.000 23.275 ? 6   THR QQQ N   1 
ATOM   563 C CA  . THR B 2 6  ? -1.604  7.191   -3.339  1.000 19.989 ? 6   THR QQQ CA  1 
ATOM   564 C C   . THR B 2 6  ? -1.510  6.884   -1.839  1.000 18.265 ? 6   THR QQQ C   1 
ATOM   565 O O   . THR B 2 6  ? -2.559  6.705   -1.147  1.000 20.624 ? 6   THR QQQ O   1 
ATOM   566 C CB  . THR B 2 6  ? -1.249  8.677   -3.460  1.000 20.813 ? 6   THR QQQ CB  1 
ATOM   567 O OG1 . THR B 2 6  ? -1.981  9.499   -2.538  1.000 24.785 ? 6   THR QQQ OG1 1 
ATOM   568 C CG2 . THR B 2 6  ? -1.406  9.140   -4.896  1.000 22.130 ? 6   THR QQQ CG2 1 
ATOM   569 N N   . ALA B 2 7  ? -0.264  6.782   -1.393  1.000 16.464 ? 7   ALA QQQ N   1 
ATOM   570 C CA  . ALA B 2 7  ? 0.093   6.505   0.014   1.000 16.844 ? 7   ALA QQQ CA  1 
ATOM   571 C C   . ALA B 2 7  ? 1.387   7.238   0.358   1.000 16.234 ? 7   ALA QQQ C   1 
ATOM   572 O O   . ALA B 2 7  ? 2.191   7.598   -0.551  1.000 15.636 ? 7   ALA QQQ O   1 
ATOM   573 C CB  . ALA B 2 7  ? 0.279   5.020   0.198   1.000 17.276 ? 7   ALA QQQ CB  1 
ATOM   574 N N   . ARG B 2 8  ? 1.526   7.587   1.636   1.000 16.369 ? 8   ARG QQQ N   1 
ATOM   575 C CA  . ARG B 2 8  ? 2.771   8.183   2.118   1.000 16.917 ? 8   ARG QQQ CA  1 
ATOM   576 C C   . ARG B 2 8  ? 3.843   7.118   2.202   1.000 15.891 ? 8   ARG QQQ C   1 
ATOM   577 O O   . ARG B 2 8  ? 3.587   6.010   2.714   1.000 14.785 ? 8   ARG QQQ O   1 
ATOM   578 C CB  . ARG B 2 8  ? 2.512   8.812   3.476   1.000 20.255 ? 8   ARG QQQ CB  1 
ATOM   579 C CG  . ARG B 2 8  ? 3.727   9.486   4.072   1.000 23.312 ? 8   ARG QQQ CG  1 
ATOM   580 C CD  . ARG B 2 8  ? 3.378   10.245  5.359   1.000 27.922 ? 8   ARG QQQ CD  1 
ATOM   581 N NE  . ARG B 2 8  ? 2.243   11.177  5.348   1.000 34.453 ? 8   ARG QQQ NE  1 
ATOM   582 C CZ  . ARG B 2 8  ? 1.715   11.765  4.268   1.000 35.523 ? 8   ARG QQQ CZ  1 
HETATM 583 N N   . M3L B 2 9  ? 5.002   7.456   1.637   1.000 16.904 ? 9   M3L QQQ N   1 
HETATM 584 C CA  . M3L B 2 9  ? 6.134   6.554   1.606   1.000 17.085 ? 9   M3L QQQ CA  1 
HETATM 585 C CB  . M3L B 2 9  ? 6.839   6.493   0.235   1.000 17.510 ? 9   M3L QQQ CB  1 
HETATM 586 C CG  . M3L B 2 9  ? 8.021   5.510   0.227   1.000 19.561 ? 9   M3L QQQ CG  1 
HETATM 587 C CD  . M3L B 2 9  ? 8.462   4.939   -1.136  1.000 21.790 ? 9   M3L QQQ CD  1 
HETATM 588 C CE  . M3L B 2 9  ? 9.170   6.003   -1.896  1.000 22.331 ? 9   M3L QQQ CE  1 
HETATM 589 N NZ  . M3L B 2 9  ? 9.550   5.689   -3.335  1.000 20.348 ? 9   M3L QQQ NZ  1 
HETATM 590 C C   . M3L B 2 9  ? 7.112   6.966   2.701   1.000 18.600 ? 9   M3L QQQ C   1 
HETATM 591 O O   . M3L B 2 9  ? 7.408   8.151   2.913   1.000 20.849 ? 9   M3L QQQ O   1 
HETATM 592 C CM1 . M3L B 2 9  ? 10.475  4.507   -3.370  1.000 22.350 ? 9   M3L QQQ CM1 1 
HETATM 593 C CM2 . M3L B 2 9  ? 10.252  6.884   -3.833  1.000 23.124 ? 9   M3L QQQ CM2 1 
HETATM 594 C CM3 . M3L B 2 9  ? 8.338   5.443   -4.165  1.000 19.048 ? 9   M3L QQQ CM3 1 
ATOM   595 N N   . SER B 2 10 ? 7.609   5.978   3.432   1.000 17.906 ? 10  SER QQQ N   1 
ATOM   596 C CA  . SER B 2 10 ? 8.591   6.146   4.480   1.000 20.724 ? 10  SER QQQ CA  1 
ATOM   597 C C   . SER B 2 10 ? 9.982   6.275   3.833   1.000 26.101 ? 10  SER QQQ C   1 
ATOM   598 O O   . SER B 2 10 ? 10.384  5.411   3.008   1.000 30.815 ? 10  SER QQQ O   1 
ATOM   599 C CB  . SER B 2 10 ? 8.495   5.021   5.465   1.000 19.644 ? 10  SER QQQ CB  1 
ATOM   600 O OG  . SER B 2 10 ? 7.262   5.121   6.165   1.000 16.563 ? 10  SER QQQ OG  1 
ATOM   601 N N   . THR B 2 11 ? 10.708  7.328   4.191   1.000 31.041 ? 11  THR QQQ N   1 
ATOM   602 C CA  . THR B 2 11 ? 12.061  7.612   3.661   1.000 33.597 ? 11  THR QQQ CA  1 
ATOM   603 C C   . THR B 2 11 ? 13.022  6.701   4.446   1.000 36.021 ? 11  THR QQQ C   1 
ATOM   604 O O   . THR B 2 11 ? 12.628  6.261   5.560   1.000 32.832 ? 11  THR QQQ O   1 
ATOM   605 C CB  . THR B 2 11 ? 12.278  9.134   3.695   1.000 35.899 ? 11  THR QQQ CB  1 
ATOM   606 O OG1 . THR B 2 11 ? 12.184  9.545   5.067   1.000 38.842 ? 11  THR QQQ OG1 1 
ATOM   607 C CG2 . THR B 2 11 ? 11.277  9.867   2.815   1.000 35.761 ? 11  THR QQQ CG2 1 
ATOM   608 N N   . GLY B 2 12 ? 14.198  6.384   3.885   1.000 41.088 ? 12  GLY QQQ N   1 
HETATM 609 X UNK . UNX C 3 .  ? 14.159  2.396   -3.062  1.000 29.861 ? 101 UNX AAA UNK 1 
HETATM 610 X UNK . UNX D 3 .  ? 6.088   6.703   -11.140 1.000 24.430 ? 102 UNX AAA UNK 1 
HETATM 611 X UNK . UNX E 3 .  ? -4.916  -1.031  17.608  1.000 18.473 ? 103 UNX AAA UNK 1 
HETATM 612 X UNK . UNX F 3 .  ? 0.532   0.382   11.733  1.000 21.877 ? 104 UNX AAA UNK 1 
HETATM 613 X UNK . UNX G 3 .  ? 14.642  -4.725  -7.959  1.000 21.058 ? 105 UNX AAA UNK 1 
HETATM 614 X UNK . UNX H 3 .  ? 6.092   -0.272  8.742   1.000 22.122 ? 106 UNX AAA UNK 1 
HETATM 615 X UNK . UNX I 3 .  ? 12.040  2.732   -1.432  1.000 19.240 ? 107 UNX AAA UNK 1 
HETATM 616 X UNK . UNX J 3 .  ? 5.703   3.810   -14.630 1.000 22.671 ? 108 UNX AAA UNK 1 
HETATM 617 X UNK . UNX K 3 .  ? -0.254  2.334   12.789  1.000 27.695 ? 109 UNX AAA UNK 1 
HETATM 618 X UNK . UNX L 3 .  ? 8.211   -0.584  -5.227  1.000 12.133 ? 110 UNX AAA UNK 1 
HETATM 619 X UNK . UNX M 3 .  ? 1.826   -10.251 11.812  1.000 26.110 ? 111 UNX AAA UNK 1 
HETATM 620 X UNK . UNX N 3 .  ? 4.661   -0.077  -11.860 1.000 29.838 ? 112 UNX AAA UNK 1 
HETATM 621 X UNK . UNX O 3 .  ? -3.721  -2.966  -3.622  1.000 14.533 ? 113 UNX AAA UNK 1 
HETATM 622 X UNK . UNX P 3 .  ? -6.953  2.806   4.130   1.000 24.218 ? 114 UNX AAA UNK 1 
HETATM 623 X UNK . UNX Q 3 .  ? -8.791  0.886   4.509   0.500 29.338 ? 115 UNX AAA UNK 1 
HETATM 624 X UNK . UNX R 3 .  ? 0.011   -11.491 6.965   1.000 17.833 ? 116 UNX AAA UNK 1 
HETATM 625 X UNK . UNX S 3 .  ? -4.513  -1.292  -5.652  1.000 28.030 ? 117 UNX AAA UNK 1 
HETATM 626 X UNK . UNX T 3 .  ? -8.810  6.525   -0.666  1.000 30.684 ? 118 UNX AAA UNK 1 
HETATM 627 X UNK . UNX U 3 .  ? 9.515   8.384   6.998   1.000 33.432 ? 101 UNX QQQ UNK 1 
HETATM 628 X UNK . UNX V 3 .  ? -1.766  8.712   -8.134  1.000 20.581 ? 102 UNX QQQ UNK 1 
HETATM 629 O O   . HOH W 4 .  ? -5.474  -2.315  11.741  1.000 30.942 ? 201 HOH AAA O   1 
HETATM 630 O O   . HOH W 4 .  ? 15.994  -0.282  -3.174  1.000 34.028 ? 202 HOH AAA O   1 
HETATM 631 O O   . HOH W 4 .  ? -6.337  -4.751  6.328   1.000 26.823 ? 203 HOH AAA O   1 
HETATM 632 O O   . HOH W 4 .  ? 13.235  -1.536  -0.083  1.000 33.118 ? 204 HOH AAA O   1 
HETATM 633 O O   . HOH W 4 .  ? 0.803   0.978   16.075  1.000 16.399 ? 205 HOH AAA O   1 
HETATM 634 O O   . HOH W 4 .  ? 2.897   0.413   12.747  1.000 26.548 ? 206 HOH AAA O   1 
HETATM 635 O O   . HOH W 4 .  ? 4.955   5.574   -7.161  1.000 13.305 ? 207 HOH AAA O   1 
HETATM 636 O O   . HOH W 4 .  ? -0.978  2.131   -10.144 1.000 26.585 ? 208 HOH AAA O   1 
HETATM 637 O O   . HOH W 4 .  ? 2.659   8.237   -10.122 1.000 17.038 ? 209 HOH AAA O   1 
HETATM 638 O O   . HOH W 4 .  ? 9.307   15.176  0.665   1.000 32.666 ? 210 HOH AAA O   1 
HETATM 639 O O   . HOH W 4 .  ? -2.385  8.252   2.213   1.000 25.683 ? 211 HOH AAA O   1 
HETATM 640 O O   . HOH W 4 .  ? 6.950   -9.088  7.320   1.000 15.912 ? 212 HOH AAA O   1 
HETATM 641 O O   . HOH W 4 .  ? 9.145   3.886   -14.263 1.000 26.944 ? 213 HOH AAA O   1 
HETATM 642 O O   . HOH W 4 .  ? -3.458  -3.288  -7.406  1.000 35.214 ? 214 HOH AAA O   1 
HETATM 643 O O   . HOH W 4 .  ? 4.103   8.132   -7.783  1.000 15.473 ? 215 HOH AAA O   1 
HETATM 644 O O   . HOH W 4 .  ? -9.426  4.790   -2.672  1.000 37.582 ? 216 HOH AAA O   1 
HETATM 645 O O   . HOH W 4 .  ? 6.260   -4.418  12.805  1.000 32.376 ? 217 HOH AAA O   1 
HETATM 646 O O   . HOH W 4 .  ? 11.044  -5.356  -10.147 1.000 40.029 ? 218 HOH AAA O   1 
HETATM 647 O O   . HOH W 4 .  ? -0.907  -11.511 4.036   1.000 22.957 ? 219 HOH AAA O   1 
HETATM 648 O O   . HOH X 4 .  ? 7.453   4.122   8.611   1.000 27.507 ? 201 HOH QQQ O   1 
# 
loop_
_atom_site_anisotrop.id 
_atom_site_anisotrop.type_symbol 
_atom_site_anisotrop.pdbx_label_atom_id 
_atom_site_anisotrop.pdbx_label_alt_id 
_atom_site_anisotrop.pdbx_label_comp_id 
_atom_site_anisotrop.pdbx_label_asym_id 
_atom_site_anisotrop.pdbx_label_seq_id 
_atom_site_anisotrop.pdbx_PDB_ins_code 
_atom_site_anisotrop.U[1][1] 
_atom_site_anisotrop.U[2][2] 
_atom_site_anisotrop.U[3][3] 
_atom_site_anisotrop.U[1][2] 
_atom_site_anisotrop.U[1][3] 
_atom_site_anisotrop.U[2][3] 
_atom_site_anisotrop.pdbx_auth_seq_id 
_atom_site_anisotrop.pdbx_auth_comp_id 
_atom_site_anisotrop.pdbx_auth_asym_id 
_atom_site_anisotrop.pdbx_auth_atom_id 
1   N N   . ALA A 2  ? 0.6136 0.2665 0.4109 0.0757  0.0408  0.0447  2  ALA AAA N   
2   C CA  . ALA A 2  ? 0.5923 0.2524 0.3913 0.0529  0.0450  0.0299  2  ALA AAA CA  
3   C C   . ALA A 2  ? 0.5221 0.1985 0.3274 0.0218  0.0417  0.0288  2  ALA AAA C   
4   O O   . ALA A 2  ? 0.4831 0.1926 0.3063 0.0212  0.0362  0.0350  2  ALA AAA O   
5   C CB  . ALA A 2  ? 0.5865 0.2937 0.4179 0.0638  0.0444  0.0256  2  ALA AAA CB  
6   N N   . SER A 3  ? 0.5691 0.2184 0.3574 -0.0043 0.0452  0.0208  3  SER AAA N   
7   C CA  A SER A 3  ? 0.5381 0.2004 0.3335 -0.0330 0.0457  0.0228  3  SER AAA CA  
8   C CA  B SER A 3  ? 0.5391 0.2022 0.3347 -0.0330 0.0457  0.0232  3  SER AAA CA  
9   C C   . SER A 3  ? 0.4737 0.2017 0.3095 -0.0398 0.0407  0.0191  3  SER AAA C   
10  O O   . SER A 3  ? 0.4105 0.1629 0.2606 -0.0543 0.0435  0.0239  3  SER AAA O   
11  C CB  A SER A 3  ? 0.5829 0.2060 0.3571 -0.0609 0.0482  0.0174  3  SER AAA CB  
12  C CB  B SER A 3  ? 0.5839 0.2070 0.3581 -0.0609 0.0482  0.0174  3  SER AAA CB  
13  O OG  A SER A 3  ? 0.5751 0.1949 0.3460 -0.0669 0.0431  0.0035  3  SER AAA OG  
14  O OG  B SER A 3  ? 0.5580 0.2110 0.3540 -0.0887 0.0495  0.0202  3  SER AAA OG  
15  N N   . GLN A 4  ? 0.4599 0.2113 0.3117 -0.0280 0.0364  0.0122  4  GLN AAA N   
16  C CA  . GLN A 4  ? 0.4386 0.2435 0.3209 -0.0319 0.0318  0.0084  4  GLN AAA CA  
17  C C   . GLN A 4  ? 0.3784 0.2108 0.2778 -0.0107 0.0288  0.0134  4  GLN AAA C   
18  O O   . GLN A 4  ? 0.3846 0.2528 0.3046 -0.0103 0.0247  0.0104  4  GLN AAA O   
19  C CB  . GLN A 4  ? 0.4639 0.2721 0.3470 -0.0394 0.0284  -0.0032 4  GLN AAA CB  
20  C CG  . GLN A 4  ? 0.5108 0.3125 0.3907 -0.0679 0.0251  -0.0070 4  GLN AAA CG  
21  C CD  . GLN A 4  ? 0.4942 0.3357 0.4042 -0.0812 0.0264  0.0001  4  GLN AAA CD  
22  O OE1 . GLN A 4  ? 0.5553 0.3855 0.4622 -0.0994 0.0307  0.0045  4  GLN AAA OE1 
23  N NE2 . GLN A 4  ? 0.4898 0.3743 0.4249 -0.0711 0.0241  0.0008  4  GLN AAA NE2 
24  N N   . GLU A 5  ? 0.3676 0.1830 0.2574 0.0064  0.0283  0.0212  5  GLU AAA N   
25  C CA  . GLU A 5  ? 0.3394 0.1829 0.2487 0.0241  0.0208  0.0278  5  GLU AAA CA  
26  C C   . GLU A 5  ? 0.3016 0.1464 0.2041 0.0197  0.0160  0.0357  5  GLU AAA C   
27  O O   . GLU A 5  ? 0.3266 0.1401 0.2044 0.0223  0.0172  0.0428  5  GLU AAA O   
28  C CB  . GLU A 5  ? 0.4025 0.2353 0.3112 0.0473  0.0221  0.0331  5  GLU AAA CB  
29  C CG  . GLU A 5  ? 0.4327 0.2729 0.3493 0.0525  0.0296  0.0251  5  GLU AAA CG  
30  C CD  . GLU A 5  ? 0.4470 0.3213 0.3917 0.0722  0.0310  0.0300  5  GLU AAA CD  
31  O OE1 . GLU A 5  ? 0.3763 0.2849 0.3468 0.0749  0.0214  0.0385  5  GLU AAA OE1 
32  O OE2 . GLU A 5  ? 0.4996 0.3638 0.4386 0.0826  0.0420  0.0253  5  GLU AAA OE2 
33  N N   . PHE A 6  ? 0.2683 0.1468 0.1879 0.0138  0.0118  0.0331  6  PHE AAA N   
34  C CA  . PHE A 6  ? 0.2658 0.1448 0.1754 0.0096  0.0079  0.0377  6  PHE AAA CA  
35  C C   . PHE A 6  ? 0.2608 0.1582 0.1799 0.0188  -0.0065 0.0422  6  PHE AAA C   
36  O O   . PHE A 6  ? 0.2380 0.1606 0.1815 0.0231  -0.0109 0.0400  6  PHE AAA O   
37  C CB  . PHE A 6  ? 0.2651 0.1597 0.1801 -0.0042 0.0155  0.0325  6  PHE AAA CB  
38  C CG  . PHE A 6  ? 0.2886 0.1722 0.1993 -0.0185 0.0276  0.0304  6  PHE AAA CG  
39  C CD1 . PHE A 6  ? 0.2941 0.1789 0.2150 -0.0251 0.0294  0.0240  6  PHE AAA CD1 
40  C CD2 . PHE A 6  ? 0.3331 0.2043 0.2276 -0.0261 0.0378  0.0357  6  PHE AAA CD2 
41  C CE1 . PHE A 6  ? 0.3252 0.1985 0.2413 -0.0433 0.0365  0.0232  6  PHE AAA CE1 
42  C CE2 . PHE A 6  ? 0.3453 0.2090 0.2407 -0.0436 0.0484  0.0371  6  PHE AAA CE2 
43  C CZ  . PHE A 6  ? 0.3332 0.1989 0.2420 -0.0531 0.0463  0.0305  6  PHE AAA CZ  
44  N N   . GLU A 7  ? 0.2647 0.1487 0.1606 0.0195  -0.0137 0.0475  7  GLU AAA N   
45  C CA  . GLU A 7  ? 0.2692 0.1643 0.1665 0.0234  -0.0320 0.0511  7  GLU AAA CA  
46  C C   . GLU A 7  ? 0.2337 0.1479 0.1414 0.0140  -0.0325 0.0436  7  GLU AAA C   
47  O O   . GLU A 7  ? 0.2527 0.1609 0.1474 0.0078  -0.0202 0.0385  7  GLU AAA O   
48  C CB  . GLU A 7  ? 0.2961 0.1626 0.1543 0.0251  -0.0409 0.0580  7  GLU AAA CB  
49  C CG  . GLU A 7  ? 0.3106 0.1865 0.1709 0.0267  -0.0658 0.0623  7  GLU AAA CG  
50  C CD  . GLU A 7  ? 0.3562 0.1979 0.1679 0.0283  -0.0773 0.0675  7  GLU AAA CD  
51  O OE1 . GLU A 7  ? 0.3899 0.1995 0.1696 0.0310  -0.0631 0.0714  7  GLU AAA OE1 
52  O OE2 . GLU A 7  ? 0.3760 0.2200 0.1809 0.0251  -0.1011 0.0703  7  GLU AAA OE2 
53  N N   . VAL A 8  ? 0.2417 0.1806 0.1738 0.0143  -0.0450 0.0446  8  VAL AAA N   
54  C CA  . VAL A 8  ? 0.2221 0.1742 0.1618 0.0066  -0.0470 0.0385  8  VAL AAA CA  
55  C C   . VAL A 8  ? 0.2502 0.1848 0.1630 0.0020  -0.0641 0.0410  8  VAL AAA C   
56  O O   . VAL A 8  ? 0.2698 0.2073 0.1848 0.0025  -0.0831 0.0477  8  VAL AAA O   
57  C CB  . VAL A 8  ? 0.2058 0.1904 0.1848 0.0073  -0.0503 0.0411  8  VAL AAA CB  
58  C CG1 . VAL A 8  ? 0.2152 0.2067 0.1971 -0.0029 -0.0567 0.0379  8  VAL AAA CG1 
59  C CG2 . VAL A 8  ? 0.1956 0.1888 0.1896 0.0115  -0.0322 0.0370  8  VAL AAA CG2 
60  N N   . GLU A 9  ? 0.2664 0.1825 0.1531 -0.0033 -0.0588 0.0337  9  GLU AAA N   
61  C CA  . GLU A 9  ? 0.3270 0.2180 0.1801 -0.0090 -0.0755 0.0326  9  GLU AAA CA  
62  C C   . GLU A 9  ? 0.3048 0.2124 0.1818 -0.0184 -0.0894 0.0328  9  GLU AAA C   
63  O O   . GLU A 9  ? 0.3375 0.2473 0.2161 -0.0264 -0.1132 0.0377  9  GLU AAA O   
64  C CB  . GLU A 9  ? 0.3778 0.2380 0.1902 -0.0058 -0.0589 0.0260  9  GLU AAA CB  
65  C CG  . GLU A 9  ? 0.4819 0.3010 0.2431 -0.0094 -0.0724 0.0227  9  GLU AAA CG  
66  C CD  . GLU A 9  ? 0.5661 0.3558 0.2911 -0.0019 -0.0510 0.0163  9  GLU AAA CD  
67  O OE1 . GLU A 9  ? 0.6642 0.4550 0.3847 0.0072  -0.0287 0.0178  9  GLU AAA OE1 
68  O OE2 . GLU A 9  ? 0.6820 0.4480 0.3830 -0.0033 -0.0560 0.0097  9  GLU AAA OE2 
69  N N   . ALA A 10 ? 0.2696 0.1949 0.1705 -0.0194 -0.0764 0.0289  10 ALA AAA N   
70  C CA  . ALA A 10 ? 0.2615 0.2026 0.1849 -0.0296 -0.0858 0.0304  10 ALA AAA CA  
71  C C   . ALA A 10 ? 0.2246 0.1866 0.1748 -0.0257 -0.0674 0.0281  10 ALA AAA C   
72  O O   . ALA A 10 ? 0.2191 0.1753 0.1586 -0.0171 -0.0510 0.0224  10 ALA AAA O   
73  C CB  . ALA A 10 ? 0.3200 0.2242 0.2038 -0.0390 -0.0971 0.0250  10 ALA AAA CB  
74  N N   . ILE A 11 ? 0.2203 0.2080 0.2016 -0.0323 -0.0702 0.0324  11 ILE AAA N   
75  C CA  . ILE A 11 ? 0.2063 0.2026 0.2001 -0.0312 -0.0570 0.0304  11 ILE AAA CA  
76  C C   . ILE A 11 ? 0.2300 0.1983 0.1987 -0.0406 -0.0633 0.0284  11 ILE AAA C   
77  O O   . ILE A 11 ? 0.2358 0.1984 0.2028 -0.0544 -0.0802 0.0315  11 ILE AAA O   
78  C CB  . ILE A 11 ? 0.1809 0.2121 0.2150 -0.0319 -0.0532 0.0381  11 ILE AAA CB  
79  C CG1 . ILE A 11 ? 0.1921 0.2414 0.2415 -0.0195 -0.0437 0.0394  11 ILE AAA CG1 
80  C CG2 . ILE A 11 ? 0.1726 0.2060 0.2083 -0.0330 -0.0406 0.0366  11 ILE AAA CG2 
81  C CD1 . ILE A 11 ? 0.1856 0.2668 0.2726 -0.0168 -0.0369 0.0477  11 ILE AAA CD1 
82  N N   . VAL A 12 ? 0.2307 0.1833 0.1810 -0.0337 -0.0517 0.0223  12 VAL AAA N   
83  C CA  . VAL A 12 ? 0.2845 0.1995 0.2010 -0.0378 -0.0558 0.0190  12 VAL AAA CA  
84  C C   . VAL A 12 ? 0.2697 0.1856 0.1927 -0.0378 -0.0482 0.0214  12 VAL AAA C   
85  O O   . VAL A 12 ? 0.2788 0.1593 0.1729 -0.0406 -0.0513 0.0204  12 VAL AAA O   
86  C CB  . VAL A 12 ? 0.3141 0.1996 0.1944 -0.0237 -0.0476 0.0122  12 VAL AAA CB  
87  C CG1 . VAL A 12 ? 0.3641 0.2381 0.2267 -0.0253 -0.0560 0.0113  12 VAL AAA CG1 
88  C CG2 . VAL A 12 ? 0.2823 0.1886 0.1752 -0.0084 -0.0292 0.0105  12 VAL AAA CG2 
89  N N   . ASP A 13 ? 0.2170 0.1649 0.1681 -0.0328 -0.0376 0.0247  13 ASP AAA N   
90  C CA  . ASP A 13 ? 0.2179 0.1650 0.1711 -0.0315 -0.0305 0.0279  13 ASP AAA CA  
91  C C   . ASP A 13 ? 0.1818 0.1640 0.1652 -0.0309 -0.0227 0.0323  13 ASP AAA C   
92  O O   . ASP A 13 ? 0.1597 0.1651 0.1612 -0.0272 -0.0209 0.0307  13 ASP AAA O   
93  C CB  . ASP A 13 ? 0.2304 0.1598 0.1588 -0.0158 -0.0225 0.0229  13 ASP AAA CB  
94  C CG  . ASP A 13 ? 0.2822 0.1872 0.1916 -0.0144 -0.0206 0.0270  13 ASP AAA CG  
95  O OD1 . ASP A 13 ? 0.2551 0.1595 0.1724 -0.0284 -0.0226 0.0332  13 ASP AAA OD1 
96  O OD2 . ASP A 13 ? 0.2979 0.1813 0.1849 0.0010  -0.0159 0.0245  13 ASP AAA OD2 
97  N N   . LYS A 14 ? 0.1869 0.1700 0.1720 -0.0335 -0.0163 0.0380  14 LYS AAA N   
98  C CA  . LYS A 14 ? 0.1897 0.2000 0.1944 -0.0299 -0.0051 0.0415  14 LYS AAA CA  
99  C C   . LYS A 14 ? 0.1922 0.1878 0.1780 -0.0249 0.0024  0.0439  14 LYS AAA C   
100 O O   . LYS A 14 ? 0.2278 0.1955 0.1897 -0.0265 -0.0011 0.0450  14 LYS AAA O   
101 C CB  . LYS A 14 ? 0.2213 0.2548 0.2559 -0.0400 -0.0025 0.0507  14 LYS AAA CB  
102 C CG  . LYS A 14 ? 0.2741 0.3001 0.3118 -0.0557 -0.0017 0.0609  14 LYS AAA CG  
103 C CD  . LYS A 14 ? 0.3093 0.3690 0.3867 -0.0676 0.0024  0.0737  14 LYS AAA CD  
104 C CE  . LYS A 14 ? 0.3551 0.4023 0.4325 -0.0889 -0.0009 0.0836  14 LYS AAA CE  
105 N NZ  . LYS A 14 ? 0.3805 0.4675 0.5031 -0.1025 0.0065  0.0987  14 LYS AAA NZ  
106 N N   . ARG A 15 ? 0.1696 0.1795 0.1569 -0.0172 0.0119  0.0434  15 ARG AAA N   
107 C CA  . ARG A 15 ? 0.1969 0.1924 0.1607 -0.0116 0.0185  0.0471  15 ARG AAA CA  
108 C C   . ARG A 15 ? 0.2084 0.2190 0.1755 -0.0078 0.0316  0.0487  15 ARG AAA C   
109 O O   . ARG A 15 ? 0.1889 0.2161 0.1729 -0.0049 0.0353  0.0455  15 ARG AAA O   
110 C CB  . ARG A 15 ? 0.1968 0.1835 0.1417 0.0004  0.0107  0.0400  15 ARG AAA CB  
111 C CG  . ARG A 15 ? 0.1751 0.1798 0.1271 0.0076  0.0088  0.0317  15 ARG AAA CG  
112 C CD  . ARG A 15 ? 0.1756 0.1810 0.1223 0.0167  -0.0004 0.0277  15 ARG AAA CD  
113 N NE  . ARG A 15 ? 0.1668 0.1885 0.1198 0.0181  -0.0036 0.0206  15 ARG AAA NE  
114 C CZ  . ARG A 15 ? 0.1575 0.1930 0.1205 0.0228  -0.0099 0.0177  15 ARG AAA CZ  
115 N NH1 . ARG A 15 ? 0.1673 0.1980 0.1287 0.0313  -0.0111 0.0212  15 ARG AAA NH1 
116 N NH2 . ARG A 15 ? 0.1548 0.2055 0.1267 0.0193  -0.0138 0.0123  15 ARG AAA NH2 
117 N N   . GLN A 16 ? 0.2549 0.2516 0.1994 -0.0050 0.0397  0.0547  16 GLN AAA N   
118 C CA  . GLN A 16 ? 0.2965 0.2972 0.2313 0.0004  0.0558  0.0571  16 GLN AAA CA  
119 C C   . GLN A 16 ? 0.3218 0.3061 0.2212 0.0110  0.0495  0.0492  16 GLN AAA C   
120 O O   . GLN A 16 ? 0.4181 0.3876 0.2963 0.0144  0.0397  0.0501  16 GLN AAA O   
121 C CB  . GLN A 16 ? 0.3775 0.3682 0.3043 -0.0068 0.0698  0.0708  16 GLN AAA CB  
122 C CG  . GLN A 16 ? 0.4025 0.4110 0.3655 -0.0224 0.0727  0.0809  16 GLN AAA CG  
123 C CD  . GLN A 16 ? 0.4320 0.4740 0.4290 -0.0190 0.0845  0.0820  16 GLN AAA CD  
124 O OE1 . GLN A 16 ? 0.4329 0.4927 0.4574 -0.0210 0.0741  0.0776  16 GLN AAA OE1 
125 N NE2 . GLN A 16 ? 0.5029 0.5488 0.4933 -0.0116 0.1075  0.0887  16 GLN AAA NE2 
126 N N   . ASP A 17 ? 0.3013 0.2888 0.1929 0.0172  0.0540  0.0419  17 ASP AAA N   
127 C CA  . ASP A 17 ? 0.3203 0.2890 0.1727 0.0251  0.0472  0.0347  17 ASP AAA CA  
128 C C   . ASP A 17 ? 0.3709 0.3173 0.1848 0.0297  0.0623  0.0427  17 ASP AAA C   
129 O O   . ASP A 17 ? 0.3796 0.3288 0.2036 0.0263  0.0811  0.0550  17 ASP AAA O   
130 C CB  . ASP A 17 ? 0.3056 0.2747 0.1557 0.0269  0.0437  0.0228  17 ASP AAA CB  
131 C CG  . ASP A 17 ? 0.3192 0.2832 0.1637 0.0325  0.0639  0.0220  17 ASP AAA CG  
132 O OD1 . ASP A 17 ? 0.3235 0.2810 0.1565 0.0379  0.0835  0.0302  17 ASP AAA OD1 
133 O OD2 . ASP A 17 ? 0.3160 0.2830 0.1711 0.0330  0.0619  0.0142  17 ASP AAA OD2 
134 N N   . LYS A 18 ? 0.4412 0.3649 0.2108 0.0360  0.0541  0.0374  18 LYS AAA N   
135 C CA  . LYS A 18 ? 0.5036 0.3995 0.2239 0.0420  0.0665  0.0453  18 LYS AAA CA  
136 C C   . LYS A 18 ? 0.5016 0.3890 0.2094 0.0470  0.0943  0.0459  18 LYS AAA C   
137 O O   . LYS A 18 ? 0.5473 0.4148 0.2219 0.0508  0.1131  0.0549  18 LYS AAA O   
138 C CB  . LYS A 18 ? 0.5716 0.4438 0.2446 0.0467  0.0441  0.0388  18 LYS AAA CB  
139 C CG  . LYS A 18 ? 0.5867 0.4632 0.2622 0.0476  0.0230  0.0447  18 LYS AAA CG  
140 C CD  . LYS A 18 ? 0.6304 0.4837 0.2799 0.0510  0.0346  0.0601  18 LYS AAA CD  
141 N N   . ASN A 19 ? 0.4554 0.3584 0.1901 0.0479  0.1001  0.0380  19 ASN AAA N   
142 C CA  . ASN A 19 ? 0.4559 0.3544 0.1847 0.0577  0.1300  0.0403  19 ASN AAA CA  
143 C C   . ASN A 19 ? 0.4258 0.3618 0.2114 0.0545  0.1498  0.0556  19 ASN AAA C   
144 O O   . ASN A 19 ? 0.4714 0.4125 0.2611 0.0637  0.1786  0.0627  19 ASN AAA O   
145 C CB  . ASN A 19 ? 0.4419 0.3339 0.1682 0.0640  0.1277  0.0262  19 ASN AAA CB  
146 C CG  . ASN A 19 ? 0.4735 0.3265 0.1419 0.0632  0.1077  0.0115  19 ASN AAA CG  
147 O OD1 . ASN A 19 ? 0.5324 0.3511 0.1435 0.0694  0.1135  0.0111  19 ASN AAA OD1 
148 N ND2 . ASN A 19 ? 0.4442 0.3028 0.1300 0.0560  0.0856  -0.0002 19 ASN AAA ND2 
149 N N   . GLY A 20 ? 0.3865 0.3433 0.2082 0.0404  0.1358  0.0624  20 GLY AAA N   
150 C CA  . GLY A 20 ? 0.3546 0.3464 0.2330 0.0312  0.1461  0.0760  20 GLY AAA CA  
151 C C   . GLY A 20 ? 0.3081 0.3287 0.2331 0.0311  0.1388  0.0714  20 GLY AAA C   
152 O O   . GLY A 20 ? 0.3143 0.3699 0.2867 0.0262  0.1490  0.0821  20 GLY AAA O   
153 N N   . ASN A 21 ? 0.2790 0.2891 0.1909 0.0357  0.1220  0.0558  21 ASN AAA N   
154 C CA  . ASN A 21 ? 0.2430 0.2745 0.1945 0.0364  0.1153  0.0523  21 ASN AAA CA  
155 C C   . ASN A 21 ? 0.2118 0.2524 0.1829 0.0230  0.0906  0.0488  21 ASN AAA C   
156 O O   . ASN A 21 ? 0.2554 0.2799 0.2036 0.0183  0.0798  0.0476  21 ASN AAA O   
157 C CB  . ASN A 21 ? 0.2504 0.2628 0.1759 0.0492  0.1171  0.0390  21 ASN AAA CB  
158 C CG  . ASN A 21 ? 0.2943 0.2953 0.1994 0.0655  0.1454  0.0422  21 ASN AAA CG  
159 O OD1 . ASN A 21 ? 0.2892 0.3155 0.2243 0.0699  0.1666  0.0568  21 ASN AAA OD1 
160 N ND2 . ASN A 21 ? 0.3411 0.3018 0.1891 0.0737  0.1470  0.0307  21 ASN AAA ND2 
161 N N   . THR A 22 ? 0.1820 0.2422 0.1879 0.0207  0.0831  0.0501  22 THR AAA N   
162 C CA  . THR A 22 ? 0.1657 0.2317 0.1886 0.0088  0.0631  0.0484  22 THR AAA CA  
163 C C   . THR A 22 ? 0.1584 0.2129 0.1687 0.0119  0.0496  0.0361  22 THR AAA C   
164 O O   . THR A 22 ? 0.1683 0.2200 0.1747 0.0200  0.0544  0.0305  22 THR AAA O   
165 C CB  . THR A 22 ? 0.1511 0.2452 0.2157 0.0000  0.0617  0.0595  22 THR AAA CB  
166 O OG1 . THR A 22 ? 0.1762 0.2822 0.2526 -0.0055 0.0763  0.0728  22 THR AAA OG1 
167 C CG2 . THR A 22 ? 0.1520 0.2412 0.2217 -0.0128 0.0414  0.0586  22 THR AAA CG2 
168 N N   . GLN A 23 ? 0.1456 0.1930 0.1504 0.0049  0.0355  0.0326  23 GLN AAA N   
169 C CA  . GLN A 23 ? 0.1346 0.1787 0.1386 0.0049  0.0239  0.0244  23 GLN AAA CA  
170 C C   . GLN A 23 ? 0.1334 0.1817 0.1519 -0.0014 0.0153  0.0274  23 GLN AAA C   
171 O O   . GLN A 23 ? 0.1343 0.1785 0.1532 -0.0078 0.0138  0.0337  23 GLN AAA O   
172 C CB  . GLN A 23 ? 0.1633 0.1980 0.1468 0.0071  0.0177  0.0188  23 GLN AAA CB  
173 C CG  . GLN A 23 ? 0.1914 0.2173 0.1523 0.0120  0.0227  0.0136  23 GLN AAA CG  
174 C CD  . GLN A 23 ? 0.2520 0.2708 0.1922 0.0122  0.0120  0.0103  23 GLN AAA CD  
175 O OE1 . GLN A 23 ? 0.2982 0.3220 0.2429 0.0127  0.0043  0.0121  23 GLN AAA OE1 
176 N NE2 . GLN A 23 ? 0.3183 0.3245 0.2322 0.0143  0.0123  0.0052  23 GLN AAA NE2 
177 N N   . TYR A 24 ? 0.1232 0.1729 0.1469 -0.0012 0.0093  0.0233  24 TYR AAA N   
178 C CA  . TYR A 24 ? 0.1292 0.1747 0.1580 -0.0070 -0.0004 0.0255  24 TYR AAA CA  
179 C C   . TYR A 24 ? 0.1298 0.1646 0.1446 -0.0049 -0.0044 0.0195  24 TYR AAA C   
180 O O   . TYR A 24 ? 0.1442 0.1813 0.1565 -0.0017 -0.0014 0.0146  24 TYR AAA O   
181 C CB  . TYR A 24 ? 0.1246 0.1825 0.1719 -0.0064 -0.0030 0.0299  24 TYR AAA CB  
182 C CG  . TYR A 24 ? 0.1336 0.2112 0.2042 -0.0087 0.0025  0.0389  24 TYR AAA CG  
183 C CD1 . TYR A 24 ? 0.1462 0.2316 0.2302 -0.0197 -0.0031 0.0471  24 TYR AAA CD1 
184 C CD2 . TYR A 24 ? 0.1496 0.2385 0.2298 0.0030  0.0153  0.0412  24 TYR AAA CD2 
185 C CE1 . TYR A 24 ? 0.1466 0.2574 0.2589 -0.0231 0.0049  0.0584  24 TYR AAA CE1 
186 C CE2 . TYR A 24 ? 0.1562 0.2669 0.2619 0.0048  0.0247  0.0512  24 TYR AAA CE2 
187 C CZ  . TYR A 24 ? 0.1525 0.2795 0.2790 -0.0090 0.0203  0.0604  24 TYR AAA CZ  
188 O OH  . TYR A 24 ? 0.1764 0.3324 0.3332 -0.0077 0.0325  0.0730  24 TYR AAA OH  
189 N N   . LEU A 25 ? 0.1472 0.1674 0.1483 -0.0074 -0.0101 0.0199  25 LEU AAA N   
190 C CA  . LEU A 25 ? 0.1443 0.1547 0.1319 -0.0029 -0.0099 0.0152  25 LEU AAA CA  
191 C C   . LEU A 25 ? 0.1394 0.1421 0.1224 -0.0058 -0.0145 0.0155  25 LEU AAA C   
192 O O   . LEU A 25 ? 0.1557 0.1480 0.1323 -0.0117 -0.0241 0.0179  25 LEU AAA O   
193 C CB  . LEU A 25 ? 0.1677 0.1582 0.1361 0.0004  -0.0106 0.0147  25 LEU AAA CB  
194 C CG  . LEU A 25 ? 0.2092 0.1897 0.1631 0.0102  -0.0053 0.0120  25 LEU AAA CG  
195 C CD1 . LEU A 25 ? 0.2014 0.2081 0.1724 0.0153  0.0015  0.0105  25 LEU AAA CD1 
196 C CD2 . LEU A 25 ? 0.2351 0.1942 0.1687 0.0189  -0.0039 0.0122  25 LEU AAA CD2 
197 N N   . VAL A 26 ? 0.1356 0.1442 0.1222 -0.0023 -0.0089 0.0134  26 VAL AAA N   
198 C CA  . VAL A 26 ? 0.1482 0.1490 0.1288 -0.0038 -0.0132 0.0149  26 VAL AAA CA  
199 C C   . VAL A 26 ? 0.1689 0.1512 0.1260 -0.0007 -0.0083 0.0132  26 VAL AAA C   
200 O O   . VAL A 26 ? 0.1689 0.1591 0.1301 0.0020  0.0027  0.0119  26 VAL AAA O   
201 C CB  . VAL A 26 ? 0.1530 0.1618 0.1452 -0.0022 -0.0088 0.0159  26 VAL AAA CB  
202 C CG1 . VAL A 26 ? 0.1804 0.1758 0.1618 -0.0015 -0.0123 0.0185  26 VAL AAA CG1 
203 C CG2 . VAL A 26 ? 0.1668 0.1888 0.1784 -0.0011 -0.0090 0.0179  26 VAL AAA CG2 
204 N N   . ARG A 27 ? 0.2075 0.1689 0.1416 -0.0022 -0.0165 0.0145  27 ARG AAA N   
205 C CA  . ARG A 27 ? 0.2345 0.1715 0.1380 0.0022  -0.0106 0.0140  27 ARG AAA CA  
206 C C   . ARG A 27 ? 0.2406 0.1755 0.1429 0.0000  -0.0132 0.0180  27 ARG AAA C   
207 O O   . ARG A 27 ? 0.2351 0.1694 0.1405 -0.0021 -0.0268 0.0218  27 ARG AAA O   
208 C CB  . ARG A 27 ? 0.2859 0.1907 0.1545 0.0001  -0.0215 0.0123  27 ARG AAA CB  
209 C CG  . ARG A 27 ? 0.3854 0.2558 0.2088 0.0055  -0.0169 0.0112  27 ARG AAA CG  
210 C CD  . ARG A 27 ? 0.4496 0.2981 0.2453 0.0158  -0.0005 0.0075  27 ARG AAA CD  
211 N NE  . ARG A 27 ? 0.4157 0.2781 0.2311 0.0211  0.0043  0.0057  27 ARG AAA NE  
212 C CZ  . ARG A 27 ? 0.4844 0.3216 0.2810 0.0201  -0.0044 0.0026  27 ARG AAA CZ  
213 N NH1 . ARG A 27 ? 0.5627 0.3593 0.3191 0.0124  -0.0192 -0.0003 27 ARG AAA NH1 
214 N NH2 . ARG A 27 ? 0.4728 0.3240 0.2883 0.0262  0.0017  0.0020  27 ARG AAA NH2 
215 N N   . TRP A 28 ? 0.2252 0.1591 0.1237 0.0021  0.0026  0.0193  28 TRP AAA N   
216 C CA  . TRP A 28 ? 0.2380 0.1649 0.1331 0.0005  0.0035  0.0231  28 TRP AAA CA  
217 C C   . TRP A 28 ? 0.2716 0.1655 0.1248 0.0031  0.0029  0.0274  28 TRP AAA C   
218 O O   . TRP A 28 ? 0.2942 0.1756 0.1262 0.0060  0.0151  0.0261  28 TRP AAA O   
219 C CB  . TRP A 28 ? 0.2190 0.1599 0.1321 -0.0033 0.0187  0.0238  28 TRP AAA CB  
220 C CG  . TRP A 28 ? 0.1906 0.1568 0.1356 -0.0060 0.0163  0.0193  28 TRP AAA CG  
221 C CD1 . TRP A 28 ? 0.1757 0.1638 0.1375 -0.0064 0.0216  0.0164  28 TRP AAA CD1 
222 C CD2 . TRP A 28 ? 0.1875 0.1578 0.1457 -0.0062 0.0093  0.0187  28 TRP AAA CD2 
223 N NE1 . TRP A 28 ? 0.1593 0.1612 0.1394 -0.0097 0.0157  0.0128  28 TRP AAA NE1 
224 C CE2 . TRP A 28 ? 0.1594 0.1503 0.1363 -0.0085 0.0109  0.0138  28 TRP AAA CE2 
225 C CE3 . TRP A 28 ? 0.1979 0.1561 0.1500 -0.0021 0.0032  0.0226  28 TRP AAA CE3 
226 C CZ2 . TRP A 28 ? 0.1625 0.1547 0.1488 -0.0071 0.0076  0.0122  28 TRP AAA CZ2 
227 C CZ3 . TRP A 28 ? 0.1949 0.1588 0.1624 0.0016  0.0024  0.0219  28 TRP AAA CZ3 
228 C CH2 . TRP A 28 ? 0.1796 0.1594 0.1610 -0.0017 0.0050  0.0156  28 TRP AAA CH2 
229 N N   . LYS A 29 ? 0.2840 0.1641 0.1259 0.0039  -0.0116 0.0322  29 LYS AAA N   
230 C CA  . LYS A 29 ? 0.3270 0.1709 0.1211 0.0063  -0.0158 0.0367  29 LYS AAA CA  
231 C C   . LYS A 29 ? 0.3447 0.1739 0.1193 0.0066  0.0091  0.0396  29 LYS AAA C   
232 O O   . LYS A 29 ? 0.3328 0.1713 0.1268 0.0037  0.0190  0.0425  29 LYS AAA O   
233 C CB  . LYS A 29 ? 0.3358 0.1725 0.1277 0.0090  -0.0353 0.0442  29 LYS AAA CB  
234 C CG  . LYS A 29 ? 0.3869 0.1859 0.1273 0.0125  -0.0442 0.0497  29 LYS AAA CG  
235 C CD  . LYS A 29 ? 0.4106 0.1824 0.1229 0.0148  -0.0258 0.0566  29 LYS AAA CD  
236 C CE  . LYS A 29 ? 0.4721 0.2028 0.1321 0.0202  -0.0387 0.0648  29 LYS AAA CE  
237 N NZ  . LYS A 29 ? 0.5015 0.1994 0.1231 0.0210  -0.0159 0.0706  29 LYS AAA NZ  
238 N N   . GLY A 30 ? 0.3901 0.1922 0.1228 0.0114  0.0188  0.0386  30 GLY AAA N   
239 C CA  . GLY A 30 ? 0.4190 0.2069 0.1301 0.0124  0.0451  0.0440  30 GLY AAA CA  
240 C C   . GLY A 30 ? 0.4033 0.2245 0.1491 0.0119  0.0690  0.0421  30 GLY AAA C   
241 O O   . GLY A 30 ? 0.4570 0.2763 0.1938 0.0119  0.0939  0.0483  30 GLY AAA O   
242 N N   . TYR A 31 ? 0.3514 0.2035 0.1331 0.0116  0.0621  0.0357  31 TYR AAA N   
243 C CA  . TYR A 31 ? 0.3346 0.2224 0.1530 0.0136  0.0796  0.0346  31 TYR AAA CA  
244 C C   . TYR A 31 ? 0.3784 0.2572 0.1794 0.0259  0.0812  0.0293  31 TYR AAA C   
245 O O   . TYR A 31 ? 0.4447 0.2917 0.2126 0.0288  0.0658  0.0247  31 TYR AAA O   
246 C CB  . TYR A 31 ? 0.2827 0.2067 0.1526 0.0038  0.0698  0.0319  31 TYR AAA CB  
247 C CG  . TYR A 31 ? 0.2666 0.1900 0.1454 -0.0084 0.0722  0.0370  31 TYR AAA CG  
248 C CD1 . TYR A 31 ? 0.2720 0.1728 0.1352 -0.0101 0.0577  0.0377  31 TYR AAA CD1 
249 C CD2 . TYR A 31 ? 0.2666 0.2113 0.1681 -0.0176 0.0894  0.0423  31 TYR AAA CD2 
250 C CE1 . TYR A 31 ? 0.2822 0.1721 0.1466 -0.0184 0.0613  0.0426  31 TYR AAA CE1 
251 C CE2 . TYR A 31 ? 0.2746 0.2085 0.1768 -0.0315 0.0916  0.0468  31 TYR AAA CE2 
252 C CZ  . TYR A 31 ? 0.2789 0.1806 0.1595 -0.0307 0.0780  0.0464  31 TYR AAA CZ  
253 O OH  . TYR A 31 ? 0.2969 0.1805 0.1727 -0.0423 0.0810  0.0510  31 TYR AAA OH  
254 N N   . ASP A 32 ? 0.3826 0.2896 0.2088 0.0339  0.0990  0.0306  32 ASP AAA N   
255 C CA  . ASP A 32 ? 0.4127 0.3072 0.2211 0.0500  0.1040  0.0253  32 ASP AAA CA  
256 C C   . ASP A 32 ? 0.3584 0.2784 0.2022 0.0483  0.0876  0.0211  32 ASP AAA C   
257 O O   . ASP A 32 ? 0.2919 0.2411 0.1740 0.0355  0.0766  0.0215  32 ASP AAA O   
258 C CB  . ASP A 32 ? 0.4547 0.3634 0.2668 0.0653  0.1351  0.0317  32 ASP AAA CB  
259 C CG  . ASP A 32 ? 0.5398 0.4212 0.3130 0.0669  0.1548  0.0378  32 ASP AAA CG  
260 O OD1 . ASP A 32 ? 0.5937 0.4226 0.3087 0.0676  0.1450  0.0334  32 ASP AAA OD1 
261 O OD2 . ASP A 32 ? 0.5742 0.4898 0.3780 0.0663  0.1786  0.0468  32 ASP AAA OD2 
262 N N   . LYS A 33 ? 0.3750 0.2769 0.2001 0.0611  0.0880  0.0174  33 LYS AAA N   
263 C CA  . LYS A 33 ? 0.3598 0.2796 0.2095 0.0625  0.0758  0.0141  33 LYS AAA CA  
264 C C   . LYS A 33 ? 0.3063 0.2822 0.2115 0.0616  0.0818  0.0189  33 LYS AAA C   
265 O O   . LYS A 33 ? 0.2638 0.2587 0.1945 0.0544  0.0670  0.0171  33 LYS AAA O   
266 C CB  . LYS A 33 ? 0.4212 0.3059 0.2349 0.0800  0.0802  0.0103  33 LYS AAA CB  
267 C CG  . LYS A 33 ? 0.4854 0.3159 0.2497 0.0710  0.0620  0.0042  33 LYS AAA CG  
268 C CD  . LYS A 33 ? 0.5624 0.3435 0.2791 0.0849  0.0643  -0.0013 33 LYS AAA CD  
269 C CE  . LYS A 33 ? 0.6516 0.3739 0.3105 0.0730  0.0466  -0.0072 33 LYS AAA CE  
270 N NZ  . LYS A 33 ? 0.7338 0.3993 0.3439 0.0788  0.0414  -0.0133 33 LYS AAA NZ  
271 N N   . GLN A 34 ? 0.3255 0.3276 0.2509 0.0678  0.1023  0.0257  34 GLN AAA N   
272 C CA  . GLN A 34 ? 0.3155 0.3724 0.2952 0.0668  0.1042  0.0310  34 GLN AAA CA  
273 C C   . GLN A 34 ? 0.2566 0.3317 0.2617 0.0434  0.0891  0.0297  34 GLN AAA C   
274 O O   . GLN A 34 ? 0.2455 0.3587 0.2879 0.0372  0.0809  0.0313  34 GLN AAA O   
275 C CB  . GLN A 34 ? 0.3598 0.4478 0.3614 0.0782  0.1306  0.0409  34 GLN AAA CB  
276 C CG  . GLN A 34 ? 0.3949 0.4832 0.3949 0.0638  0.1441  0.0461  34 GLN AAA CG  
277 C CD  . GLN A 34 ? 0.4535 0.5868 0.4907 0.0713  0.1709  0.0586  34 GLN AAA CD  
278 O OE1 . GLN A 34 ? 0.4888 0.6592 0.5580 0.0886  0.1763  0.0633  34 GLN AAA OE1 
279 N NE2 . GLN A 34 ? 0.4811 0.6167 0.5182 0.0588  0.1864  0.0649  34 GLN AAA NE2 
280 N N   . ASP A 35 ? 0.2470 0.2920 0.2259 0.0314  0.0820  0.0263  35 ASP AAA N   
281 C CA  . ASP A 35 ? 0.2222 0.2764 0.2184 0.0125  0.0715  0.0255  35 ASP AAA CA  
282 C C   . ASP A 35 ? 0.2042 0.2436 0.1933 0.0091  0.0517  0.0191  35 ASP AAA C   
283 O O   . ASP A 35 ? 0.1645 0.2050 0.1625 -0.0029 0.0432  0.0180  35 ASP AAA O   
284 C CB  . ASP A 35 ? 0.2513 0.2822 0.2265 0.0043  0.0794  0.0293  35 ASP AAA CB  
285 C CG  . ASP A 35 ? 0.2940 0.3380 0.2760 0.0069  0.1030  0.0379  35 ASP AAA CG  
286 O OD1 . ASP A 35 ? 0.3186 0.4045 0.3419 0.0020  0.1093  0.0421  35 ASP AAA OD1 
287 O OD2 . ASP A 35 ? 0.3583 0.3707 0.3020 0.0125  0.1147  0.0402  35 ASP AAA OD2 
288 N N   . ASP A 36 ? 0.1946 0.2185 0.1679 0.0186  0.0458  0.0164  36 ASP AAA N   
289 C CA  . ASP A 36 ? 0.1873 0.2041 0.1586 0.0144  0.0293  0.0127  36 ASP AAA CA  
290 C C   . ASP A 36 ? 0.1601 0.2053 0.1596 0.0090  0.0242  0.0116  36 ASP AAA C   
291 O O   . ASP A 36 ? 0.1618 0.2327 0.1815 0.0106  0.0289  0.0133  36 ASP AAA O   
292 C CB  . ASP A 36 ? 0.1963 0.1949 0.1498 0.0234  0.0258  0.0112  36 ASP AAA CB  
293 C CG  . ASP A 36 ? 0.2233 0.1861 0.1406 0.0269  0.0253  0.0101  36 ASP AAA CG  
294 O OD1 . ASP A 36 ? 0.2491 0.1984 0.1516 0.0234  0.0273  0.0110  36 ASP AAA OD1 
295 O OD2 . ASP A 36 ? 0.2481 0.1876 0.1443 0.0331  0.0228  0.0082  36 ASP AAA OD2 
296 N N   . THR A 37 ? 0.1471 0.1865 0.1474 0.0025  0.0155  0.0094  37 THR AAA N   
297 C CA  . THR A 37 ? 0.1286 0.1829 0.1435 -0.0009 0.0101  0.0071  37 THR AAA CA  
298 C C   . THR A 37 ? 0.1284 0.1755 0.1360 0.0012  0.0044  0.0063  37 THR AAA C   
299 O O   . THR A 37 ? 0.1279 0.1622 0.1299 0.0008  0.0025  0.0080  37 THR AAA O   
300 C CB  . THR A 37 ? 0.1345 0.1886 0.1539 -0.0110 0.0107  0.0050  37 THR AAA CB  
301 O OG1 . THR A 37 ? 0.1312 0.1655 0.1384 -0.0109 0.0104  0.0054  37 THR AAA OG1 
302 C CG2 . THR A 37 ? 0.1445 0.2112 0.1753 -0.0179 0.0168  0.0079  37 THR AAA CG2 
303 N N   . TRP A 38 ? 0.1076 0.1635 0.1200 0.0019  0.0013  0.0050  38 TRP AAA N   
304 C CA  . TRP A 38 ? 0.1165 0.1657 0.1227 0.0025  -0.0006 0.0057  38 TRP AAA CA  
305 C C   . TRP A 38 ? 0.1224 0.1685 0.1271 -0.0018 0.0004  0.0027  38 TRP AAA C   
306 O O   . TRP A 38 ? 0.1959 0.2435 0.1976 -0.0057 -0.0017 -0.0013 38 TRP AAA O   
307 C CB  . TRP A 38 ? 0.1198 0.1742 0.1210 0.0069  -0.0039 0.0071  38 TRP AAA CB  
308 C CG  . TRP A 38 ? 0.1229 0.1679 0.1173 0.0134  -0.0039 0.0110  38 TRP AAA CG  
309 C CD1 . TRP A 38 ? 0.1458 0.1938 0.1404 0.0220  -0.0036 0.0129  38 TRP AAA CD1 
310 C CD2 . TRP A 38 ? 0.1359 0.1655 0.1206 0.0118  -0.0035 0.0143  38 TRP AAA CD2 
311 N NE1 . TRP A 38 ? 0.1722 0.1983 0.1495 0.0272  -0.0026 0.0152  38 TRP AAA NE1 
312 C CE2 . TRP A 38 ? 0.1526 0.1674 0.1250 0.0181  -0.0037 0.0168  38 TRP AAA CE2 
313 C CE3 . TRP A 38 ? 0.1418 0.1697 0.1296 0.0057  -0.0007 0.0170  38 TRP AAA CE3 
314 C CZ2 . TRP A 38 ? 0.1702 0.1625 0.1294 0.0139  -0.0056 0.0205  38 TRP AAA CZ2 
315 C CZ3 . TRP A 38 ? 0.1509 0.1658 0.1333 0.0015  -0.0010 0.0225  38 TRP AAA CZ3 
316 C CH2 . TRP A 38 ? 0.1701 0.1646 0.1363 0.0032  -0.0053 0.0237  38 TRP AAA CH2 
317 N N   . GLU A 39 ? 0.1150 0.1546 0.1204 -0.0001 0.0044  0.0045  39 GLU AAA N   
318 C CA  . GLU A 39 ? 0.1196 0.1507 0.1197 0.0014  0.0086  0.0027  39 GLU AAA CA  
319 C C   . GLU A 39 ? 0.1286 0.1587 0.1267 0.0073  0.0153  0.0053  39 GLU AAA C   
320 O O   . GLU A 39 ? 0.1357 0.1751 0.1442 0.0077  0.0166  0.0118  39 GLU AAA O   
321 C CB  . GLU A 39 ? 0.1178 0.1447 0.1255 0.0027  0.0093  0.0056  39 GLU AAA CB  
322 C CG  . GLU A 39 ? 0.1159 0.1370 0.1211 -0.0024 0.0072  0.0047  39 GLU AAA CG  
323 C CD  . GLU A 39 ? 0.1284 0.1422 0.1254 -0.0097 0.0077  -0.0008 39 GLU AAA CD  
324 O OE1 . GLU A 39 ? 0.1397 0.1423 0.1270 -0.0100 0.0089  -0.0061 39 GLU AAA OE1 
325 O OE2 . GLU A 39 ? 0.1423 0.1597 0.1420 -0.0166 0.0081  -0.0008 39 GLU AAA OE2 
326 N N   . PRO A 40 ? 0.1616 0.1776 0.1418 0.0101  0.0209  0.0001  40 PRO AAA N   
327 C CA  . PRO A 40 ? 0.1581 0.1719 0.1320 0.0184  0.0325  0.0037  40 PRO AAA CA  
328 C C   . PRO A 40 ? 0.1578 0.1819 0.1543 0.0268  0.0412  0.0113  40 PRO AAA C   
329 O O   . PRO A 40 ? 0.1589 0.1798 0.1623 0.0281  0.0381  0.0109  40 PRO AAA O   
330 C CB  . PRO A 40 ? 0.2028 0.1904 0.1438 0.0205  0.0357  -0.0053 40 PRO AAA CB  
331 C CG  . PRO A 40 ? 0.2085 0.1850 0.1475 0.0141  0.0283  -0.0121 40 PRO AAA CG  
332 C CD  . PRO A 40 ? 0.1799 0.1778 0.1423 0.0062  0.0184  -0.0080 40 PRO AAA CD  
333 N N   . GLU A 41 ? 0.1588 0.1974 0.1678 0.0315  0.0518  0.0196  41 GLU AAA N   
334 C CA  . GLU A 41 ? 0.1452 0.2053 0.1856 0.0382  0.0574  0.0300  41 GLU AAA CA  
335 C C   . GLU A 41 ? 0.1722 0.2200 0.2078 0.0523  0.0641  0.0279  41 GLU AAA C   
336 O O   . GLU A 41 ? 0.1671 0.2323 0.2307 0.0580  0.0606  0.0358  41 GLU AAA O   
337 C CB  . GLU A 41 ? 0.1526 0.2332 0.2091 0.0416  0.0724  0.0410  41 GLU AAA CB  
338 C CG  . GLU A 41 ? 0.1776 0.2402 0.2073 0.0548  0.0921  0.0380  41 GLU AAA CG  
339 C CD  . GLU A 41 ? 0.1963 0.2762 0.2345 0.0573  0.1109  0.0491  41 GLU AAA CD  
340 O OE1 . GLU A 41 ? 0.2018 0.3004 0.2618 0.0434  0.1052  0.0579  41 GLU AAA OE1 
341 O OE2 . GLU A 41 ? 0.2067 0.2731 0.2242 0.0727  0.1327  0.0496  41 GLU AAA OE2 
342 N N   . GLN A 42 ? 0.2116 0.2285 0.2130 0.0603  0.0731  0.0191  42 GLN AAA N   
343 C CA  . GLN A 42 ? 0.2406 0.2361 0.2313 0.0765  0.0823  0.0177  42 GLN AAA CA  
344 C C   . GLN A 42 ? 0.2179 0.2049 0.2122 0.0700  0.0675  0.0152  42 GLN AAA C   
345 O O   . GLN A 42 ? 0.2538 0.2296 0.2486 0.0836  0.0719  0.0188  42 GLN AAA O   
346 C CB  . GLN A 42 ? 0.2989 0.2503 0.2408 0.0825  0.0928  0.0059  42 GLN AAA CB  
347 C CG  . GLN A 42 ? 0.3153 0.2422 0.2255 0.0636  0.0772  -0.0071 42 GLN AAA CG  
348 C CD  . GLN A 42 ? 0.3379 0.2716 0.2365 0.0564  0.0755  -0.0081 42 GLN AAA CD  
349 O OE1 . GLN A 42 ? 0.3341 0.2988 0.2571 0.0563  0.0797  0.0010  42 GLN AAA OE1 
350 N NE2 . GLN A 42 ? 0.4333 0.3372 0.2925 0.0471  0.0668  -0.0196 42 GLN AAA NE2 
351 N N   . HIS A 43 ? 0.1889 0.1790 0.1831 0.0522  0.0518  0.0117  43 HIS AAA N   
352 C CA  . HIS A 43 ? 0.1995 0.1802 0.1934 0.0447  0.0404  0.0109  43 HIS AAA CA  
353 C C   . HIS A 43 ? 0.1830 0.1899 0.2071 0.0492  0.0338  0.0221  43 HIS AAA C   
354 O O   . HIS A 43 ? 0.1982 0.1934 0.2165 0.0485  0.0265  0.0240  43 HIS AAA O   
355 C CB  . HIS A 43 ? 0.1758 0.1559 0.1623 0.0268  0.0306  0.0045  43 HIS AAA CB  
356 C CG  . HIS A 43 ? 0.2037 0.1570 0.1603 0.0192  0.0307  -0.0063 43 HIS AAA CG  
357 N ND1 . HIS A 43 ? 0.2038 0.1618 0.1594 0.0036  0.0216  -0.0105 43 HIS AAA ND1 
358 C CD2 . HIS A 43 ? 0.2434 0.1672 0.1724 0.0252  0.0380  -0.0131 43 HIS AAA CD2 
359 C CE1 . HIS A 43 ? 0.2195 0.1527 0.1498 -0.0036 0.0199  -0.0183 43 HIS AAA CE1 
360 N NE2 . HIS A 43 ? 0.2696 0.1771 0.1783 0.0092  0.0294  -0.0214 43 HIS AAA NE2 
361 N N   . LEU A 44 ? 0.1728 0.2111 0.2240 0.0530  0.0353  0.0308  44 LEU AAA N   
362 C CA  . LEU A 44 ? 0.1881 0.2530 0.2699 0.0514  0.0234  0.0419  44 LEU AAA CA  
363 C C   . LEU A 44 ? 0.2165 0.2977 0.3237 0.0713  0.0309  0.0531  44 LEU AAA C   
364 O O   . LEU A 44 ? 0.2043 0.3197 0.3450 0.0715  0.0210  0.0659  44 LEU AAA O   
365 C CB  . LEU A 44 ? 0.1819 0.2695 0.2796 0.0374  0.0167  0.0448  44 LEU AAA CB  
366 C CG  . LEU A 44 ? 0.2002 0.2734 0.2794 0.0219  0.0054  0.0376  44 LEU AAA CG  
367 C CD1 . LEU A 44 ? 0.2532 0.3220 0.3298 0.0173  -0.0103 0.0407  44 LEU AAA CD1 
368 C CD2 . LEU A 44 ? 0.2092 0.2593 0.2595 0.0200  0.0116  0.0265  44 LEU AAA CD2 
369 N N   . MET A 45 ? 0.2443 0.3025 0.3321 0.0882  0.0461  0.0505  45 MET AAA N   
370 C CA  . MET A 45 ? 0.2815 0.3585 0.3960 0.1134  0.0570  0.0626  45 MET AAA CA  
371 C C   . MET A 45 ? 0.2869 0.3743 0.4188 0.1195  0.0404  0.0724  45 MET AAA C   
372 O O   . MET A 45 ? 0.2922 0.4177 0.4651 0.1323  0.0388  0.0879  45 MET AAA O   
373 C CB  . MET A 45 ? 0.3534 0.3928 0.4348 0.1328  0.0790  0.0552  45 MET AAA CB  
374 C CG  . MET A 45 ? 0.3867 0.4299 0.4614 0.1314  0.0964  0.0518  45 MET AAA CG  
375 S SD  . MET A 45 ? 0.5420 0.5403 0.5747 0.1580  0.1241  0.0446  45 MET AAA SD  
376 C CE  . MET A 45 ? 0.5088 0.5029 0.5174 0.1458  0.1358  0.0371  45 MET AAA CE  
377 N N   . ASN A 46 ? 0.3040 0.3598 0.4063 0.1087  0.0260  0.0666  46 ASN AAA N   
378 C CA  . ASN A 46 ? 0.3471 0.4013 0.4536 0.1151  0.0092  0.0758  46 ASN AAA CA  
379 C C   . ASN A 46 ? 0.3286 0.4066 0.4488 0.0946  -0.0138 0.0792  46 ASN AAA C   
380 O O   . ASN A 46 ? 0.3376 0.4061 0.4474 0.0945  -0.0312 0.0848  46 ASN AAA O   
381 C CB  . ASN A 46 ? 0.3927 0.3910 0.4513 0.1177  0.0115  0.0695  46 ASN AAA CB  
382 C CG  . ASN A 46 ? 0.4424 0.4100 0.4836 0.1391  0.0314  0.0671  46 ASN AAA CG  
383 O OD1 . ASN A 46 ? 0.4635 0.4481 0.5284 0.1645  0.0381  0.0780  46 ASN AAA OD1 
384 N ND2 . ASN A 46 ? 0.5055 0.4250 0.5045 0.1303  0.0403  0.0542  46 ASN AAA ND2 
385 N N   A CYS A 47 ? 0.2807 0.3824 0.4159 0.0781  -0.0146 0.0765  47 CYS AAA N   
386 N N   B CYS A 47 ? 0.2874 0.3908 0.4257 0.0798  -0.0139 0.0770  47 CYS AAA N   
387 C CA  A CYS A 47 ? 0.2535 0.3685 0.3940 0.0558  -0.0343 0.0772  47 CYS AAA CA  
388 C CA  B CYS A 47 ? 0.2736 0.3967 0.4237 0.0617  -0.0352 0.0819  47 CYS AAA CA  
389 C C   A CYS A 47 ? 0.2422 0.4048 0.4290 0.0493  -0.0373 0.0870  47 CYS AAA C   
390 C C   B CYS A 47 ? 0.2496 0.4121 0.4373 0.0513  -0.0351 0.0868  47 CYS AAA C   
391 O O   A CYS A 47 ? 0.2057 0.3670 0.3873 0.0298  -0.0434 0.0828  47 CYS AAA O   
392 O O   B CYS A 47 ? 0.2095 0.3662 0.3873 0.0323  -0.0382 0.0806  47 CYS AAA O   
393 C CB  A CYS A 47 ? 0.2437 0.3307 0.3506 0.0403  -0.0303 0.0627  47 CYS AAA CB  
394 C CB  B CYS A 47 ? 0.2647 0.3542 0.3750 0.0450  -0.0422 0.0698  47 CYS AAA CB  
395 S SG  A CYS A 47 ? 0.2469 0.3043 0.3178 0.0248  -0.0472 0.0573  47 CYS AAA SG  
396 S SG  B CYS A 47 ? 0.2816 0.3817 0.3978 0.0338  -0.0734 0.0792  47 CYS AAA SG  
397 N N   . GLU A 48 ? 0.2523 0.4541 0.4846 0.0645  -0.0316 0.1013  48 GLU AAA N   
398 C CA  . GLU A 48 ? 0.2529 0.5051 0.5350 0.0547  -0.0326 0.1134  48 GLU AAA CA  
399 C C   . GLU A 48 ? 0.2357 0.4955 0.5218 0.0285  -0.0632 0.1161  48 GLU AAA C   
400 O O   . GLU A 48 ? 0.2393 0.5119 0.5379 0.0084  -0.0637 0.1170  48 GLU AAA O   
401 C CB  . GLU A 48 ? 0.3020 0.6015 0.6365 0.0783  -0.0228 0.1304  48 GLU AAA CB  
402 C CG  . GLU A 48 ? 0.3341 0.6315 0.6674 0.0990  0.0126  0.1289  48 GLU AAA CG  
403 C CD  . GLU A 48 ? 0.3733 0.7146 0.7561 0.1275  0.0286  0.1471  48 GLU AAA CD  
404 O OE1 . GLU A 48 ? 0.3632 0.7656 0.8052 0.1212  0.0282  0.1636  48 GLU AAA OE1 
405 O OE2 . GLU A 48 ? 0.4283 0.7454 0.7923 0.1565  0.0407  0.1451  48 GLU AAA OE2 
406 N N   . LYS A 49 ? 0.2379 0.4838 0.5083 0.0278  -0.0882 0.1169  49 LYS AAA N   
407 C CA  . LYS A 49 ? 0.2432 0.4874 0.5084 0.0031  -0.1204 0.1193  49 LYS AAA CA  
408 C C   . LYS A 49 ? 0.2442 0.4454 0.4624 -0.0156 -0.1175 0.1029  49 LYS AAA C   
409 O O   . LYS A 49 ? 0.2551 0.4572 0.4748 -0.0380 -0.1322 0.1042  49 LYS AAA O   
410 C CB  . LYS A 49 ? 0.2685 0.4957 0.5098 0.0090  -0.1453 0.1222  49 LYS AAA CB  
411 C CG  . LYS A 49 ? 0.3063 0.5329 0.5418 -0.0155 -0.1825 0.1264  49 LYS AAA CG  
412 C CD  . LYS A 49 ? 0.3303 0.5256 0.5251 -0.0092 -0.2072 0.1272  49 LYS AAA CD  
413 N N   A CYS A 50 ? 0.2393 0.4000 0.4147 -0.0066 -0.0996 0.0895  50 CYS AAA N   
414 N N   B CYS A 50 ? 0.2423 0.4030 0.4177 -0.0049 -0.0997 0.0897  50 CYS AAA N   
415 C CA  A CYS A 50 ? 0.2507 0.3728 0.3836 -0.0183 -0.0941 0.0756  50 CYS AAA CA  
416 C CA  B CYS A 50 ? 0.2511 0.3744 0.3845 -0.0157 -0.0915 0.0755  50 CYS AAA CA  
417 C C   A CYS A 50 ? 0.2369 0.3731 0.3880 -0.0297 -0.0845 0.0757  50 CYS AAA C   
418 C C   B CYS A 50 ? 0.2392 0.3781 0.3928 -0.0300 -0.0860 0.0769  50 CYS AAA C   
419 O O   A CYS A 50 ? 0.2293 0.3424 0.3552 -0.0455 -0.0916 0.0701  50 CYS AAA O   
420 O O   B CYS A 50 ? 0.2411 0.3584 0.3735 -0.0478 -0.0976 0.0723  50 CYS AAA O   
421 C CB  A CYS A 50 ? 0.2483 0.3429 0.3509 -0.0052 -0.0751 0.0648  50 CYS AAA CB  
422 C CB  B CYS A 50 ? 0.2441 0.3469 0.3569 -0.0008 -0.0683 0.0663  50 CYS AAA CB  
423 S SG  A CYS A 50 ? 0.2749 0.3565 0.3656 0.0128  -0.0774 0.0679  50 CYS AAA SG  
424 S SG  B CYS A 50 ? 0.2691 0.3393 0.3476 0.0101  -0.0731 0.0636  50 CYS AAA SG  
425 N N   . VAL A 51 ? 0.2131 0.3833 0.4016 -0.0211 -0.0674 0.0827  51 VAL AAA N   
426 C CA  . VAL A 51 ? 0.2078 0.3926 0.4136 -0.0315 -0.0557 0.0860  51 VAL AAA CA  
427 C C   . VAL A 51 ? 0.2003 0.4123 0.4394 -0.0529 -0.0750 0.0986  51 VAL AAA C   
428 O O   . VAL A 51 ? 0.2079 0.4029 0.4332 -0.0739 -0.0809 0.0965  51 VAL AAA O   
429 C CB  . VAL A 51 ? 0.1995 0.4058 0.4257 -0.0131 -0.0284 0.0900  51 VAL AAA CB  
430 C CG1 . VAL A 51 ? 0.2277 0.4482 0.4691 -0.0234 -0.0140 0.0949  51 VAL AAA CG1 
431 C CG2 . VAL A 51 ? 0.2090 0.3815 0.3976 0.0023  -0.0151 0.0763  51 VAL AAA CG2 
432 N N   . HIS A 52 ? 0.2033 0.4573 0.4864 -0.0493 -0.0865 0.1120  52 HIS AAA N   
433 C CA  A HIS A 52 ? 0.2169 0.5058 0.5404 -0.0746 -0.1092 0.1270  52 HIS AAA CA  
434 C CA  B HIS A 52 ? 0.2061 0.4952 0.5307 -0.0740 -0.1102 0.1262  52 HIS AAA CA  
435 C C   . HIS A 52 ? 0.2303 0.4750 0.5097 -0.0982 -0.1378 0.1172  52 HIS AAA C   
436 O O   . HIS A 52 ? 0.2451 0.4906 0.5333 -0.1262 -0.1481 0.1222  52 HIS AAA O   
437 C CB  A HIS A 52 ? 0.2351 0.5791 0.6148 -0.0633 -0.1204 0.1436  52 HIS AAA CB  
438 C CB  B HIS A 52 ? 0.2106 0.5483 0.5831 -0.0628 -0.1247 0.1422  52 HIS AAA CB  
439 C CG  A HIS A 52 ? 0.2371 0.6290 0.6659 -0.0414 -0.0897 0.1551  52 HIS AAA CG  
440 C CG  B HIS A 52 ? 0.2283 0.6040 0.6428 -0.0895 -0.1567 0.1565  52 HIS AAA CG  
441 N ND1 A HIS A 52 ? 0.2396 0.6709 0.7085 -0.0163 -0.0878 0.1676  52 HIS AAA ND1 
442 N ND1 B HIS A 52 ? 0.2546 0.6040 0.6394 -0.1053 -0.1949 0.1530  52 HIS AAA ND1 
443 C CD2 A HIS A 52 ? 0.2373 0.6356 0.6732 -0.0372 -0.0569 0.1557  52 HIS AAA CD2 
444 C CD2 B HIS A 52 ? 0.2198 0.6548 0.7004 -0.1057 -0.1581 0.1754  52 HIS AAA CD2 
445 C CE1 A HIS A 52 ? 0.2372 0.6988 0.7370 0.0032  -0.0544 0.1757  52 HIS AAA CE1 
446 C CE1 B HIS A 52 ? 0.2721 0.6634 0.7035 -0.1320 -0.2216 0.1677  52 HIS AAA CE1 
447 N NE2 A HIS A 52 ? 0.2299 0.6710 0.7092 -0.0108 -0.0353 0.1679  52 HIS AAA NE2 
448 N NE2 B HIS A 52 ? 0.2522 0.6992 0.7466 -0.1325 -0.1986 0.1829  52 HIS AAA NE2 
449 N N   . ASP A 53 ? 0.2354 0.4359 0.4637 -0.0886 -0.1467 0.1054  53 ASP AAA N   
450 C CA  . ASP A 53 ? 0.2848 0.4347 0.4595 -0.1071 -0.1701 0.0956  53 ASP AAA CA  
451 C C   . ASP A 53 ? 0.2823 0.3898 0.4199 -0.1158 -0.1564 0.0843  53 ASP AAA C   
452 O O   . ASP A 53 ? 0.3282 0.4113 0.4476 -0.1403 -0.1749 0.0838  53 ASP AAA O   
453 C CB  . ASP A 53 ? 0.3111 0.4234 0.4386 -0.0922 -0.1780 0.0868  53 ASP AAA CB  
454 C CG  . ASP A 53 ? 0.3317 0.4707 0.4795 -0.0885 -0.2028 0.0977  53 ASP AAA CG  
455 O OD1 . ASP A 53 ? 0.3301 0.5169 0.5310 -0.1008 -0.2207 0.1125  53 ASP AAA OD1 
456 O OD2 . ASP A 53 ? 0.3868 0.4978 0.4984 -0.0729 -0.2036 0.0933  53 ASP AAA OD2 
457 N N   . PHE A 54 ? 0.2466 0.3455 0.3718 -0.0979 -0.1282 0.0766  54 PHE AAA N   
458 C CA  . PHE A 54 ? 0.2708 0.3376 0.3675 -0.1022 -0.1139 0.0687  54 PHE AAA CA  
459 C C   . PHE A 54 ? 0.2771 0.3614 0.4034 -0.1244 -0.1163 0.0794  54 PHE AAA C   
460 O O   . PHE A 54 ? 0.3026 0.3453 0.3952 -0.1421 -0.1253 0.0758  54 PHE AAA O   
461 C CB  . PHE A 54 ? 0.2496 0.3205 0.3449 -0.0801 -0.0861 0.0630  54 PHE AAA CB  
462 C CG  . PHE A 54 ? 0.2551 0.2982 0.3257 -0.0825 -0.0733 0.0582  54 PHE AAA CG  
463 C CD1 . PHE A 54 ? 0.2856 0.2837 0.3077 -0.0787 -0.0752 0.0469  54 PHE AAA CD1 
464 C CD2 . PHE A 54 ? 0.2689 0.3308 0.3603 -0.0864 -0.0598 0.0656  54 PHE AAA CD2 
465 C CE1 . PHE A 54 ? 0.3007 0.2741 0.3002 -0.0776 -0.0651 0.0442  54 PHE AAA CE1 
466 C CE2 . PHE A 54 ? 0.2951 0.3275 0.3595 -0.0865 -0.0499 0.0623  54 PHE AAA CE2 
467 C CZ  . PHE A 54 ? 0.3060 0.2950 0.3260 -0.0817 -0.0541 0.0515  54 PHE AAA CZ  
468 N N   . ASN A 55 ? 0.2784 0.4175 0.4611 -0.1238 -0.1073 0.0927  55 ASN AAA N   
469 C CA  . ASN A 55 ? 0.3064 0.4710 0.5256 -0.1458 -0.1043 0.1068  55 ASN AAA CA  
470 C C   . ASN A 55 ? 0.3521 0.5093 0.5745 -0.1785 -0.1366 0.1117  55 ASN AAA C   
471 O O   . ASN A 55 ? 0.3802 0.5190 0.5967 -0.2029 -0.1385 0.1162  55 ASN AAA O   
472 C CB  . ASN A 55 ? 0.2946 0.5252 0.5782 -0.1346 -0.0865 0.1227  55 ASN AAA CB  
473 C CG  . ASN A 55 ? 0.3040 0.5345 0.5785 -0.1071 -0.0542 0.1171  55 ASN AAA CG  
474 O OD1 . ASN A 55 ? 0.3434 0.5303 0.5713 -0.1017 -0.0443 0.1052  55 ASN AAA OD1 
475 N ND2 . ASN A 55 ? 0.3050 0.5791 0.6199 -0.0892 -0.0385 0.1264  55 ASN AAA ND2 
476 N N   . ARG A 56 ? 0.3514 0.5196 0.5809 -0.1817 -0.1632 0.1139  56 ARG AAA N   
477 C CA  . ARG A 56 ? 0.3944 0.5524 0.6213 -0.2143 -0.2007 0.1177  56 ARG AAA CA  
478 C C   . ARG A 56 ? 0.4301 0.5026 0.5754 -0.2256 -0.2103 0.1011  56 ARG AAA C   
479 O O   . ARG A 56 ? 0.4715 0.5200 0.6065 -0.2577 -0.2268 0.1037  56 ARG AAA O   
480 C CB  . ARG A 56 ? 0.4035 0.5879 0.6486 -0.2096 -0.2274 0.1230  56 ARG AAA CB  
481 C CG  . ARG A 56 ? 0.4501 0.6277 0.6923 -0.2449 -0.2722 0.1282  56 ARG AAA CG  
482 C CD  . ARG A 56 ? 0.4705 0.6616 0.7120 -0.2337 -0.2990 0.1307  56 ARG AAA CD  
483 N NE  . ARG A 56 ? 0.4826 0.6066 0.6438 -0.2132 -0.2977 0.1117  56 ARG AAA NE  
484 C CZ  . ARG A 56 ? 0.4665 0.5942 0.6213 -0.1784 -0.2750 0.1075  56 ARG AAA CZ  
485 N N   . ARG A 57 ? 0.4184 0.4465 0.5091 -0.2000 -0.1981 0.0853  57 ARG AAA N   
486 C CA  . ARG A 57 ? 0.4649 0.4121 0.4750 -0.2021 -0.2025 0.0695  57 ARG AAA CA  
487 C C   . ARG A 57 ? 0.4864 0.4041 0.4815 -0.2102 -0.1856 0.0678  57 ARG AAA C   
488 O O   . ARG A 57 ? 0.5331 0.3824 0.4665 -0.2200 -0.1943 0.0590  57 ARG AAA O   
489 C CB  . ARG A 57 ? 0.4557 0.3780 0.4263 -0.1706 -0.1885 0.0557  57 ARG AAA CB  
490 C CG  . ARG A 57 ? 0.4724 0.3932 0.4284 -0.1664 -0.2092 0.0548  57 ARG AAA CG  
491 C CD  . ARG A 57 ? 0.4775 0.3623 0.3842 -0.1400 -0.1940 0.0422  57 ARG AAA CD  
492 N NE  . ARG A 57 ? 0.4502 0.3652 0.3816 -0.1148 -0.1625 0.0418  57 ARG AAA NE  
493 C CZ  . ARG A 57 ? 0.4153 0.3634 0.3713 -0.0985 -0.1557 0.0452  57 ARG AAA CZ  
494 N NH1 . ARG A 57 ? 0.4183 0.3776 0.3811 -0.1005 -0.1765 0.0518  57 ARG AAA NH1 
495 N NH2 . ARG A 57 ? 0.3623 0.3284 0.3353 -0.0803 -0.1296 0.0435  57 ARG AAA NH2 
496 N N   . GLN A 58 ? 0.4499 0.4118 0.4913 -0.2033 -0.1610 0.0772  58 GLN AAA N   
497 C CA  . GLN A 58 ? 0.4993 0.4374 0.5293 -0.2107 -0.1438 0.0803  58 GLN AAA CA  
498 C C   . GLN A 58 ? 0.5548 0.4717 0.5834 -0.2515 -0.1659 0.0882  58 GLN AAA C   
499 O O   . GLN A 58 ? 0.6195 0.4860 0.6105 -0.2613 -0.1598 0.0869  58 GLN AAA O   
500 C CB  . GLN A 58 ? 0.4625 0.4558 0.5447 -0.2011 -0.1164 0.0920  58 GLN AAA CB  
501 C CG  . GLN A 58 ? 0.4481 0.4535 0.5264 -0.1652 -0.0923 0.0849  58 GLN AAA CG  
502 C CD  . GLN A 58 ? 0.4557 0.5123 0.5800 -0.1575 -0.0682 0.0963  58 GLN AAA CD  
503 O OE1 . GLN A 58 ? 0.4811 0.5288 0.5892 -0.1393 -0.0468 0.0930  58 GLN AAA OE1 
504 N NE2 . GLN A 58 ? 0.4492 0.5563 0.6296 -0.1727 -0.0710 0.1119  58 GLN AAA NE2 
505 N N   . THR A 59 ? 0.5583 0.5121 0.6266 -0.2748 -0.1925 0.0981  59 THR AAA N   
506 C CA  . THR A 59 ? 0.6081 0.5591 0.6937 -0.3201 -0.2167 0.1092  59 THR AAA CA  
507 C C   . THR A 59 ? 0.6674 0.5537 0.6919 -0.3420 -0.2549 0.0976  59 THR AAA C   
508 O O   . THR A 59 ? 0.6766 0.5651 0.7173 -0.3825 -0.2828 0.1067  59 THR AAA O   
509 C CB  . THR A 59 ? 0.5839 0.6301 0.7630 -0.3353 -0.2252 0.1302  59 THR AAA CB  
510 O OG1 . THR A 59 ? 0.5856 0.6585 0.7780 -0.3267 -0.2494 0.1283  59 THR AAA OG1 
511 C CG2 . THR A 59 ? 0.5261 0.6348 0.7621 -0.3126 -0.1866 0.1422  59 THR AAA CG2 
512 N N   . GLU A 60 ? 0.6713 0.5013 0.6275 -0.3173 -0.2554 0.0793  60 GLU AAA N   
513 C CA  . GLU A 60 ? 0.7614 0.5275 0.6511 -0.3287 -0.2882 0.0666  60 GLU AAA CA  
514 C C   . GLU A 60 ? 0.8075 0.4789 0.6046 -0.3087 -0.2728 0.0485  60 GLU AAA C   
515 O O   . GLU A 60 ? 0.7474 0.4251 0.5485 -0.2801 -0.2388 0.0461  60 GLU AAA O   
516 C CB  . GLU A 60 ? 0.7548 0.5623 0.6629 -0.3117 -0.3004 0.0663  60 GLU AAA CB  
517 C CG  . GLU A 60 ? 0.7471 0.6486 0.7492 -0.3269 -0.3161 0.0859  60 GLU AAA CG  
518 C CD  . GLU A 60 ? 0.7731 0.6984 0.7816 -0.3205 -0.3436 0.0878  60 GLU AAA CD  
519 O OE1 . GLU A 60 ? 0.8048 0.7704 0.8548 -0.3488 -0.3783 0.1009  60 GLU AAA OE1 
520 O OE2 . GLU A 60 ? 0.7971 0.7019 0.7670 -0.2872 -0.3308 0.0768  60 GLU AAA OE2 
521 N N   . LYS A 61 ? 0.8747 0.4632 0.5911 -0.3202 -0.2959 0.0349  61 LYS AAA N   
522 C CA  . LYS A 61 ? 0.9456 0.4374 0.5701 -0.3003 -0.2794 0.0187  61 LYS AAA CA  
523 C C   . LYS A 61 ? 0.9849 0.4368 0.5472 -0.2716 -0.2781 0.0029  61 LYS AAA C   
524 O O   . LYS A 61 ? 1.0302 0.4686 0.5682 -0.2876 -0.3094 -0.0001 61 LYS AAA O   
525 C CB  . LYS A 61 ? 1.0415 0.4468 0.6057 -0.3365 -0.3019 0.0143  61 LYS AAA CB  
526 C CG  . LYS A 61 ? 1.0397 0.4456 0.6308 -0.3573 -0.2902 0.0257  61 LYS AAA CG  
527 C CD  . LYS A 61 ? 1.1515 0.4453 0.6572 -0.3829 -0.3047 0.0178  61 LYS AAA CD  
528 C CE  . LYS A 61 ? 1.1991 0.4005 0.6084 -0.3441 -0.2846 -0.0007 61 LYS AAA CE  
529 N NZ  . LYS A 61 ? 1.3187 0.4069 0.6455 -0.3599 -0.2890 -0.0075 61 LYS AAA NZ  
530 N N   . GLN A 62 ? 0.9766 0.4068 0.5086 -0.2312 -0.2439 -0.0056 62 GLN AAA N   
531 C CA  . GLN A 62 ? 1.0175 0.4086 0.4889 -0.2004 -0.2338 -0.0189 62 GLN AAA CA  
532 N N   . ALA B 1  ? 0.2712 0.2082 0.1766 0.0116  0.0382  0.0251  1  ALA QQQ N   
533 C CA  . ALA B 1  ? 0.2558 0.2040 0.1832 0.0081  0.0344  0.0182  1  ALA QQQ CA  
534 C C   . ALA B 1  ? 0.2686 0.2225 0.1979 0.0123  0.0238  0.0102  1  ALA QQQ C   
535 O O   . ALA B 1  ? 0.2785 0.2269 0.1956 0.0237  0.0198  0.0080  1  ALA QQQ O   
536 C CB  . ALA B 1  ? 0.2835 0.2244 0.2071 0.0072  0.0337  0.0177  1  ALA QQQ CB  
537 N N   . ARG B 2  ? 0.2673 0.2256 0.2060 0.0005  0.0177  0.0093  2  ARG QQQ N   
538 C CA  . ARG B 2  ? 0.3078 0.2628 0.2364 -0.0096 0.0006  0.0064  2  ARG QQQ CA  
539 C C   . ARG B 2  ? 0.3088 0.3128 0.2633 -0.0274 -0.0052 0.0105  2  ARG QQQ C   
540 O O   . ARG B 2  ? 0.3308 0.3550 0.2842 -0.0393 -0.0206 0.0116  2  ARG QQQ O   
541 C CB  . ARG B 2  ? 0.3618 0.2681 0.2561 -0.0155 -0.0109 0.0051  2  ARG QQQ CB  
542 N N   . THR B 3  ? 0.2982 0.3298 0.2731 -0.0294 0.0057  0.0143  3  THR QQQ N   
543 C CA  . THR B 3  ? 0.2739 0.3719 0.2721 -0.0400 0.0058  0.0216  3  THR QQQ CA  
544 C C   . THR B 3  ? 0.2691 0.3840 0.2719 -0.0129 0.0201  0.0197  3  THR QQQ C   
545 O O   . THR B 3  ? 0.2503 0.3134 0.2373 -0.0010 0.0266  0.0155  3  THR QQQ O   
546 C CB  . THR B 3  ? 0.2827 0.3810 0.2823 -0.0781 -0.0014 0.0317  3  THR QQQ CB  
547 O OG1 . THR B 3  ? 0.2735 0.3414 0.2701 -0.0705 0.0108  0.0299  3  THR QQQ OG1 
548 C CG2 . THR B 3  ? 0.3302 0.3687 0.2961 -0.1030 -0.0219 0.0321  3  THR QQQ CG2 
549 N N   . LYS B 4  ? 0.2712 0.4567 0.2881 -0.0039 0.0229  0.0255  4  LYS QQQ N   
550 C CA  . LYS B 4  ? 0.2979 0.4922 0.3028 0.0305  0.0333  0.0236  4  LYS QQQ CA  
551 C C   . LYS B 4  ? 0.2844 0.4867 0.3009 0.0089  0.0401  0.0306  4  LYS QQQ C   
552 O O   . LYS B 4  ? 0.3504 0.5655 0.3571 0.0344  0.0469  0.0299  4  LYS QQQ O   
553 C CB  . LYS B 4  ? 0.3310 0.6083 0.3347 0.0675  0.0324  0.0244  4  LYS QQQ CB  
554 C CG  . LYS B 4  ? 0.3456 0.6235 0.3369 0.0879  0.0233  0.0177  4  LYS QQQ CG  
555 N N   . GLN B 5  ? 0.2950 0.4776 0.3224 -0.0316 0.0354  0.0371  5  GLN QQQ N   
556 C CA  . GLN B 5  ? 0.3116 0.4941 0.3423 -0.0538 0.0398  0.0451  5  GLN QQQ CA  
557 C C   . GLN B 5  ? 0.2940 0.4072 0.3078 -0.0408 0.0456  0.0355  5  GLN QQQ C   
558 O O   . GLN B 5  ? 0.3027 0.3625 0.3058 -0.0499 0.0407  0.0312  5  GLN QQQ O   
559 C CB  . GLN B 5  ? 0.3600 0.5329 0.3861 -0.1016 0.0255  0.0563  5  GLN QQQ CB  
560 C CG  . GLN B 5  ? 0.3806 0.6467 0.4277 -0.1300 0.0175  0.0733  5  GLN QQQ CG  
561 C CD  . GLN B 5  ? 0.4047 0.6411 0.4352 -0.1719 -0.0062 0.0780  5  GLN QQQ CD  
562 N N   . THR B 6  ? 0.2543 0.3704 0.2602 -0.0172 0.0528  0.0333  6  THR QQQ N   
563 C CA  . THR B 6  ? 0.2384 0.2945 0.2261 -0.0106 0.0535  0.0268  6  THR QQQ CA  
564 C C   . THR B 6  ? 0.2153 0.2788 0.1999 -0.0106 0.0588  0.0309  6  THR QQQ C   
565 O O   . THR B 6  ? 0.2239 0.3436 0.2155 -0.0062 0.0646  0.0389  6  THR QQQ O   
566 C CB  . THR B 6  ? 0.2716 0.2904 0.2300 0.0141  0.0492  0.0189  6  THR QQQ CB  
567 O OG1 . THR B 6  ? 0.3260 0.3553 0.2596 0.0471  0.0502  0.0174  6  THR QQQ OG1 
568 C CG2 . THR B 6  ? 0.2931 0.3012 0.2467 0.0171  0.0449  0.0163  6  THR QQQ CG2 
569 N N   . ALA B 7  ? 0.2108 0.2299 0.1853 -0.0149 0.0571  0.0263  7  ALA QQQ N   
570 C CA  . ALA B 7  ? 0.2202 0.2330 0.1868 -0.0131 0.0603  0.0283  7  ALA QQQ CA  
571 C C   . ALA B 7  ? 0.2321 0.2020 0.1819 -0.0087 0.0526  0.0220  7  ALA QQQ C   
572 O O   . ALA B 7  ? 0.2298 0.1844 0.1808 -0.0169 0.0470  0.0203  7  ALA QQQ O   
573 C CB  . ALA B 7  ? 0.2253 0.2349 0.1969 -0.0359 0.0600  0.0341  7  ALA QQQ CB  
574 N N   . ARG B 8  ? 0.2450 0.2023 0.1757 0.0032  0.0514  0.0200  8  ARG QQQ N   
575 C CA  . ARG B 8  ? 0.2704 0.1890 0.1826 -0.0016 0.0393  0.0168  8  ARG QQQ CA  
576 C C   . ARG B 8  ? 0.2475 0.1773 0.1792 -0.0158 0.0403  0.0185  8  ARG QQQ C   
577 O O   . ARG B 8  ? 0.2284 0.1692 0.1645 -0.0137 0.0475  0.0201  8  ARG QQQ O   
578 C CB  . ARG B 8  ? 0.3338 0.2265 0.2096 0.0202  0.0345  0.0130  8  ARG QQQ CB  
579 C CG  . ARG B 8  ? 0.3979 0.2445 0.2447 0.0098  0.0157  0.0104  8  ARG QQQ CG  
580 C CD  . ARG B 8  ? 0.4896 0.2905 0.2818 0.0375  0.0056  0.0046  8  ARG QQQ CD  
581 N NE  . ARG B 8  ? 0.5970 0.3712 0.3408 0.0756  0.0037  -0.0001 8  ARG QQQ NE  
582 C CZ  . ARG B 8  ? 0.6165 0.3827 0.3498 0.0824  0.0017  -0.0006 8  ARG QQQ CZ  
583 N N   . M3L B 9  ? 0.2564 0.1909 0.1937 -0.0296 0.0318  0.0201  9  M3L QQQ N   
584 C CA  . M3L B 9  ? 0.2456 0.2073 0.1960 -0.0318 0.0322  0.0222  9  M3L QQQ CA  
585 C CB  . M3L B 9  ? 0.2333 0.2307 0.2010 -0.0380 0.0330  0.0275  9  M3L QQQ CB  
586 C CG  . M3L B 9  ? 0.2430 0.2831 0.2159 -0.0235 0.0338  0.0288  9  M3L QQQ CG  
587 C CD  . M3L B 9  ? 0.2577 0.3344 0.2359 -0.0098 0.0388  0.0310  9  M3L QQQ CD  
588 C CE  . M3L B 9  ? 0.2412 0.3682 0.2386 -0.0331 0.0360  0.0443  9  M3L QQQ CE  
589 N NZ  . M3L B 9  ? 0.1990 0.3715 0.2016 -0.0188 0.0434  0.0505  9  M3L QQQ NZ  
590 C C   . M3L B 9  ? 0.2685 0.2297 0.2088 -0.0367 0.0200  0.0231  9  M3L QQQ C   
591 O O   . M3L B 9  ? 0.3084 0.2511 0.2324 -0.0541 0.0056  0.0249  9  M3L QQQ O   
592 C CM1 . M3L B 9  ? 0.2117 0.4341 0.2032 0.0227  0.0466  0.0483  9  M3L QQQ CM1 
593 C CM2 . M3L B 9  ? 0.2124 0.4352 0.2304 -0.0554 0.0390  0.0691  9  M3L QQQ CM2 
594 C CM3 . M3L B 9  ? 0.2060 0.3219 0.1951 -0.0121 0.0482  0.0424  9  M3L QQQ CM3 
595 N N   . SER B 10 ? 0.2554 0.2301 0.1955 -0.0230 0.0224  0.0200  10 SER QQQ N   
596 C CA  . SER B 10 ? 0.2911 0.2740 0.2229 -0.0244 0.0108  0.0203  10 SER QQQ CA  
597 C C   . SER B 10 ? 0.3282 0.3811 0.2827 -0.0370 0.0023  0.0293  10 SER QQQ C   
598 O O   . SER B 10 ? 0.3694 0.4659 0.3357 -0.0195 0.0117  0.0306  10 SER QQQ O   
599 C CB  . SER B 10 ? 0.2875 0.2548 0.2037 -0.0002 0.0160  0.0142  10 SER QQQ CB  
600 O OG  . SER B 10 ? 0.2687 0.1929 0.1673 0.0032  0.0227  0.0123  10 SER QQQ OG  
601 N N   . THR B 11 ? 0.3879 0.4532 0.3388 -0.0675 -0.0160 0.0372  11 THR QQQ N   
602 C CA  . THR B 11 ? 0.3820 0.5377 0.3574 -0.0925 -0.0261 0.0530  11 THR QQQ CA  
603 C C   . THR B 11 ? 0.3891 0.6056 0.3733 -0.0667 -0.0277 0.0506  11 THR QQQ C   
604 O O   . THR B 11 ? 0.3748 0.5365 0.3367 -0.0440 -0.0278 0.0370  11 THR QQQ O   
605 C CB  . THR B 11 ? 0.4275 0.5535 0.3820 -0.1471 -0.0513 0.0651  11 THR QQQ CB  
606 O OG1 . THR B 11 ? 0.4987 0.5597 0.4176 -0.1505 -0.0704 0.0571  11 THR QQQ OG1 
607 C CG2 . THR B 11 ? 0.4546 0.5136 0.3898 -0.1564 -0.0481 0.0647  11 THR QQQ CG2 
608 N N   . GLY B 12 ? 0.4058 0.7374 0.4179 -0.0634 -0.0280 0.0631  12 GLY QQQ N   
# 
